data_2KOO
#
_entry.id   2KOO
#
loop_
_entity.id
_entity.type
_entity.pdbx_description
1 polymer 'Acyl carrier protein'
2 non-polymer 'S-[2-({N-[(2S)-2-hydroxy-3,3-dimethyl-4-(phosphonooxy)butanoyl]-beta-alanyl}amino)ethyl] hexanethioate'
#
_entity_poly.entity_id   1
_entity_poly.type   'polypeptide(L)'
_entity_poly.pdbx_seq_one_letter_code
;AATQEEIVAGLAEIVNEIAGIPVEDVKLDKSFTDDLDVDSLSMVEVVVAAEERFDVKIPDDDVKNLKTVGDATKYILDHQ
A
;
_entity_poly.pdbx_strand_id   A
#
# COMPACT_ATOMS: atom_id res chain seq x y z
N ALA A 1 6.05 -13.97 -3.49
CA ALA A 1 5.39 -13.77 -2.20
C ALA A 1 6.22 -12.84 -1.33
N ALA A 2 5.74 -11.63 -1.18
CA ALA A 2 6.36 -10.64 -0.33
C ALA A 2 5.96 -10.90 1.13
N THR A 3 6.42 -10.07 2.03
CA THR A 3 6.17 -10.23 3.43
C THR A 3 5.64 -8.91 3.97
N GLN A 4 5.56 -8.76 5.29
CA GLN A 4 5.01 -7.55 5.88
C GLN A 4 5.78 -6.32 5.44
N GLU A 5 7.07 -6.32 5.67
CA GLU A 5 7.88 -5.16 5.34
C GLU A 5 8.10 -5.02 3.84
N GLU A 6 8.02 -6.14 3.12
CA GLU A 6 8.19 -6.08 1.67
C GLU A 6 6.99 -5.43 1.01
N ILE A 7 5.79 -5.80 1.46
CA ILE A 7 4.58 -5.15 0.98
C ILE A 7 4.63 -3.68 1.36
N VAL A 8 4.93 -3.44 2.63
CA VAL A 8 5.02 -2.07 3.16
C VAL A 8 5.96 -1.21 2.33
N ALA A 9 7.22 -1.63 2.22
CA ALA A 9 8.23 -0.88 1.48
C ALA A 9 7.84 -0.72 0.00
N GLY A 10 7.14 -1.71 -0.52
CA GLY A 10 6.72 -1.70 -1.89
C GLY A 10 5.66 -0.68 -2.11
N LEU A 11 4.68 -0.65 -1.24
CA LEU A 11 3.63 0.35 -1.29
C LEU A 11 4.24 1.70 -1.04
N ALA A 12 5.07 1.77 -0.01
CA ALA A 12 5.72 2.97 0.41
C ALA A 12 6.51 3.62 -0.69
N GLU A 13 7.34 2.86 -1.40
CA GLU A 13 8.15 3.44 -2.47
C GLU A 13 7.30 4.09 -3.53
N ILE A 14 6.19 3.47 -3.82
CA ILE A 14 5.24 4.00 -4.80
C ILE A 14 4.62 5.29 -4.24
N VAL A 15 4.18 5.22 -2.99
CA VAL A 15 3.67 6.34 -2.24
C VAL A 15 4.68 7.47 -2.22
N ASN A 16 5.95 7.17 -1.95
CA ASN A 16 7.04 8.16 -1.94
C ASN A 16 7.07 8.93 -3.27
N GLU A 17 6.86 8.20 -4.34
CA GLU A 17 6.88 8.74 -5.68
C GLU A 17 5.66 9.63 -5.97
N ILE A 18 4.46 9.15 -5.68
CA ILE A 18 3.28 9.93 -6.09
C ILE A 18 2.80 10.83 -4.95
N ALA A 19 2.50 10.22 -3.81
CA ALA A 19 1.90 10.95 -2.70
C ALA A 19 2.92 11.73 -1.93
N GLY A 20 4.06 11.14 -1.78
CA GLY A 20 5.11 11.78 -1.09
C GLY A 20 5.28 11.30 0.33
N ILE A 21 4.58 10.22 0.76
CA ILE A 21 4.81 9.75 2.09
C ILE A 21 6.06 8.90 2.09
N PRO A 22 7.07 9.27 2.88
CA PRO A 22 8.36 8.56 2.92
C PRO A 22 8.22 7.13 3.48
N VAL A 23 9.22 6.29 3.20
CA VAL A 23 9.19 4.87 3.59
C VAL A 23 9.27 4.68 5.10
N GLU A 24 9.83 5.66 5.77
CA GLU A 24 9.92 5.65 7.20
C GLU A 24 8.56 5.98 7.81
N ASP A 25 7.79 6.77 7.11
CA ASP A 25 6.50 7.20 7.61
C ASP A 25 5.47 6.09 7.40
N VAL A 26 5.50 5.47 6.20
CA VAL A 26 4.64 4.32 5.89
C VAL A 26 4.97 3.12 6.78
N LYS A 27 4.21 2.96 7.83
CA LYS A 27 4.26 1.79 8.65
C LYS A 27 2.87 1.21 8.71
N LEU A 28 2.72 0.00 9.19
CA LEU A 28 1.46 -0.73 9.03
C LEU A 28 0.30 -0.12 9.83
N ASP A 29 0.65 0.68 10.79
CA ASP A 29 -0.29 1.29 11.71
C ASP A 29 -0.76 2.59 11.13
N LYS A 30 -0.34 2.86 9.93
CA LYS A 30 -0.55 4.11 9.34
C LYS A 30 -1.59 4.03 8.30
N SER A 31 -2.60 4.74 8.54
CA SER A 31 -3.61 4.93 7.58
C SER A 31 -3.05 5.88 6.54
N PHE A 32 -2.74 5.37 5.36
CA PHE A 32 -2.19 6.18 4.26
C PHE A 32 -2.84 7.54 4.10
N THR A 33 -4.14 7.58 4.00
CA THR A 33 -4.82 8.83 3.73
C THR A 33 -5.33 9.52 5.03
N ASP A 34 -4.68 9.23 6.16
CA ASP A 34 -5.11 9.79 7.44
C ASP A 34 -3.93 10.04 8.37
N ASP A 35 -3.06 9.07 8.48
CA ASP A 35 -1.86 9.15 9.34
C ASP A 35 -0.78 9.82 8.57
N LEU A 36 -0.53 9.25 7.41
CA LEU A 36 0.52 9.65 6.55
C LEU A 36 0.22 11.01 5.95
N ASP A 37 -0.60 11.02 4.91
CA ASP A 37 -1.06 12.28 4.22
C ASP A 37 -1.66 11.95 2.86
N VAL A 38 -1.21 10.80 2.30
CA VAL A 38 -1.58 10.28 0.96
C VAL A 38 -3.00 10.70 0.55
N ASP A 39 -3.07 11.39 -0.58
CA ASP A 39 -4.27 12.05 -1.07
C ASP A 39 -5.32 11.10 -1.57
N SER A 40 -5.00 9.80 -1.52
CA SER A 40 -5.83 8.66 -1.96
C SER A 40 -5.88 8.53 -3.49
N LEU A 41 -5.43 9.53 -4.17
CA LEU A 41 -5.47 9.58 -5.61
C LEU A 41 -4.24 8.95 -6.14
N SER A 42 -3.19 9.09 -5.38
CA SER A 42 -1.96 8.44 -5.63
C SER A 42 -2.15 6.96 -5.45
N MET A 43 -3.08 6.62 -4.57
CA MET A 43 -3.34 5.25 -4.20
C MET A 43 -3.78 4.47 -5.40
N VAL A 44 -4.47 5.13 -6.30
CA VAL A 44 -4.96 4.52 -7.51
C VAL A 44 -3.78 3.95 -8.32
N GLU A 45 -2.73 4.74 -8.42
CA GLU A 45 -1.55 4.38 -9.15
C GLU A 45 -0.66 3.47 -8.31
N VAL A 46 -0.83 3.57 -6.98
CA VAL A 46 -0.10 2.69 -6.06
C VAL A 46 -0.66 1.28 -6.22
N VAL A 47 -1.94 1.21 -6.51
CA VAL A 47 -2.67 -0.02 -6.76
C VAL A 47 -2.08 -0.75 -7.95
N VAL A 48 -2.14 -0.16 -9.13
CA VAL A 48 -1.65 -0.82 -10.34
C VAL A 48 -0.15 -1.14 -10.24
N ALA A 49 0.54 -0.39 -9.41
CA ALA A 49 1.95 -0.64 -9.20
C ALA A 49 2.14 -1.82 -8.23
N ALA A 50 1.33 -1.85 -7.18
CA ALA A 50 1.37 -2.89 -6.18
C ALA A 50 0.85 -4.20 -6.73
N GLU A 51 -0.19 -4.12 -7.52
CA GLU A 51 -0.79 -5.29 -8.13
C GLU A 51 0.18 -5.96 -9.05
N GLU A 52 0.97 -5.14 -9.70
CA GLU A 52 1.89 -5.63 -10.69
C GLU A 52 3.11 -6.25 -10.03
N ARG A 53 3.49 -5.71 -8.88
CA ARG A 53 4.65 -6.21 -8.17
C ARG A 53 4.31 -7.36 -7.22
N PHE A 54 3.11 -7.34 -6.67
CA PHE A 54 2.73 -8.34 -5.71
C PHE A 54 1.95 -9.47 -6.35
N ASP A 55 1.36 -9.19 -7.53
CA ASP A 55 0.52 -10.17 -8.31
C ASP A 55 -0.74 -10.55 -7.50
N VAL A 56 -0.94 -9.81 -6.44
CA VAL A 56 -2.05 -10.04 -5.54
C VAL A 56 -3.31 -9.45 -6.11
N LYS A 57 -3.15 -8.29 -6.70
CA LYS A 57 -4.23 -7.55 -7.36
C LYS A 57 -5.26 -7.04 -6.33
N ILE A 58 -5.12 -5.80 -5.91
CA ILE A 58 -6.06 -5.20 -5.00
C ILE A 58 -6.52 -3.97 -5.67
N PRO A 59 -7.68 -4.01 -6.28
CA PRO A 59 -8.25 -2.83 -6.94
C PRO A 59 -8.46 -1.75 -5.89
N ASP A 60 -8.38 -0.46 -6.29
CA ASP A 60 -8.60 0.67 -5.34
C ASP A 60 -9.94 0.51 -4.60
N ASP A 61 -10.84 -0.23 -5.23
CA ASP A 61 -12.14 -0.54 -4.66
C ASP A 61 -12.00 -1.37 -3.40
N ASP A 62 -11.13 -2.33 -3.43
CA ASP A 62 -10.97 -3.29 -2.32
C ASP A 62 -9.99 -2.67 -1.34
N VAL A 63 -9.18 -1.80 -1.89
CA VAL A 63 -8.24 -0.92 -1.19
C VAL A 63 -8.96 -0.08 -0.14
N LYS A 64 -10.28 0.13 -0.32
CA LYS A 64 -11.03 0.93 0.63
C LYS A 64 -11.16 0.21 1.95
N ASN A 65 -11.05 -1.09 1.88
CA ASN A 65 -11.22 -1.98 3.01
C ASN A 65 -9.89 -2.14 3.67
N LEU A 66 -8.89 -1.53 3.07
CA LEU A 66 -7.54 -1.64 3.52
C LEU A 66 -7.02 -0.30 3.88
N LYS A 67 -7.89 0.51 4.44
CA LYS A 67 -7.63 1.88 4.96
C LYS A 67 -6.36 2.09 5.86
N THR A 68 -5.50 1.12 5.95
CA THR A 68 -4.24 1.24 6.61
C THR A 68 -3.21 0.43 5.89
N VAL A 69 -1.94 0.79 6.06
CA VAL A 69 -0.86 0.05 5.44
C VAL A 69 -0.93 -1.41 5.84
N GLY A 70 -1.10 -1.64 7.11
CA GLY A 70 -1.14 -2.96 7.66
C GLY A 70 -2.34 -3.73 7.23
N ASP A 71 -3.41 -3.05 6.91
CA ASP A 71 -4.61 -3.75 6.50
C ASP A 71 -4.37 -4.24 5.10
N ALA A 72 -3.80 -3.34 4.29
CA ALA A 72 -3.40 -3.63 2.93
C ALA A 72 -2.43 -4.77 2.95
N THR A 73 -1.38 -4.63 3.74
CA THR A 73 -0.34 -5.62 3.90
C THR A 73 -0.94 -6.98 4.31
N LYS A 74 -1.95 -6.96 5.17
CA LYS A 74 -2.62 -8.15 5.66
C LYS A 74 -3.23 -8.89 4.49
N TYR A 75 -3.94 -8.14 3.68
CA TYR A 75 -4.63 -8.65 2.54
C TYR A 75 -3.64 -9.10 1.49
N ILE A 76 -2.70 -8.23 1.20
CA ILE A 76 -1.73 -8.45 0.19
C ILE A 76 -0.83 -9.64 0.51
N LEU A 77 -0.50 -9.82 1.77
CA LEU A 77 0.39 -10.90 2.19
C LEU A 77 -0.37 -12.22 2.13
N ASP A 78 -1.60 -12.20 2.62
CA ASP A 78 -2.45 -13.40 2.65
C ASP A 78 -2.77 -13.88 1.23
N HIS A 79 -2.84 -12.94 0.32
CA HIS A 79 -3.20 -13.20 -1.07
C HIS A 79 -1.96 -13.24 -2.00
N GLN A 80 -0.77 -13.17 -1.40
CA GLN A 80 0.52 -13.15 -2.16
C GLN A 80 0.67 -14.29 -3.16
N ALA A 81 1.43 -14.03 -4.18
CA ALA A 81 1.78 -15.01 -5.16
C ALA A 81 3.26 -14.86 -5.45
N ALA A 1 4.41 -12.38 -4.95
CA ALA A 1 5.14 -12.73 -3.73
C ALA A 1 5.75 -11.51 -3.09
N ALA A 2 5.60 -11.43 -1.79
CA ALA A 2 6.11 -10.36 -0.95
C ALA A 2 5.85 -10.75 0.46
N THR A 3 6.34 -9.99 1.39
CA THR A 3 6.17 -10.30 2.76
C THR A 3 5.68 -9.05 3.45
N GLN A 4 5.57 -9.03 4.77
CA GLN A 4 5.01 -7.88 5.48
C GLN A 4 5.77 -6.60 5.17
N GLU A 5 7.07 -6.61 5.40
CA GLU A 5 7.85 -5.42 5.20
C GLU A 5 8.08 -5.13 3.72
N GLU A 6 8.00 -6.16 2.89
CA GLU A 6 8.15 -5.98 1.46
C GLU A 6 6.94 -5.32 0.85
N ILE A 7 5.74 -5.75 1.28
CA ILE A 7 4.51 -5.10 0.88
C ILE A 7 4.55 -3.66 1.30
N VAL A 8 4.80 -3.46 2.57
CA VAL A 8 4.84 -2.12 3.16
C VAL A 8 5.80 -1.21 2.39
N ALA A 9 7.06 -1.62 2.25
CA ALA A 9 8.06 -0.81 1.55
C ALA A 9 7.72 -0.65 0.08
N GLY A 10 7.05 -1.64 -0.48
CA GLY A 10 6.67 -1.63 -1.86
C GLY A 10 5.60 -0.62 -2.10
N LEU A 11 4.60 -0.62 -1.26
CA LEU A 11 3.55 0.37 -1.31
C LEU A 11 4.17 1.72 -1.06
N ALA A 12 4.99 1.78 -0.03
CA ALA A 12 5.65 2.98 0.41
C ALA A 12 6.41 3.65 -0.69
N GLU A 13 7.26 2.91 -1.40
CA GLU A 13 8.06 3.50 -2.47
C GLU A 13 7.19 4.12 -3.55
N ILE A 14 6.06 3.52 -3.80
CA ILE A 14 5.12 4.05 -4.77
C ILE A 14 4.47 5.33 -4.19
N VAL A 15 4.03 5.25 -2.94
CA VAL A 15 3.51 6.38 -2.18
C VAL A 15 4.54 7.51 -2.17
N ASN A 16 5.82 7.16 -2.04
CA ASN A 16 6.95 8.13 -2.13
C ASN A 16 6.86 8.89 -3.44
N GLU A 17 6.73 8.13 -4.50
CA GLU A 17 6.71 8.65 -5.86
C GLU A 17 5.51 9.54 -6.15
N ILE A 18 4.31 9.12 -5.77
CA ILE A 18 3.14 9.92 -6.15
C ILE A 18 2.71 10.84 -5.00
N ALA A 19 2.45 10.27 -3.83
CA ALA A 19 1.96 11.07 -2.69
C ALA A 19 3.06 11.90 -2.04
N GLY A 20 4.12 11.25 -1.66
CA GLY A 20 5.19 11.91 -0.99
C GLY A 20 5.35 11.44 0.44
N ILE A 21 4.86 10.24 0.76
CA ILE A 21 5.07 9.69 2.09
C ILE A 21 6.26 8.78 2.05
N PRO A 22 7.33 9.10 2.82
CA PRO A 22 8.57 8.32 2.85
C PRO A 22 8.36 6.85 3.25
N VAL A 23 9.32 6.01 2.89
CA VAL A 23 9.24 4.58 3.14
C VAL A 23 9.37 4.23 4.62
N GLU A 24 9.84 5.18 5.38
CA GLU A 24 10.01 4.97 6.80
C GLU A 24 8.84 5.56 7.56
N ASP A 25 7.98 6.25 6.84
CA ASP A 25 6.80 6.84 7.44
C ASP A 25 5.66 5.84 7.28
N VAL A 26 5.59 5.22 6.10
CA VAL A 26 4.63 4.15 5.81
C VAL A 26 4.90 2.94 6.71
N LYS A 27 4.18 2.89 7.79
CA LYS A 27 4.21 1.78 8.68
C LYS A 27 2.82 1.18 8.66
N LEU A 28 2.67 -0.06 9.07
CA LEU A 28 1.38 -0.76 8.90
C LEU A 28 0.31 -0.22 9.88
N ASP A 29 0.79 0.56 10.80
CA ASP A 29 0.03 1.19 11.86
C ASP A 29 -0.57 2.47 11.33
N LYS A 30 -0.17 2.83 10.13
CA LYS A 30 -0.49 4.09 9.61
C LYS A 30 -1.59 4.00 8.62
N SER A 31 -2.59 4.69 8.92
CA SER A 31 -3.67 4.94 8.02
C SER A 31 -3.15 5.94 6.99
N PHE A 32 -2.80 5.47 5.79
CA PHE A 32 -2.28 6.35 4.70
C PHE A 32 -2.96 7.73 4.64
N THR A 33 -4.25 7.73 4.37
CA THR A 33 -5.01 8.96 4.32
C THR A 33 -5.48 9.40 5.74
N ASP A 34 -4.50 9.71 6.61
CA ASP A 34 -4.77 10.16 8.00
C ASP A 34 -3.44 10.33 8.72
N ASP A 35 -2.76 9.23 8.85
CA ASP A 35 -1.52 9.11 9.60
C ASP A 35 -0.36 9.56 8.79
N LEU A 36 -0.42 9.25 7.54
CA LEU A 36 0.64 9.61 6.67
C LEU A 36 0.35 10.93 6.02
N ASP A 37 -0.31 10.86 4.87
CA ASP A 37 -0.75 12.03 4.04
C ASP A 37 -0.80 11.59 2.59
N VAL A 38 -1.63 10.64 2.29
CA VAL A 38 -1.77 10.25 0.93
C VAL A 38 -2.90 11.06 0.34
N ASP A 39 -2.84 11.32 -0.93
CA ASP A 39 -3.84 12.14 -1.61
C ASP A 39 -5.05 11.29 -1.89
N SER A 40 -4.87 9.96 -1.66
CA SER A 40 -5.81 8.87 -1.92
C SER A 40 -5.88 8.56 -3.42
N LEU A 41 -5.57 9.53 -4.19
CA LEU A 41 -5.70 9.50 -5.62
C LEU A 41 -4.45 8.91 -6.19
N SER A 42 -3.40 8.99 -5.40
CA SER A 42 -2.17 8.40 -5.69
C SER A 42 -2.32 6.93 -5.50
N MET A 43 -3.28 6.55 -4.65
CA MET A 43 -3.45 5.19 -4.26
C MET A 43 -3.87 4.34 -5.44
N VAL A 44 -4.65 4.89 -6.36
CA VAL A 44 -5.02 4.15 -7.58
C VAL A 44 -3.77 3.71 -8.33
N GLU A 45 -2.84 4.63 -8.48
CA GLU A 45 -1.62 4.34 -9.16
C GLU A 45 -0.73 3.46 -8.30
N VAL A 46 -0.83 3.62 -6.96
CA VAL A 46 -0.11 2.76 -6.02
C VAL A 46 -0.62 1.33 -6.18
N VAL A 47 -1.91 1.20 -6.42
CA VAL A 47 -2.59 -0.07 -6.65
C VAL A 47 -2.04 -0.73 -7.87
N VAL A 48 -2.20 -0.11 -9.02
CA VAL A 48 -1.75 -0.68 -10.28
C VAL A 48 -0.25 -1.01 -10.23
N ALA A 49 0.49 -0.23 -9.48
CA ALA A 49 1.91 -0.44 -9.33
C ALA A 49 2.16 -1.64 -8.39
N ALA A 50 1.39 -1.69 -7.32
CA ALA A 50 1.49 -2.73 -6.31
C ALA A 50 1.02 -4.07 -6.85
N GLU A 51 0.00 -4.06 -7.66
CA GLU A 51 -0.52 -5.27 -8.24
C GLU A 51 0.51 -5.88 -9.13
N GLU A 52 1.24 -5.03 -9.81
CA GLU A 52 2.26 -5.46 -10.75
C GLU A 52 3.41 -6.14 -10.03
N ARG A 53 3.76 -5.60 -8.92
CA ARG A 53 4.89 -6.05 -8.16
C ARG A 53 4.56 -7.18 -7.17
N PHE A 54 3.33 -7.21 -6.70
CA PHE A 54 2.96 -8.15 -5.68
C PHE A 54 2.26 -9.34 -6.27
N ASP A 55 1.65 -9.14 -7.45
CA ASP A 55 0.91 -10.19 -8.20
C ASP A 55 -0.28 -10.68 -7.42
N VAL A 56 -0.67 -9.91 -6.43
CA VAL A 56 -1.77 -10.28 -5.58
C VAL A 56 -3.06 -9.74 -6.13
N LYS A 57 -3.01 -8.48 -6.52
CA LYS A 57 -4.14 -7.72 -6.98
C LYS A 57 -5.11 -7.30 -5.91
N ILE A 58 -5.10 -6.01 -5.68
CA ILE A 58 -6.00 -5.35 -4.81
C ILE A 58 -6.49 -4.23 -5.62
N PRO A 59 -7.68 -4.29 -6.16
CA PRO A 59 -8.21 -3.16 -6.87
C PRO A 59 -8.36 -2.01 -5.90
N ASP A 60 -8.27 -0.77 -6.36
CA ASP A 60 -8.48 0.40 -5.49
C ASP A 60 -9.85 0.32 -4.79
N ASP A 61 -10.74 -0.44 -5.38
CA ASP A 61 -12.07 -0.71 -4.83
C ASP A 61 -11.98 -1.63 -3.59
N ASP A 62 -10.98 -2.47 -3.53
CA ASP A 62 -10.81 -3.38 -2.37
C ASP A 62 -10.01 -2.63 -1.34
N VAL A 63 -9.13 -1.80 -1.89
CA VAL A 63 -8.28 -0.85 -1.18
C VAL A 63 -9.07 0.01 -0.20
N LYS A 64 -10.38 0.14 -0.44
CA LYS A 64 -11.23 0.93 0.43
C LYS A 64 -11.30 0.33 1.83
N ASN A 65 -11.09 -0.96 1.91
CA ASN A 65 -11.18 -1.67 3.16
C ASN A 65 -9.87 -1.52 3.85
N LEU A 66 -8.87 -1.37 3.02
CA LEU A 66 -7.49 -1.38 3.45
C LEU A 66 -7.02 0.01 3.74
N LYS A 67 -7.89 0.77 4.36
CA LYS A 67 -7.66 2.13 4.89
C LYS A 67 -6.30 2.36 5.65
N THR A 68 -5.55 1.31 5.91
CA THR A 68 -4.26 1.47 6.49
C THR A 68 -3.24 0.68 5.71
N VAL A 69 -1.98 0.91 6.01
CA VAL A 69 -0.94 0.15 5.37
C VAL A 69 -1.06 -1.31 5.77
N GLY A 70 -1.34 -1.53 7.04
CA GLY A 70 -1.40 -2.85 7.61
C GLY A 70 -2.60 -3.59 7.17
N ASP A 71 -3.65 -2.86 6.89
CA ASP A 71 -4.88 -3.46 6.42
C ASP A 71 -4.60 -4.01 5.05
N ALA A 72 -3.99 -3.18 4.21
CA ALA A 72 -3.62 -3.54 2.86
C ALA A 72 -2.66 -4.69 2.89
N THR A 73 -1.62 -4.55 3.69
CA THR A 73 -0.58 -5.57 3.85
C THR A 73 -1.19 -6.92 4.28
N LYS A 74 -2.25 -6.86 5.08
CA LYS A 74 -2.91 -8.05 5.60
C LYS A 74 -3.48 -8.86 4.44
N TYR A 75 -4.21 -8.14 3.58
CA TYR A 75 -4.84 -8.70 2.42
C TYR A 75 -3.78 -9.13 1.41
N ILE A 76 -2.88 -8.21 1.14
CA ILE A 76 -1.83 -8.40 0.17
C ILE A 76 -0.97 -9.62 0.49
N LEU A 77 -0.55 -9.76 1.74
CA LEU A 77 0.33 -10.85 2.13
C LEU A 77 -0.43 -12.18 2.08
N ASP A 78 -1.64 -12.17 2.59
CA ASP A 78 -2.47 -13.37 2.66
C ASP A 78 -2.82 -13.90 1.27
N HIS A 79 -3.01 -12.99 0.38
CA HIS A 79 -3.43 -13.30 -0.97
C HIS A 79 -2.25 -13.39 -1.94
N GLN A 80 -1.02 -13.32 -1.40
CA GLN A 80 0.20 -13.37 -2.19
C GLN A 80 0.27 -14.51 -3.19
N ALA A 81 0.72 -14.17 -4.35
CA ALA A 81 0.92 -15.11 -5.39
C ALA A 81 2.40 -15.41 -5.45
N ALA A 1 6.85 -13.71 -3.46
CA ALA A 1 5.98 -13.42 -2.34
C ALA A 1 6.66 -12.44 -1.42
N ALA A 2 5.98 -11.37 -1.13
CA ALA A 2 6.49 -10.35 -0.24
C ALA A 2 6.20 -10.72 1.20
N THR A 3 6.73 -9.95 2.13
CA THR A 3 6.48 -10.17 3.52
C THR A 3 5.83 -8.92 4.02
N GLN A 4 5.66 -8.76 5.33
CA GLN A 4 5.07 -7.54 5.85
C GLN A 4 5.98 -6.37 5.46
N GLU A 5 7.24 -6.53 5.74
CA GLU A 5 8.29 -5.54 5.46
C GLU A 5 8.29 -5.16 3.97
N GLU A 6 8.24 -6.17 3.11
CA GLU A 6 8.30 -5.99 1.66
C GLU A 6 7.07 -5.31 1.11
N ILE A 7 5.88 -5.77 1.54
CA ILE A 7 4.65 -5.13 1.12
C ILE A 7 4.69 -3.67 1.51
N VAL A 8 4.99 -3.43 2.77
CA VAL A 8 5.02 -2.08 3.31
C VAL A 8 6.01 -1.18 2.55
N ALA A 9 7.24 -1.64 2.42
CA ALA A 9 8.27 -0.85 1.75
C ALA A 9 8.00 -0.72 0.25
N GLY A 10 7.25 -1.68 -0.29
CA GLY A 10 6.90 -1.69 -1.67
C GLY A 10 5.80 -0.72 -1.95
N LEU A 11 4.80 -0.71 -1.10
CA LEU A 11 3.72 0.26 -1.19
C LEU A 11 4.32 1.62 -1.00
N ALA A 12 5.14 1.75 0.03
CA ALA A 12 5.77 2.98 0.38
C ALA A 12 6.53 3.59 -0.76
N GLU A 13 7.40 2.80 -1.41
CA GLU A 13 8.21 3.33 -2.52
C GLU A 13 7.35 3.92 -3.62
N ILE A 14 6.16 3.38 -3.78
CA ILE A 14 5.21 3.89 -4.74
C ILE A 14 4.59 5.21 -4.18
N VAL A 15 4.04 5.12 -2.96
CA VAL A 15 3.43 6.26 -2.23
C VAL A 15 4.41 7.44 -2.17
N ASN A 16 5.70 7.14 -1.99
CA ASN A 16 6.82 8.12 -1.98
C ASN A 16 6.74 9.04 -3.18
N GLU A 17 6.55 8.46 -4.33
CA GLU A 17 6.64 9.18 -5.56
C GLU A 17 5.39 9.96 -5.90
N ILE A 18 4.23 9.44 -5.57
CA ILE A 18 3.02 10.14 -5.98
C ILE A 18 2.48 11.01 -4.83
N ALA A 19 2.23 10.39 -3.66
CA ALA A 19 1.70 11.15 -2.52
C ALA A 19 2.80 11.93 -1.83
N GLY A 20 3.93 11.31 -1.71
CA GLY A 20 5.04 11.96 -1.08
C GLY A 20 5.33 11.39 0.28
N ILE A 21 4.63 10.33 0.67
CA ILE A 21 4.84 9.73 1.98
C ILE A 21 6.10 8.89 1.94
N PRO A 22 7.13 9.25 2.71
CA PRO A 22 8.42 8.55 2.74
C PRO A 22 8.32 7.10 3.20
N VAL A 23 9.37 6.32 2.92
CA VAL A 23 9.38 4.90 3.27
C VAL A 23 9.51 4.70 4.77
N GLU A 24 10.01 5.71 5.46
CA GLU A 24 10.13 5.70 6.89
C GLU A 24 8.79 6.06 7.53
N ASP A 25 7.91 6.66 6.77
CA ASP A 25 6.65 7.11 7.32
C ASP A 25 5.62 5.98 7.24
N VAL A 26 5.50 5.36 6.04
CA VAL A 26 4.62 4.21 5.80
C VAL A 26 4.99 3.03 6.72
N LYS A 27 4.21 2.85 7.75
CA LYS A 27 4.36 1.75 8.69
C LYS A 27 3.02 1.01 8.79
N LEU A 28 3.06 -0.20 9.30
CA LEU A 28 1.95 -1.12 9.38
C LEU A 28 0.71 -0.57 10.10
N ASP A 29 0.88 0.39 10.92
CA ASP A 29 -0.21 0.84 11.71
C ASP A 29 -0.56 2.26 11.34
N LYS A 30 -0.16 2.66 10.15
CA LYS A 30 -0.39 3.98 9.72
C LYS A 30 -1.48 3.94 8.70
N SER A 31 -2.45 4.69 8.94
CA SER A 31 -3.53 4.86 8.03
C SER A 31 -3.10 5.86 6.95
N PHE A 32 -2.90 5.38 5.75
CA PHE A 32 -2.48 6.22 4.59
C PHE A 32 -3.08 7.65 4.52
N THR A 33 -4.36 7.79 4.26
CA THR A 33 -4.99 9.14 4.18
C THR A 33 -5.51 9.59 5.57
N ASP A 34 -4.67 9.42 6.58
CA ASP A 34 -5.08 9.73 7.95
C ASP A 34 -3.84 10.05 8.79
N ASP A 35 -2.89 9.16 8.75
CA ASP A 35 -1.67 9.24 9.52
C ASP A 35 -0.56 9.82 8.70
N LEU A 36 -0.34 9.17 7.58
CA LEU A 36 0.71 9.49 6.68
C LEU A 36 0.42 10.79 6.00
N ASP A 37 -0.45 10.70 4.99
CA ASP A 37 -1.02 11.80 4.16
C ASP A 37 -1.00 11.39 2.69
N VAL A 38 -1.81 10.42 2.35
CA VAL A 38 -1.91 10.06 0.97
C VAL A 38 -3.06 10.86 0.40
N ASP A 39 -2.91 11.36 -0.80
CA ASP A 39 -3.91 12.21 -1.44
C ASP A 39 -5.01 11.37 -2.05
N SER A 40 -4.90 10.08 -1.81
CA SER A 40 -5.80 9.03 -2.27
C SER A 40 -5.79 8.79 -3.79
N LEU A 41 -5.39 9.77 -4.58
CA LEU A 41 -5.46 9.66 -6.03
C LEU A 41 -4.23 8.94 -6.49
N SER A 42 -3.21 9.04 -5.65
CA SER A 42 -2.01 8.34 -5.83
C SER A 42 -2.26 6.89 -5.63
N MET A 43 -3.23 6.60 -4.77
CA MET A 43 -3.53 5.25 -4.39
C MET A 43 -3.91 4.41 -5.57
N VAL A 44 -4.55 5.01 -6.55
CA VAL A 44 -4.91 4.29 -7.77
C VAL A 44 -3.64 3.77 -8.46
N GLU A 45 -2.65 4.64 -8.57
CA GLU A 45 -1.40 4.29 -9.20
C GLU A 45 -0.62 3.36 -8.29
N VAL A 46 -0.75 3.56 -6.97
CA VAL A 46 -0.09 2.71 -5.98
C VAL A 46 -0.63 1.29 -6.11
N VAL A 47 -1.92 1.22 -6.32
CA VAL A 47 -2.68 0.01 -6.54
C VAL A 47 -2.18 -0.70 -7.76
N VAL A 48 -2.25 -0.06 -8.91
CA VAL A 48 -1.84 -0.69 -10.17
C VAL A 48 -0.37 -1.13 -10.14
N ALA A 49 0.40 -0.50 -9.30
CA ALA A 49 1.78 -0.86 -9.13
C ALA A 49 1.89 -2.05 -8.18
N ALA A 50 1.16 -1.96 -7.08
CA ALA A 50 1.12 -3.01 -6.07
C ALA A 50 0.53 -4.29 -6.67
N GLU A 51 -0.50 -4.13 -7.49
CA GLU A 51 -1.17 -5.24 -8.16
C GLU A 51 -0.19 -6.04 -8.93
N GLU A 52 0.71 -5.33 -9.56
CA GLU A 52 1.62 -5.94 -10.48
C GLU A 52 2.78 -6.56 -9.74
N ARG A 53 3.31 -5.85 -8.77
CA ARG A 53 4.51 -6.29 -8.11
C ARG A 53 4.23 -7.44 -7.16
N PHE A 54 3.10 -7.38 -6.50
CA PHE A 54 2.72 -8.40 -5.58
C PHE A 54 1.97 -9.50 -6.32
N ASP A 55 1.52 -9.14 -7.53
CA ASP A 55 0.77 -10.01 -8.48
C ASP A 55 -0.54 -10.52 -7.84
N VAL A 56 -0.93 -9.87 -6.79
CA VAL A 56 -2.08 -10.29 -6.03
C VAL A 56 -3.30 -9.51 -6.47
N LYS A 57 -3.06 -8.26 -6.86
CA LYS A 57 -4.09 -7.34 -7.30
C LYS A 57 -5.05 -6.91 -6.18
N ILE A 58 -4.94 -5.66 -5.79
CA ILE A 58 -5.83 -5.06 -4.83
C ILE A 58 -6.34 -3.86 -5.52
N PRO A 59 -7.48 -3.94 -6.20
CA PRO A 59 -8.02 -2.83 -6.98
C PRO A 59 -8.37 -1.67 -6.06
N ASP A 60 -8.31 -0.44 -6.55
CA ASP A 60 -8.61 0.75 -5.72
C ASP A 60 -10.02 0.67 -5.09
N ASP A 61 -10.90 -0.07 -5.73
CA ASP A 61 -12.24 -0.30 -5.23
C ASP A 61 -12.23 -1.23 -4.03
N ASP A 62 -11.31 -2.13 -3.99
CA ASP A 62 -11.19 -3.05 -2.85
C ASP A 62 -10.28 -2.46 -1.79
N VAL A 63 -9.28 -1.73 -2.26
CA VAL A 63 -8.23 -1.13 -1.44
C VAL A 63 -8.81 -0.22 -0.36
N LYS A 64 -9.99 0.34 -0.64
CA LYS A 64 -10.74 1.16 0.32
C LYS A 64 -10.93 0.46 1.65
N ASN A 65 -11.06 -0.84 1.58
CA ASN A 65 -11.33 -1.67 2.73
C ASN A 65 -10.10 -1.83 3.59
N LEU A 66 -8.98 -1.37 3.10
CA LEU A 66 -7.73 -1.49 3.80
C LEU A 66 -7.48 -0.28 4.63
N LYS A 67 -7.42 0.78 3.94
CA LYS A 67 -7.12 2.19 4.37
C LYS A 67 -5.79 2.40 5.13
N THR A 68 -5.34 1.41 5.83
CA THR A 68 -4.07 1.51 6.50
C THR A 68 -3.05 0.76 5.71
N VAL A 69 -1.82 0.86 6.13
CA VAL A 69 -0.78 0.11 5.49
C VAL A 69 -0.91 -1.36 5.86
N GLY A 70 -0.99 -1.63 7.14
CA GLY A 70 -1.06 -2.99 7.60
C GLY A 70 -2.28 -3.74 7.19
N ASP A 71 -3.37 -3.06 6.91
CA ASP A 71 -4.58 -3.76 6.45
C ASP A 71 -4.32 -4.25 5.05
N ALA A 72 -3.66 -3.40 4.28
CA ALA A 72 -3.26 -3.71 2.93
C ALA A 72 -2.30 -4.84 3.00
N THR A 73 -1.31 -4.68 3.82
CA THR A 73 -0.28 -5.66 4.04
C THR A 73 -0.89 -7.01 4.48
N LYS A 74 -1.99 -6.95 5.20
CA LYS A 74 -2.66 -8.12 5.70
C LYS A 74 -3.24 -8.87 4.53
N TYR A 75 -3.97 -8.16 3.72
CA TYR A 75 -4.64 -8.68 2.56
C TYR A 75 -3.62 -9.18 1.53
N ILE A 76 -2.64 -8.36 1.29
CA ILE A 76 -1.61 -8.63 0.32
C ILE A 76 -0.75 -9.83 0.75
N LEU A 77 -0.32 -9.86 2.01
CA LEU A 77 0.55 -10.93 2.51
C LEU A 77 -0.22 -12.25 2.53
N ASP A 78 -1.44 -12.20 3.01
CA ASP A 78 -2.31 -13.36 3.11
C ASP A 78 -2.56 -13.99 1.75
N HIS A 79 -2.65 -13.15 0.76
CA HIS A 79 -2.95 -13.57 -0.59
C HIS A 79 -1.71 -13.72 -1.47
N GLN A 80 -0.51 -13.55 -0.89
CA GLN A 80 0.78 -13.61 -1.62
C GLN A 80 0.87 -14.78 -2.60
N ALA A 81 1.07 -14.43 -3.85
CA ALA A 81 1.15 -15.38 -4.93
C ALA A 81 2.52 -15.27 -5.56
N ALA A 1 6.70 -14.98 -1.52
CA ALA A 1 5.70 -14.14 -0.90
C ALA A 1 6.34 -12.82 -0.51
N ALA A 2 5.67 -12.09 0.33
CA ALA A 2 6.16 -10.84 0.85
C ALA A 2 5.77 -10.83 2.30
N THR A 3 6.39 -9.99 3.09
CA THR A 3 6.10 -9.96 4.50
C THR A 3 5.48 -8.63 4.81
N GLN A 4 5.52 -8.23 6.05
CA GLN A 4 5.07 -6.93 6.41
C GLN A 4 6.09 -5.96 5.87
N GLU A 5 7.36 -6.26 6.12
CA GLU A 5 8.46 -5.41 5.65
C GLU A 5 8.43 -5.23 4.14
N GLU A 6 8.22 -6.32 3.43
CA GLU A 6 8.22 -6.29 1.97
C GLU A 6 7.03 -5.54 1.39
N ILE A 7 5.81 -5.92 1.78
CA ILE A 7 4.62 -5.22 1.28
C ILE A 7 4.70 -3.73 1.62
N VAL A 8 5.03 -3.45 2.86
CA VAL A 8 5.11 -2.06 3.32
C VAL A 8 6.11 -1.25 2.50
N ALA A 9 7.32 -1.76 2.33
CA ALA A 9 8.36 -1.04 1.57
C ALA A 9 7.93 -0.83 0.12
N GLY A 10 7.20 -1.79 -0.42
CA GLY A 10 6.76 -1.75 -1.77
C GLY A 10 5.69 -0.72 -1.95
N LEU A 11 4.74 -0.72 -1.05
CA LEU A 11 3.67 0.27 -1.08
C LEU A 11 4.26 1.64 -0.85
N ALA A 12 5.14 1.73 0.14
CA ALA A 12 5.76 2.96 0.52
C ALA A 12 6.49 3.61 -0.61
N GLU A 13 7.35 2.86 -1.32
CA GLU A 13 8.13 3.44 -2.42
C GLU A 13 7.23 4.07 -3.47
N ILE A 14 6.11 3.42 -3.73
CA ILE A 14 5.14 3.93 -4.68
C ILE A 14 4.55 5.25 -4.12
N VAL A 15 4.09 5.17 -2.88
CA VAL A 15 3.58 6.32 -2.12
C VAL A 15 4.57 7.47 -2.13
N ASN A 16 5.85 7.16 -1.91
CA ASN A 16 6.96 8.16 -1.92
C ASN A 16 6.90 9.00 -3.18
N GLU A 17 6.72 8.30 -4.28
CA GLU A 17 6.77 8.89 -5.58
C GLU A 17 5.54 9.75 -5.88
N ILE A 18 4.34 9.24 -5.60
CA ILE A 18 3.16 10.01 -6.01
C ILE A 18 2.69 10.92 -4.88
N ALA A 19 2.42 10.34 -3.71
CA ALA A 19 1.90 11.11 -2.59
C ALA A 19 3.00 11.87 -1.91
N GLY A 20 4.03 11.17 -1.57
CA GLY A 20 5.14 11.79 -0.93
C GLY A 20 5.47 11.20 0.41
N ILE A 21 4.75 10.15 0.89
CA ILE A 21 5.11 9.62 2.19
C ILE A 21 6.32 8.74 2.08
N PRO A 22 7.42 9.07 2.81
CA PRO A 22 8.68 8.33 2.77
C PRO A 22 8.52 6.89 3.27
N VAL A 23 9.48 6.05 2.93
CA VAL A 23 9.42 4.63 3.25
C VAL A 23 9.57 4.39 4.74
N GLU A 24 10.08 5.38 5.44
CA GLU A 24 10.31 5.29 6.83
C GLU A 24 9.11 5.89 7.59
N ASP A 25 8.13 6.40 6.87
CA ASP A 25 6.97 6.97 7.52
C ASP A 25 5.78 6.04 7.35
N VAL A 26 5.69 5.41 6.17
CA VAL A 26 4.71 4.36 5.91
C VAL A 26 4.97 3.18 6.83
N LYS A 27 4.31 3.18 7.93
CA LYS A 27 4.34 2.09 8.86
C LYS A 27 2.98 1.47 8.83
N LEU A 28 2.86 0.23 9.19
CA LEU A 28 1.58 -0.48 9.02
C LEU A 28 0.41 0.10 9.83
N ASP A 29 0.72 0.92 10.79
CA ASP A 29 -0.28 1.47 11.70
C ASP A 29 -0.73 2.80 11.18
N LYS A 30 -0.29 3.11 10.01
CA LYS A 30 -0.56 4.34 9.40
C LYS A 30 -1.60 4.18 8.37
N SER A 31 -2.65 4.86 8.56
CA SER A 31 -3.65 4.98 7.55
C SER A 31 -3.10 5.95 6.51
N PHE A 32 -2.70 5.44 5.36
CA PHE A 32 -2.20 6.25 4.24
C PHE A 32 -2.97 7.57 4.07
N THR A 33 -4.24 7.45 3.87
CA THR A 33 -5.10 8.53 3.66
C THR A 33 -5.72 8.99 5.01
N ASP A 34 -4.82 9.44 5.91
CA ASP A 34 -5.17 9.93 7.27
C ASP A 34 -3.89 10.24 8.07
N ASP A 35 -3.16 9.19 8.37
CA ASP A 35 -1.98 9.21 9.27
C ASP A 35 -0.79 9.76 8.57
N LEU A 36 -0.65 9.35 7.34
CA LEU A 36 0.47 9.72 6.56
C LEU A 36 0.27 11.07 5.91
N ASP A 37 -0.22 11.02 4.70
CA ASP A 37 -0.49 12.20 3.80
C ASP A 37 -0.49 11.72 2.39
N VAL A 38 -1.42 10.91 2.13
CA VAL A 38 -1.66 10.39 0.85
C VAL A 38 -3.06 10.84 0.52
N ASP A 39 -3.22 11.52 -0.60
CA ASP A 39 -4.47 12.21 -0.88
C ASP A 39 -5.42 11.29 -1.57
N SER A 40 -5.05 10.03 -1.60
CA SER A 40 -5.79 8.91 -2.20
C SER A 40 -5.80 8.93 -3.73
N LEU A 41 -5.27 9.98 -4.35
CA LEU A 41 -5.28 10.05 -5.81
C LEU A 41 -4.13 9.27 -6.33
N SER A 42 -3.17 9.12 -5.46
CA SER A 42 -2.03 8.38 -5.68
C SER A 42 -2.35 6.94 -5.50
N MET A 43 -3.41 6.67 -4.72
CA MET A 43 -3.75 5.34 -4.30
C MET A 43 -4.08 4.47 -5.48
N VAL A 44 -4.74 5.04 -6.46
CA VAL A 44 -5.05 4.31 -7.69
C VAL A 44 -3.76 3.82 -8.36
N GLU A 45 -2.79 4.70 -8.42
CA GLU A 45 -1.53 4.37 -9.03
C GLU A 45 -0.70 3.47 -8.10
N VAL A 46 -0.94 3.59 -6.78
CA VAL A 46 -0.24 2.75 -5.81
C VAL A 46 -0.78 1.33 -5.95
N VAL A 47 -2.08 1.25 -6.23
CA VAL A 47 -2.81 0.02 -6.46
C VAL A 47 -2.27 -0.66 -7.67
N VAL A 48 -2.40 -0.03 -8.83
CA VAL A 48 -1.97 -0.64 -10.08
C VAL A 48 -0.50 -1.06 -10.04
N ALA A 49 0.29 -0.34 -9.28
CA ALA A 49 1.70 -0.66 -9.14
C ALA A 49 1.86 -1.87 -8.19
N ALA A 50 1.16 -1.81 -7.06
CA ALA A 50 1.20 -2.88 -6.07
C ALA A 50 0.65 -4.17 -6.66
N GLU A 51 -0.39 -4.07 -7.45
CA GLU A 51 -0.99 -5.22 -8.06
C GLU A 51 -0.02 -5.89 -8.98
N GLU A 52 0.76 -5.09 -9.67
CA GLU A 52 1.70 -5.61 -10.65
C GLU A 52 2.95 -6.17 -10.01
N ARG A 53 3.38 -5.55 -8.93
CA ARG A 53 4.59 -5.98 -8.27
C ARG A 53 4.34 -7.17 -7.34
N PHE A 54 3.20 -7.17 -6.69
CA PHE A 54 2.86 -8.21 -5.77
C PHE A 54 2.15 -9.35 -6.44
N ASP A 55 1.58 -9.06 -7.62
CA ASP A 55 0.78 -10.03 -8.43
C ASP A 55 -0.49 -10.45 -7.68
N VAL A 56 -0.74 -9.76 -6.59
CA VAL A 56 -1.86 -10.00 -5.74
C VAL A 56 -3.10 -9.40 -6.33
N LYS A 57 -2.98 -8.14 -6.69
CA LYS A 57 -4.07 -7.35 -7.24
C LYS A 57 -5.13 -6.99 -6.21
N ILE A 58 -5.08 -5.75 -5.81
CA ILE A 58 -6.04 -5.18 -4.90
C ILE A 58 -6.54 -3.95 -5.56
N PRO A 59 -7.61 -4.02 -6.32
CA PRO A 59 -8.18 -2.85 -6.98
C PRO A 59 -8.54 -1.80 -5.96
N ASP A 60 -8.51 -0.53 -6.34
CA ASP A 60 -8.84 0.56 -5.42
C ASP A 60 -10.23 0.38 -4.76
N ASP A 61 -11.13 -0.30 -5.45
CA ASP A 61 -12.48 -0.63 -4.92
C ASP A 61 -12.38 -1.61 -3.74
N ASP A 62 -11.36 -2.43 -3.75
CA ASP A 62 -11.11 -3.42 -2.70
C ASP A 62 -10.26 -2.76 -1.63
N VAL A 63 -9.30 -1.98 -2.11
CA VAL A 63 -8.31 -1.26 -1.32
C VAL A 63 -8.93 -0.33 -0.28
N LYS A 64 -10.17 0.06 -0.51
CA LYS A 64 -10.92 0.88 0.43
C LYS A 64 -11.01 0.19 1.78
N ASN A 65 -11.05 -1.11 1.74
CA ASN A 65 -11.17 -1.96 2.91
C ASN A 65 -9.84 -2.03 3.62
N LEU A 66 -8.82 -1.47 2.99
CA LEU A 66 -7.46 -1.53 3.49
C LEU A 66 -6.93 -0.14 3.76
N LYS A 67 -7.77 0.71 4.26
CA LYS A 67 -7.40 2.09 4.69
C LYS A 67 -6.01 2.24 5.40
N THR A 68 -5.53 1.21 6.08
CA THR A 68 -4.21 1.31 6.65
C THR A 68 -3.18 0.54 5.87
N VAL A 69 -1.92 0.80 6.15
CA VAL A 69 -0.85 0.09 5.50
C VAL A 69 -0.91 -1.38 5.90
N GLY A 70 -1.06 -1.61 7.19
CA GLY A 70 -1.09 -2.93 7.73
C GLY A 70 -2.28 -3.72 7.28
N ASP A 71 -3.35 -3.02 6.94
CA ASP A 71 -4.53 -3.68 6.48
C ASP A 71 -4.26 -4.22 5.10
N ALA A 72 -3.63 -3.38 4.29
CA ALA A 72 -3.23 -3.75 2.95
C ALA A 72 -2.27 -4.90 3.03
N THR A 73 -1.28 -4.74 3.89
CA THR A 73 -0.24 -5.72 4.10
C THR A 73 -0.82 -7.08 4.58
N LYS A 74 -2.01 -7.05 5.15
CA LYS A 74 -2.68 -8.23 5.62
C LYS A 74 -3.21 -8.98 4.40
N TYR A 75 -4.01 -8.27 3.62
CA TYR A 75 -4.67 -8.77 2.45
C TYR A 75 -3.66 -9.20 1.38
N ILE A 76 -2.68 -8.36 1.16
CA ILE A 76 -1.67 -8.56 0.15
C ILE A 76 -0.78 -9.76 0.47
N LEU A 77 -0.47 -9.96 1.74
CA LEU A 77 0.41 -11.05 2.13
C LEU A 77 -0.34 -12.37 1.98
N ASP A 78 -1.61 -12.33 2.29
CA ASP A 78 -2.47 -13.52 2.23
C ASP A 78 -2.74 -13.94 0.79
N HIS A 79 -2.83 -12.95 -0.08
CA HIS A 79 -3.15 -13.15 -1.50
C HIS A 79 -1.92 -13.18 -2.41
N GLN A 80 -0.73 -13.17 -1.81
CA GLN A 80 0.56 -13.19 -2.54
C GLN A 80 0.65 -14.29 -3.63
N ALA A 81 1.55 -14.08 -4.57
CA ALA A 81 1.79 -15.01 -5.64
C ALA A 81 2.42 -16.27 -5.11
N ALA A 1 5.30 -13.96 -3.73
CA ALA A 1 5.30 -14.02 -2.28
C ALA A 1 6.03 -12.81 -1.73
N ALA A 2 5.75 -12.46 -0.50
CA ALA A 2 6.33 -11.28 0.12
C ALA A 2 6.31 -11.46 1.63
N THR A 3 6.57 -10.40 2.34
CA THR A 3 6.56 -10.40 3.78
C THR A 3 5.88 -9.11 4.19
N GLN A 4 5.91 -8.77 5.46
CA GLN A 4 5.38 -7.51 5.91
C GLN A 4 6.27 -6.42 5.34
N GLU A 5 7.58 -6.62 5.44
CA GLU A 5 8.56 -5.67 4.90
C GLU A 5 8.36 -5.43 3.42
N GLU A 6 8.26 -6.52 2.70
CA GLU A 6 8.17 -6.49 1.24
C GLU A 6 6.96 -5.73 0.73
N ILE A 7 5.79 -6.06 1.28
CA ILE A 7 4.58 -5.35 0.92
C ILE A 7 4.72 -3.88 1.28
N VAL A 8 5.02 -3.62 2.54
CA VAL A 8 5.09 -2.25 3.05
C VAL A 8 6.09 -1.40 2.25
N ALA A 9 7.29 -1.91 2.01
CA ALA A 9 8.32 -1.15 1.30
C ALA A 9 7.91 -0.89 -0.14
N GLY A 10 7.16 -1.82 -0.70
CA GLY A 10 6.71 -1.71 -2.05
C GLY A 10 5.64 -0.69 -2.17
N LEU A 11 4.72 -0.69 -1.23
CA LEU A 11 3.66 0.29 -1.22
C LEU A 11 4.28 1.64 -0.98
N ALA A 12 5.14 1.72 0.03
CA ALA A 12 5.78 2.94 0.44
C ALA A 12 6.49 3.60 -0.70
N GLU A 13 7.34 2.87 -1.42
CA GLU A 13 8.12 3.46 -2.52
C GLU A 13 7.22 4.13 -3.55
N ILE A 14 6.09 3.52 -3.79
CA ILE A 14 5.12 4.07 -4.72
C ILE A 14 4.47 5.34 -4.11
N VAL A 15 4.06 5.24 -2.85
CA VAL A 15 3.51 6.36 -2.08
C VAL A 15 4.51 7.52 -2.02
N ASN A 16 5.79 7.19 -1.89
CA ASN A 16 6.86 8.21 -1.88
C ASN A 16 6.78 9.04 -3.12
N GLU A 17 6.73 8.35 -4.23
CA GLU A 17 6.74 8.97 -5.53
C GLU A 17 5.53 9.83 -5.78
N ILE A 18 4.34 9.33 -5.52
CA ILE A 18 3.16 10.10 -5.87
C ILE A 18 2.72 10.99 -4.71
N ALA A 19 2.47 10.38 -3.54
CA ALA A 19 1.97 11.14 -2.38
C ALA A 19 3.06 11.95 -1.70
N GLY A 20 4.20 11.34 -1.54
CA GLY A 20 5.29 11.99 -0.87
C GLY A 20 5.43 11.54 0.56
N ILE A 21 4.84 10.40 0.91
CA ILE A 21 4.99 9.87 2.24
C ILE A 21 6.24 9.06 2.30
N PRO A 22 7.20 9.44 3.16
CA PRO A 22 8.53 8.78 3.28
C PRO A 22 8.47 7.26 3.48
N VAL A 23 9.57 6.59 3.11
CA VAL A 23 9.70 5.12 3.17
C VAL A 23 9.48 4.57 4.58
N GLU A 24 9.72 5.40 5.55
CA GLU A 24 9.65 5.00 6.91
C GLU A 24 8.48 5.63 7.63
N ASP A 25 7.73 6.47 6.95
CA ASP A 25 6.56 7.05 7.57
C ASP A 25 5.44 6.07 7.38
N VAL A 26 5.48 5.38 6.22
CA VAL A 26 4.60 4.28 5.90
C VAL A 26 4.87 3.10 6.85
N LYS A 27 4.26 3.16 7.97
CA LYS A 27 4.29 2.11 8.95
C LYS A 27 2.95 1.43 8.87
N LEU A 28 2.84 0.21 9.29
CA LEU A 28 1.64 -0.57 9.02
C LEU A 28 0.31 0.07 9.56
N ASP A 29 0.30 0.62 10.74
CA ASP A 29 -0.97 1.19 11.28
C ASP A 29 -1.15 2.65 10.83
N LYS A 30 -0.40 3.04 9.85
CA LYS A 30 -0.47 4.36 9.37
C LYS A 30 -1.47 4.38 8.26
N SER A 31 -2.67 4.68 8.61
CA SER A 31 -3.72 4.92 7.67
C SER A 31 -3.23 5.95 6.66
N PHE A 32 -2.90 5.49 5.46
CA PHE A 32 -2.40 6.37 4.38
C PHE A 32 -3.13 7.72 4.30
N THR A 33 -4.39 7.68 4.03
CA THR A 33 -5.28 8.82 3.93
C THR A 33 -5.70 9.35 5.35
N ASP A 34 -4.74 9.46 6.28
CA ASP A 34 -5.04 9.92 7.65
C ASP A 34 -3.78 10.17 8.46
N ASP A 35 -3.03 9.13 8.65
CA ASP A 35 -1.82 9.14 9.48
C ASP A 35 -0.66 9.64 8.73
N LEU A 36 -0.65 9.34 7.47
CA LEU A 36 0.43 9.72 6.62
C LEU A 36 0.15 11.04 5.96
N ASP A 37 -0.51 10.96 4.82
CA ASP A 37 -0.99 12.07 3.97
C ASP A 37 -0.88 11.67 2.51
N VAL A 38 -1.70 10.76 2.12
CA VAL A 38 -1.71 10.37 0.74
C VAL A 38 -2.74 11.24 0.03
N ASP A 39 -2.58 11.44 -1.27
CA ASP A 39 -3.50 12.29 -2.06
C ASP A 39 -4.78 11.58 -2.29
N SER A 40 -4.78 10.28 -1.93
CA SER A 40 -5.83 9.29 -2.21
C SER A 40 -5.90 8.97 -3.73
N LEU A 41 -5.47 9.91 -4.56
CA LEU A 41 -5.50 9.80 -6.00
C LEU A 41 -4.29 9.01 -6.41
N SER A 42 -3.30 9.03 -5.54
CA SER A 42 -2.10 8.33 -5.73
C SER A 42 -2.35 6.89 -5.50
N MET A 43 -3.39 6.58 -4.73
CA MET A 43 -3.64 5.24 -4.34
C MET A 43 -3.97 4.40 -5.53
N VAL A 44 -4.67 4.97 -6.46
CA VAL A 44 -5.06 4.27 -7.65
C VAL A 44 -3.83 3.89 -8.49
N GLU A 45 -2.78 4.68 -8.39
CA GLU A 45 -1.55 4.37 -9.09
C GLU A 45 -0.76 3.39 -8.23
N VAL A 46 -0.82 3.59 -6.90
CA VAL A 46 -0.11 2.74 -5.93
C VAL A 46 -0.64 1.31 -6.04
N VAL A 47 -1.93 1.21 -6.27
CA VAL A 47 -2.65 -0.03 -6.43
C VAL A 47 -2.13 -0.81 -7.61
N VAL A 48 -2.27 -0.28 -8.80
CA VAL A 48 -1.87 -1.00 -10.00
C VAL A 48 -0.37 -1.31 -9.98
N ALA A 49 0.38 -0.48 -9.29
CA ALA A 49 1.80 -0.68 -9.14
C ALA A 49 2.08 -1.83 -8.14
N ALA A 50 1.28 -1.88 -7.10
CA ALA A 50 1.40 -2.92 -6.08
C ALA A 50 0.89 -4.25 -6.60
N GLU A 51 -0.20 -4.21 -7.35
CA GLU A 51 -0.79 -5.39 -7.95
C GLU A 51 0.17 -6.01 -8.90
N GLU A 52 0.94 -5.16 -9.55
CA GLU A 52 1.90 -5.56 -10.53
C GLU A 52 3.01 -6.35 -9.88
N ARG A 53 3.49 -5.82 -8.79
CA ARG A 53 4.64 -6.37 -8.14
C ARG A 53 4.30 -7.51 -7.19
N PHE A 54 3.13 -7.47 -6.61
CA PHE A 54 2.74 -8.48 -5.66
C PHE A 54 1.90 -9.57 -6.28
N ASP A 55 1.35 -9.27 -7.45
CA ASP A 55 0.49 -10.20 -8.26
C ASP A 55 -0.81 -10.54 -7.52
N VAL A 56 -1.00 -9.92 -6.37
CA VAL A 56 -2.14 -10.22 -5.51
C VAL A 56 -3.39 -9.59 -6.08
N LYS A 57 -3.21 -8.42 -6.69
CA LYS A 57 -4.27 -7.65 -7.35
C LYS A 57 -5.34 -7.15 -6.36
N ILE A 58 -5.16 -5.95 -5.84
CA ILE A 58 -6.15 -5.33 -4.96
C ILE A 58 -6.55 -4.08 -5.64
N PRO A 59 -7.66 -4.08 -6.35
CA PRO A 59 -8.14 -2.87 -6.98
C PRO A 59 -8.41 -1.80 -5.93
N ASP A 60 -8.31 -0.55 -6.30
CA ASP A 60 -8.56 0.56 -5.38
C ASP A 60 -9.96 0.46 -4.72
N ASP A 61 -10.85 -0.12 -5.46
CA ASP A 61 -12.22 -0.39 -5.03
C ASP A 61 -12.24 -1.36 -3.84
N ASP A 62 -11.29 -2.25 -3.81
CA ASP A 62 -11.14 -3.22 -2.70
C ASP A 62 -10.26 -2.61 -1.64
N VAL A 63 -9.23 -1.91 -2.12
CA VAL A 63 -8.18 -1.27 -1.32
C VAL A 63 -8.75 -0.27 -0.31
N LYS A 64 -9.95 0.22 -0.56
CA LYS A 64 -10.64 1.13 0.34
C LYS A 64 -10.74 0.55 1.73
N ASN A 65 -10.91 -0.74 1.79
CA ASN A 65 -11.05 -1.45 3.06
C ASN A 65 -9.72 -1.48 3.78
N LEU A 66 -8.66 -1.31 3.00
CA LEU A 66 -7.30 -1.47 3.44
C LEU A 66 -6.73 -0.12 3.74
N LYS A 67 -7.55 0.70 4.30
CA LYS A 67 -7.24 2.06 4.77
C LYS A 67 -5.81 2.25 5.38
N THR A 68 -5.24 1.21 5.97
CA THR A 68 -3.94 1.33 6.50
C THR A 68 -2.94 0.54 5.69
N VAL A 69 -1.69 0.79 5.96
CA VAL A 69 -0.63 0.09 5.29
C VAL A 69 -0.70 -1.38 5.62
N GLY A 70 -0.81 -1.65 6.88
CA GLY A 70 -0.86 -2.97 7.39
C GLY A 70 -2.11 -3.67 7.03
N ASP A 71 -3.17 -2.90 6.78
CA ASP A 71 -4.43 -3.49 6.39
C ASP A 71 -4.25 -4.06 5.02
N ALA A 72 -3.63 -3.27 4.16
CA ALA A 72 -3.29 -3.69 2.82
C ALA A 72 -2.38 -4.87 2.88
N THR A 73 -1.35 -4.73 3.70
CA THR A 73 -0.34 -5.75 3.91
C THR A 73 -0.96 -7.07 4.42
N LYS A 74 -2.08 -6.96 5.13
CA LYS A 74 -2.76 -8.11 5.69
C LYS A 74 -3.31 -8.92 4.54
N TYR A 75 -4.04 -8.20 3.68
CA TYR A 75 -4.72 -8.76 2.55
C TYR A 75 -3.72 -9.25 1.50
N ILE A 76 -2.77 -8.41 1.22
CA ILE A 76 -1.76 -8.65 0.22
C ILE A 76 -0.91 -9.86 0.56
N LEU A 77 -0.53 -9.98 1.82
CA LEU A 77 0.33 -11.06 2.24
C LEU A 77 -0.45 -12.37 2.29
N ASP A 78 -1.68 -12.28 2.75
CA ASP A 78 -2.56 -13.44 2.88
C ASP A 78 -2.97 -14.00 1.52
N HIS A 79 -3.00 -13.14 0.54
CA HIS A 79 -3.37 -13.51 -0.82
C HIS A 79 -2.18 -13.65 -1.77
N GLN A 80 -0.97 -13.56 -1.22
CA GLN A 80 0.29 -13.65 -2.01
C GLN A 80 0.36 -14.79 -3.01
N ALA A 81 0.99 -14.49 -4.12
CA ALA A 81 1.25 -15.44 -5.15
C ALA A 81 2.67 -15.19 -5.64
N ALA A 1 6.77 -14.22 -3.28
CA ALA A 1 5.94 -13.72 -2.19
C ALA A 1 6.70 -12.72 -1.35
N ALA A 2 6.11 -11.55 -1.19
CA ALA A 2 6.66 -10.49 -0.39
C ALA A 2 6.28 -10.72 1.06
N THR A 3 6.81 -9.92 1.95
CA THR A 3 6.56 -10.09 3.35
C THR A 3 5.88 -8.86 3.84
N GLN A 4 5.74 -8.70 5.14
CA GLN A 4 5.12 -7.53 5.70
C GLN A 4 5.97 -6.34 5.33
N GLU A 5 7.26 -6.48 5.55
CA GLU A 5 8.23 -5.46 5.26
C GLU A 5 8.20 -5.09 3.77
N GLU A 6 8.20 -6.10 2.92
CA GLU A 6 8.26 -5.90 1.48
C GLU A 6 7.01 -5.27 0.93
N ILE A 7 5.84 -5.75 1.35
CA ILE A 7 4.60 -5.13 0.92
C ILE A 7 4.61 -3.68 1.31
N VAL A 8 4.91 -3.43 2.56
CA VAL A 8 4.95 -2.07 3.09
C VAL A 8 5.90 -1.19 2.30
N ALA A 9 7.17 -1.60 2.22
CA ALA A 9 8.19 -0.84 1.51
C ALA A 9 7.85 -0.68 0.02
N GLY A 10 7.15 -1.65 -0.53
CA GLY A 10 6.76 -1.64 -1.91
C GLY A 10 5.67 -0.65 -2.14
N LEU A 11 4.71 -0.62 -1.25
CA LEU A 11 3.64 0.36 -1.31
C LEU A 11 4.24 1.72 -1.11
N ALA A 12 5.04 1.81 -0.06
CA ALA A 12 5.68 3.03 0.35
C ALA A 12 6.45 3.67 -0.74
N GLU A 13 7.32 2.92 -1.42
CA GLU A 13 8.14 3.49 -2.50
C GLU A 13 7.28 4.13 -3.58
N ILE A 14 6.14 3.54 -3.82
CA ILE A 14 5.21 4.06 -4.81
C ILE A 14 4.52 5.34 -4.26
N VAL A 15 4.03 5.25 -3.02
CA VAL A 15 3.46 6.39 -2.28
C VAL A 15 4.46 7.55 -2.28
N ASN A 16 5.72 7.21 -2.02
CA ASN A 16 6.86 8.16 -2.04
C ASN A 16 6.94 8.91 -3.35
N GLU A 17 6.74 8.20 -4.45
CA GLU A 17 6.81 8.80 -5.77
C GLU A 17 5.65 9.77 -6.02
N ILE A 18 4.43 9.31 -5.80
CA ILE A 18 3.27 10.12 -6.18
C ILE A 18 2.85 11.09 -5.04
N ALA A 19 2.60 10.55 -3.84
CA ALA A 19 2.20 11.41 -2.69
C ALA A 19 3.40 12.03 -2.03
N GLY A 20 4.33 11.21 -1.63
CA GLY A 20 5.49 11.70 -0.95
C GLY A 20 5.58 11.25 0.48
N ILE A 21 4.80 10.22 0.87
CA ILE A 21 4.92 9.69 2.21
C ILE A 21 6.12 8.82 2.26
N PRO A 22 7.12 9.18 3.08
CA PRO A 22 8.42 8.49 3.13
C PRO A 22 8.31 7.01 3.44
N VAL A 23 9.33 6.26 3.00
CA VAL A 23 9.33 4.81 3.09
C VAL A 23 9.24 4.27 4.51
N GLU A 24 9.66 5.06 5.48
CA GLU A 24 9.58 4.62 6.85
C GLU A 24 8.39 5.21 7.56
N ASP A 25 7.71 6.16 6.93
CA ASP A 25 6.57 6.78 7.57
C ASP A 25 5.41 5.81 7.43
N VAL A 26 5.37 5.17 6.25
CA VAL A 26 4.48 4.09 5.95
C VAL A 26 4.91 2.89 6.79
N LYS A 27 4.24 2.70 7.89
CA LYS A 27 4.54 1.58 8.74
C LYS A 27 3.51 0.50 8.56
N LEU A 28 2.48 0.49 9.36
CA LEU A 28 1.39 -0.43 9.08
C LEU A 28 0.05 0.14 9.53
N ASP A 29 -0.08 0.46 10.79
CA ASP A 29 -1.36 0.98 11.30
C ASP A 29 -1.45 2.47 11.09
N LYS A 30 -0.75 2.92 10.09
CA LYS A 30 -0.74 4.26 9.70
C LYS A 30 -1.71 4.37 8.58
N SER A 31 -2.91 4.72 8.90
CA SER A 31 -3.94 5.02 7.94
C SER A 31 -3.39 6.03 6.90
N PHE A 32 -3.11 5.53 5.70
CA PHE A 32 -2.59 6.36 4.60
C PHE A 32 -3.25 7.76 4.52
N THR A 33 -4.55 7.78 4.24
CA THR A 33 -5.35 8.99 4.17
C THR A 33 -5.65 9.65 5.55
N ASP A 34 -4.66 9.73 6.42
CA ASP A 34 -4.85 10.36 7.75
C ASP A 34 -3.51 10.55 8.42
N ASP A 35 -2.87 9.43 8.72
CA ASP A 35 -1.61 9.38 9.46
C ASP A 35 -0.51 9.93 8.65
N LEU A 36 -0.33 9.30 7.53
CA LEU A 36 0.72 9.56 6.65
C LEU A 36 0.53 10.90 6.01
N ASP A 37 -0.41 10.91 5.08
CA ASP A 37 -0.93 12.05 4.29
C ASP A 37 -0.82 11.69 2.85
N VAL A 38 -1.50 10.67 2.46
CA VAL A 38 -1.43 10.26 1.12
C VAL A 38 -2.51 11.00 0.38
N ASP A 39 -2.34 11.20 -0.85
CA ASP A 39 -3.30 11.81 -1.61
C ASP A 39 -3.94 10.66 -2.23
N SER A 40 -5.04 10.23 -1.69
CA SER A 40 -5.78 9.02 -2.10
C SER A 40 -6.00 8.83 -3.65
N LEU A 41 -5.53 9.76 -4.45
CA LEU A 41 -5.62 9.66 -5.87
C LEU A 41 -4.42 8.89 -6.36
N SER A 42 -3.30 9.02 -5.62
CA SER A 42 -2.09 8.33 -5.92
C SER A 42 -2.29 6.90 -5.66
N MET A 43 -3.20 6.64 -4.74
CA MET A 43 -3.46 5.34 -4.24
C MET A 43 -3.84 4.43 -5.36
N VAL A 44 -4.55 4.97 -6.32
CA VAL A 44 -4.97 4.21 -7.47
C VAL A 44 -3.74 3.70 -8.24
N GLU A 45 -2.78 4.60 -8.49
CA GLU A 45 -1.57 4.23 -9.17
C GLU A 45 -0.69 3.37 -8.26
N VAL A 46 -0.71 3.67 -6.95
CA VAL A 46 0.03 2.88 -5.95
C VAL A 46 -0.49 1.44 -5.97
N VAL A 47 -1.80 1.31 -6.08
CA VAL A 47 -2.50 0.05 -6.10
C VAL A 47 -2.13 -0.70 -7.32
N VAL A 48 -2.39 -0.13 -8.48
CA VAL A 48 -2.07 -0.79 -9.75
C VAL A 48 -0.63 -1.25 -9.79
N ALA A 49 0.25 -0.41 -9.28
CA ALA A 49 1.66 -0.74 -9.27
C ALA A 49 1.92 -1.88 -8.27
N ALA A 50 1.28 -1.79 -7.11
CA ALA A 50 1.38 -2.80 -6.07
C ALA A 50 0.79 -4.11 -6.55
N GLU A 51 -0.34 -4.04 -7.21
CA GLU A 51 -1.01 -5.19 -7.76
C GLU A 51 -0.09 -5.94 -8.68
N GLU A 52 0.62 -5.18 -9.48
CA GLU A 52 1.45 -5.75 -10.51
C GLU A 52 2.80 -6.23 -10.01
N ARG A 53 3.26 -5.64 -8.93
CA ARG A 53 4.54 -6.05 -8.36
C ARG A 53 4.33 -7.18 -7.34
N PHE A 54 3.19 -7.17 -6.67
CA PHE A 54 2.89 -8.16 -5.67
C PHE A 54 2.12 -9.31 -6.25
N ASP A 55 1.64 -9.13 -7.48
CA ASP A 55 0.89 -10.15 -8.27
C ASP A 55 -0.42 -10.56 -7.57
N VAL A 56 -0.73 -9.86 -6.50
CA VAL A 56 -1.85 -10.20 -5.66
C VAL A 56 -3.14 -9.61 -6.19
N LYS A 57 -3.05 -8.39 -6.67
CA LYS A 57 -4.18 -7.63 -7.16
C LYS A 57 -5.26 -7.31 -6.13
N ILE A 58 -5.22 -6.09 -5.68
CA ILE A 58 -6.25 -5.52 -4.84
C ILE A 58 -6.72 -4.38 -5.66
N PRO A 59 -7.89 -4.43 -6.26
CA PRO A 59 -8.38 -3.29 -7.02
C PRO A 59 -8.48 -2.08 -6.08
N ASP A 60 -8.17 -0.86 -6.57
CA ASP A 60 -8.30 0.35 -5.73
C ASP A 60 -9.65 0.40 -4.99
N ASP A 61 -10.71 -0.06 -5.62
CA ASP A 61 -12.04 -0.05 -4.99
C ASP A 61 -12.13 -1.06 -3.83
N ASP A 62 -11.27 -2.02 -3.83
CA ASP A 62 -11.25 -3.04 -2.75
C ASP A 62 -10.37 -2.52 -1.64
N VAL A 63 -9.35 -1.79 -2.10
CA VAL A 63 -8.35 -1.16 -1.28
C VAL A 63 -8.94 -0.21 -0.24
N LYS A 64 -10.19 0.22 -0.48
CA LYS A 64 -10.92 1.06 0.48
C LYS A 64 -11.00 0.38 1.84
N ASN A 65 -11.02 -0.94 1.82
CA ASN A 65 -11.12 -1.72 3.02
C ASN A 65 -9.77 -1.82 3.67
N LEU A 66 -8.77 -1.34 2.97
CA LEU A 66 -7.41 -1.43 3.42
C LEU A 66 -6.87 -0.06 3.66
N LYS A 67 -7.69 0.81 4.21
CA LYS A 67 -7.29 2.22 4.53
C LYS A 67 -5.95 2.36 5.30
N THR A 68 -5.49 1.28 5.91
CA THR A 68 -4.23 1.32 6.55
C THR A 68 -3.21 0.51 5.80
N VAL A 69 -1.96 0.80 6.06
CA VAL A 69 -0.87 0.12 5.43
C VAL A 69 -0.93 -1.38 5.76
N GLY A 70 -1.08 -1.67 7.02
CA GLY A 70 -1.07 -3.03 7.52
C GLY A 70 -2.31 -3.78 7.13
N ASP A 71 -3.38 -3.06 6.82
CA ASP A 71 -4.61 -3.70 6.38
C ASP A 71 -4.34 -4.25 5.00
N ALA A 72 -3.73 -3.39 4.17
CA ALA A 72 -3.32 -3.77 2.83
C ALA A 72 -2.35 -4.90 2.90
N THR A 73 -1.33 -4.71 3.71
CA THR A 73 -0.27 -5.66 3.92
C THR A 73 -0.79 -7.01 4.47
N LYS A 74 -1.97 -7.00 5.06
CA LYS A 74 -2.55 -8.19 5.60
C LYS A 74 -3.10 -9.00 4.43
N TYR A 75 -3.92 -8.33 3.63
CA TYR A 75 -4.57 -8.93 2.50
C TYR A 75 -3.57 -9.36 1.45
N ILE A 76 -2.59 -8.52 1.24
CA ILE A 76 -1.58 -8.72 0.26
C ILE A 76 -0.65 -9.89 0.63
N LEU A 77 -0.29 -10.00 1.90
CA LEU A 77 0.67 -11.03 2.34
C LEU A 77 0.00 -12.42 2.31
N ASP A 78 -1.24 -12.48 2.73
CA ASP A 78 -1.98 -13.75 2.75
C ASP A 78 -2.25 -14.25 1.34
N HIS A 79 -2.38 -13.33 0.43
CA HIS A 79 -2.69 -13.63 -0.96
C HIS A 79 -1.45 -13.62 -1.84
N GLN A 80 -0.28 -13.48 -1.23
CA GLN A 80 1.01 -13.43 -1.94
C GLN A 80 1.26 -14.55 -2.92
N ALA A 81 2.07 -14.26 -3.90
CA ALA A 81 2.47 -15.18 -4.91
C ALA A 81 3.95 -14.98 -5.15
N ALA A 1 6.97 -15.02 -1.95
CA ALA A 1 6.07 -14.11 -1.24
C ALA A 1 6.89 -12.97 -0.66
N ALA A 2 6.31 -12.20 0.22
CA ALA A 2 6.98 -11.09 0.85
C ALA A 2 6.67 -11.12 2.33
N THR A 3 7.01 -10.06 3.02
CA THR A 3 6.77 -9.98 4.43
C THR A 3 6.00 -8.71 4.69
N GLN A 4 5.83 -8.35 5.94
CA GLN A 4 5.23 -7.10 6.28
C GLN A 4 6.12 -6.00 5.75
N GLU A 5 7.38 -6.10 6.08
CA GLU A 5 8.36 -5.10 5.70
C GLU A 5 8.54 -5.03 4.18
N GLU A 6 8.49 -6.18 3.51
CA GLU A 6 8.64 -6.22 2.06
C GLU A 6 7.43 -5.64 1.33
N ILE A 7 6.21 -6.03 1.73
CA ILE A 7 5.02 -5.43 1.15
C ILE A 7 5.00 -3.93 1.43
N VAL A 8 5.13 -3.58 2.71
CA VAL A 8 5.07 -2.19 3.15
C VAL A 8 6.08 -1.30 2.40
N ALA A 9 7.35 -1.73 2.34
CA ALA A 9 8.37 -0.96 1.63
C ALA A 9 8.04 -0.82 0.15
N GLY A 10 7.37 -1.83 -0.40
CA GLY A 10 7.02 -1.86 -1.78
C GLY A 10 5.90 -0.91 -2.07
N LEU A 11 4.97 -0.83 -1.15
CA LEU A 11 3.87 0.10 -1.27
C LEU A 11 4.42 1.50 -1.06
N ALA A 12 5.22 1.64 -0.02
CA ALA A 12 5.80 2.90 0.37
C ALA A 12 6.58 3.53 -0.75
N GLU A 13 7.47 2.76 -1.38
CA GLU A 13 8.30 3.29 -2.48
C GLU A 13 7.45 3.86 -3.61
N ILE A 14 6.27 3.33 -3.77
CA ILE A 14 5.33 3.83 -4.76
C ILE A 14 4.70 5.15 -4.22
N VAL A 15 4.17 5.07 -3.00
CA VAL A 15 3.58 6.21 -2.27
C VAL A 15 4.56 7.40 -2.26
N ASN A 16 5.84 7.10 -2.08
CA ASN A 16 6.95 8.10 -2.09
C ASN A 16 6.86 9.01 -3.31
N GLU A 17 6.55 8.42 -4.44
CA GLU A 17 6.52 9.12 -5.69
C GLU A 17 5.26 9.96 -5.87
N ILE A 18 4.11 9.39 -5.59
CA ILE A 18 2.88 10.11 -5.88
C ILE A 18 2.41 10.93 -4.67
N ALA A 19 2.26 10.26 -3.53
CA ALA A 19 1.76 10.94 -2.34
C ALA A 19 2.86 11.71 -1.63
N GLY A 20 4.06 11.21 -1.71
CA GLY A 20 5.17 11.86 -1.10
C GLY A 20 5.42 11.37 0.31
N ILE A 21 4.74 10.31 0.72
CA ILE A 21 4.92 9.77 2.04
C ILE A 21 6.17 8.94 2.04
N PRO A 22 7.15 9.26 2.89
CA PRO A 22 8.42 8.54 2.95
C PRO A 22 8.24 7.09 3.36
N VAL A 23 9.21 6.24 2.99
CA VAL A 23 9.14 4.81 3.28
C VAL A 23 9.07 4.55 4.77
N GLU A 24 9.74 5.39 5.54
CA GLU A 24 9.78 5.23 6.96
C GLU A 24 8.55 5.77 7.65
N ASP A 25 7.76 6.53 6.94
CA ASP A 25 6.57 7.05 7.53
C ASP A 25 5.46 6.03 7.35
N VAL A 26 5.47 5.39 6.16
CA VAL A 26 4.55 4.31 5.82
C VAL A 26 4.87 3.07 6.66
N LYS A 27 4.18 2.93 7.74
CA LYS A 27 4.27 1.73 8.57
C LYS A 27 2.88 1.14 8.62
N LEU A 28 2.73 -0.08 9.04
CA LEU A 28 1.46 -0.79 8.87
C LEU A 28 0.27 -0.16 9.62
N ASP A 29 0.55 0.49 10.71
CA ASP A 29 -0.49 1.02 11.57
C ASP A 29 -0.87 2.42 11.10
N LYS A 30 -0.36 2.78 9.96
CA LYS A 30 -0.57 4.07 9.46
C LYS A 30 -1.63 4.01 8.42
N SER A 31 -2.65 4.66 8.70
CA SER A 31 -3.68 4.85 7.75
C SER A 31 -3.20 5.91 6.78
N PHE A 32 -2.92 5.48 5.57
CA PHE A 32 -2.49 6.37 4.48
C PHE A 32 -3.26 7.70 4.46
N THR A 33 -4.55 7.63 4.18
CA THR A 33 -5.47 8.76 4.13
C THR A 33 -5.83 9.30 5.55
N ASP A 34 -4.84 9.48 6.40
CA ASP A 34 -5.08 9.97 7.76
C ASP A 34 -3.79 10.32 8.44
N ASP A 35 -2.96 9.32 8.59
CA ASP A 35 -1.70 9.44 9.31
C ASP A 35 -0.66 10.04 8.45
N LEU A 36 -0.37 9.32 7.41
CA LEU A 36 0.69 9.63 6.51
C LEU A 36 0.47 10.97 5.86
N ASP A 37 -0.43 10.95 4.90
CA ASP A 37 -0.94 12.10 4.10
C ASP A 37 -0.93 11.69 2.66
N VAL A 38 -1.77 10.76 2.31
CA VAL A 38 -1.80 10.32 0.96
C VAL A 38 -2.74 11.22 0.17
N ASP A 39 -2.48 11.34 -1.10
CA ASP A 39 -3.23 12.17 -1.97
C ASP A 39 -4.48 11.42 -2.46
N SER A 40 -4.62 10.17 -1.96
CA SER A 40 -5.67 9.20 -2.29
C SER A 40 -5.74 8.79 -3.77
N LEU A 41 -5.40 9.71 -4.66
CA LEU A 41 -5.42 9.46 -6.07
C LEU A 41 -4.19 8.65 -6.37
N SER A 42 -3.21 8.85 -5.49
CA SER A 42 -1.98 8.15 -5.47
C SER A 42 -2.27 6.70 -5.36
N MET A 43 -3.26 6.39 -4.54
CA MET A 43 -3.59 5.03 -4.20
C MET A 43 -3.95 4.25 -5.41
N VAL A 44 -4.60 4.90 -6.34
CA VAL A 44 -5.03 4.26 -7.55
C VAL A 44 -3.81 3.79 -8.38
N GLU A 45 -2.80 4.64 -8.48
CA GLU A 45 -1.60 4.27 -9.20
C GLU A 45 -0.73 3.37 -8.35
N VAL A 46 -0.75 3.58 -7.02
CA VAL A 46 -0.04 2.71 -6.07
C VAL A 46 -0.59 1.29 -6.21
N VAL A 47 -1.90 1.22 -6.42
CA VAL A 47 -2.63 -0.02 -6.66
C VAL A 47 -2.08 -0.72 -7.86
N VAL A 48 -2.18 -0.09 -9.03
CA VAL A 48 -1.73 -0.69 -10.28
C VAL A 48 -0.26 -1.10 -10.23
N ALA A 49 0.50 -0.41 -9.40
CA ALA A 49 1.90 -0.72 -9.21
C ALA A 49 2.03 -1.93 -8.27
N ALA A 50 1.28 -1.90 -7.17
CA ALA A 50 1.27 -2.96 -6.17
C ALA A 50 0.73 -4.26 -6.75
N GLU A 51 -0.26 -4.15 -7.62
CA GLU A 51 -0.86 -5.31 -8.26
C GLU A 51 0.18 -5.99 -9.10
N GLU A 52 0.97 -5.16 -9.73
CA GLU A 52 1.96 -5.61 -10.68
C GLU A 52 3.12 -6.28 -9.98
N ARG A 53 3.57 -5.67 -8.93
CA ARG A 53 4.74 -6.13 -8.24
C ARG A 53 4.45 -7.26 -7.27
N PHE A 54 3.25 -7.27 -6.73
CA PHE A 54 2.89 -8.26 -5.74
C PHE A 54 2.07 -9.39 -6.32
N ASP A 55 1.53 -9.19 -7.54
CA ASP A 55 0.70 -10.20 -8.28
C ASP A 55 -0.59 -10.54 -7.48
N VAL A 56 -0.87 -9.72 -6.48
CA VAL A 56 -1.99 -9.94 -5.60
C VAL A 56 -3.24 -9.27 -6.17
N LYS A 57 -3.02 -8.10 -6.75
CA LYS A 57 -4.08 -7.28 -7.35
C LYS A 57 -5.18 -6.84 -6.36
N ILE A 58 -5.04 -5.63 -5.86
CA ILE A 58 -6.08 -5.03 -5.02
C ILE A 58 -6.55 -3.84 -5.76
N PRO A 59 -7.72 -3.87 -6.33
CA PRO A 59 -8.29 -2.69 -6.96
C PRO A 59 -8.50 -1.62 -5.88
N ASP A 60 -8.40 -0.35 -6.24
CA ASP A 60 -8.58 0.74 -5.26
C ASP A 60 -10.00 0.74 -4.68
N ASP A 61 -10.90 0.04 -5.33
CA ASP A 61 -12.25 -0.12 -4.86
C ASP A 61 -12.30 -1.11 -3.70
N ASP A 62 -11.40 -2.06 -3.73
CA ASP A 62 -11.30 -3.06 -2.64
C ASP A 62 -10.41 -2.50 -1.57
N VAL A 63 -9.46 -1.70 -2.03
CA VAL A 63 -8.45 -1.03 -1.22
C VAL A 63 -9.08 -0.12 -0.17
N LYS A 64 -10.33 0.28 -0.40
CA LYS A 64 -11.03 1.14 0.53
C LYS A 64 -11.16 0.50 1.91
N ASN A 65 -11.16 -0.81 1.91
CA ASN A 65 -11.27 -1.59 3.14
C ASN A 65 -9.92 -1.73 3.78
N LEU A 66 -8.91 -1.27 3.09
CA LEU A 66 -7.54 -1.41 3.51
C LEU A 66 -6.97 -0.09 3.88
N LYS A 67 -7.82 0.77 4.41
CA LYS A 67 -7.49 2.14 4.89
C LYS A 67 -6.09 2.30 5.58
N THR A 68 -5.55 1.23 6.13
CA THR A 68 -4.25 1.28 6.69
C THR A 68 -3.26 0.49 5.87
N VAL A 69 -1.99 0.83 6.00
CA VAL A 69 -0.94 0.11 5.30
C VAL A 69 -0.98 -1.36 5.67
N GLY A 70 -1.13 -1.61 6.94
CA GLY A 70 -1.13 -2.94 7.47
C GLY A 70 -2.32 -3.72 7.09
N ASP A 71 -3.38 -3.05 6.70
CA ASP A 71 -4.56 -3.77 6.30
C ASP A 71 -4.34 -4.25 4.91
N ALA A 72 -3.79 -3.35 4.07
CA ALA A 72 -3.39 -3.69 2.73
C ALA A 72 -2.41 -4.83 2.79
N THR A 73 -1.39 -4.65 3.60
CA THR A 73 -0.34 -5.63 3.81
C THR A 73 -0.91 -6.96 4.34
N LYS A 74 -1.96 -6.87 5.14
CA LYS A 74 -2.60 -8.04 5.74
C LYS A 74 -3.26 -8.84 4.65
N TYR A 75 -3.93 -8.12 3.76
CA TYR A 75 -4.63 -8.68 2.64
C TYR A 75 -3.62 -9.21 1.62
N ILE A 76 -2.62 -8.41 1.32
CA ILE A 76 -1.58 -8.75 0.37
C ILE A 76 -0.83 -9.99 0.79
N LEU A 77 -0.24 -9.97 1.99
CA LEU A 77 0.62 -11.07 2.45
C LEU A 77 -0.17 -12.40 2.45
N ASP A 78 -1.44 -12.29 2.73
CA ASP A 78 -2.34 -13.44 2.79
C ASP A 78 -2.72 -13.95 1.39
N HIS A 79 -2.80 -13.05 0.44
CA HIS A 79 -3.24 -13.38 -0.91
C HIS A 79 -2.08 -13.55 -1.91
N GLN A 80 -0.90 -13.10 -1.54
CA GLN A 80 0.26 -13.16 -2.43
C GLN A 80 0.76 -14.57 -2.64
N ALA A 81 1.01 -14.89 -3.91
CA ALA A 81 1.56 -16.16 -4.37
C ALA A 81 0.74 -17.33 -3.86
N ALA A 1 7.33 -13.89 -3.53
CA ALA A 1 6.19 -13.38 -2.77
C ALA A 1 6.66 -12.39 -1.73
N ALA A 2 6.02 -11.26 -1.64
CA ALA A 2 6.39 -10.22 -0.71
C ALA A 2 5.92 -10.58 0.70
N THR A 3 6.51 -9.94 1.68
CA THR A 3 6.25 -10.23 3.06
C THR A 3 5.66 -9.01 3.71
N GLN A 4 5.68 -8.93 5.03
CA GLN A 4 5.12 -7.77 5.71
C GLN A 4 5.95 -6.57 5.31
N GLU A 5 7.24 -6.66 5.53
CA GLU A 5 8.16 -5.56 5.27
C GLU A 5 8.18 -5.20 3.78
N GLU A 6 8.11 -6.22 2.94
CA GLU A 6 8.21 -6.02 1.50
C GLU A 6 6.97 -5.39 0.91
N ILE A 7 5.80 -5.78 1.39
CA ILE A 7 4.58 -5.13 0.96
C ILE A 7 4.58 -3.69 1.42
N VAL A 8 4.89 -3.50 2.69
CA VAL A 8 4.93 -2.16 3.28
C VAL A 8 5.86 -1.23 2.51
N ALA A 9 7.12 -1.62 2.38
CA ALA A 9 8.12 -0.81 1.69
C ALA A 9 7.78 -0.66 0.19
N GLY A 10 7.13 -1.67 -0.36
CA GLY A 10 6.77 -1.66 -1.75
C GLY A 10 5.69 -0.66 -2.01
N LEU A 11 4.67 -0.67 -1.17
CA LEU A 11 3.61 0.30 -1.24
C LEU A 11 4.19 1.67 -1.01
N ALA A 12 5.01 1.76 0.03
CA ALA A 12 5.65 2.98 0.42
C ALA A 12 6.43 3.62 -0.68
N GLU A 13 7.27 2.86 -1.37
CA GLU A 13 8.10 3.43 -2.44
C GLU A 13 7.26 4.00 -3.56
N ILE A 14 6.08 3.43 -3.76
CA ILE A 14 5.14 3.95 -4.75
C ILE A 14 4.47 5.24 -4.19
N VAL A 15 4.01 5.17 -2.94
CA VAL A 15 3.45 6.31 -2.21
C VAL A 15 4.42 7.47 -2.24
N ASN A 16 5.68 7.16 -2.02
CA ASN A 16 6.81 8.11 -2.10
C ASN A 16 6.84 8.88 -3.40
N GLU A 17 6.48 8.22 -4.48
CA GLU A 17 6.50 8.84 -5.79
C GLU A 17 5.29 9.72 -5.99
N ILE A 18 4.11 9.23 -5.68
CA ILE A 18 2.90 9.99 -5.98
C ILE A 18 2.48 10.89 -4.82
N ALA A 19 2.30 10.32 -3.64
CA ALA A 19 1.90 11.12 -2.48
C ALA A 19 3.09 11.85 -1.87
N GLY A 20 4.17 11.15 -1.69
CA GLY A 20 5.34 11.74 -1.09
C GLY A 20 5.52 11.32 0.34
N ILE A 21 4.86 10.24 0.76
CA ILE A 21 5.06 9.72 2.09
C ILE A 21 6.28 8.88 2.08
N PRO A 22 7.31 9.25 2.85
CA PRO A 22 8.61 8.56 2.86
C PRO A 22 8.52 7.09 3.22
N VAL A 23 9.54 6.34 2.77
CA VAL A 23 9.55 4.89 2.85
C VAL A 23 9.40 4.36 4.27
N GLU A 24 9.92 5.06 5.26
CA GLU A 24 9.84 4.55 6.60
C GLU A 24 8.73 5.18 7.41
N ASP A 25 7.97 6.11 6.83
CA ASP A 25 6.89 6.70 7.60
C ASP A 25 5.69 5.80 7.46
N VAL A 26 5.58 5.18 6.27
CA VAL A 26 4.61 4.16 5.99
C VAL A 26 4.88 2.94 6.88
N LYS A 27 4.15 2.88 7.94
CA LYS A 27 4.18 1.76 8.84
C LYS A 27 2.80 1.16 8.83
N LEU A 28 2.64 -0.05 9.27
CA LEU A 28 1.39 -0.77 9.03
C LEU A 28 0.14 -0.13 9.67
N ASP A 29 0.28 0.47 10.79
CA ASP A 29 -0.89 0.97 11.48
C ASP A 29 -1.06 2.45 11.17
N LYS A 30 -0.39 2.88 10.13
CA LYS A 30 -0.51 4.20 9.69
C LYS A 30 -1.57 4.19 8.63
N SER A 31 -2.63 4.81 8.92
CA SER A 31 -3.67 4.98 7.97
C SER A 31 -3.16 5.97 6.93
N PHE A 32 -2.83 5.50 5.74
CA PHE A 32 -2.37 6.35 4.64
C PHE A 32 -3.16 7.68 4.58
N THR A 33 -4.46 7.58 4.37
CA THR A 33 -5.39 8.70 4.34
C THR A 33 -5.73 9.28 5.74
N ASP A 34 -4.73 9.48 6.60
CA ASP A 34 -4.98 9.96 7.98
C ASP A 34 -3.68 10.26 8.71
N ASP A 35 -2.83 9.27 8.75
CA ASP A 35 -1.57 9.31 9.48
C ASP A 35 -0.51 9.96 8.68
N LEU A 36 -0.21 9.32 7.59
CA LEU A 36 0.86 9.68 6.72
C LEU A 36 0.64 11.02 6.10
N ASP A 37 -0.20 11.01 5.08
CA ASP A 37 -0.66 12.17 4.25
C ASP A 37 -0.63 11.69 2.83
N VAL A 38 -1.46 10.75 2.52
CA VAL A 38 -1.44 10.25 1.20
C VAL A 38 -2.36 11.10 0.33
N ASP A 39 -2.34 10.90 -0.93
CA ASP A 39 -3.10 11.69 -1.82
C ASP A 39 -4.42 11.00 -2.13
N SER A 40 -4.49 9.70 -1.75
CA SER A 40 -5.62 8.79 -1.97
C SER A 40 -5.85 8.53 -3.50
N LEU A 41 -5.58 9.50 -4.33
CA LEU A 41 -5.71 9.37 -5.76
C LEU A 41 -4.44 8.73 -6.23
N SER A 42 -3.43 8.87 -5.40
CA SER A 42 -2.18 8.26 -5.55
C SER A 42 -2.37 6.79 -5.46
N MET A 43 -3.31 6.38 -4.60
CA MET A 43 -3.50 5.01 -4.27
C MET A 43 -3.97 4.27 -5.48
N VAL A 44 -4.71 4.95 -6.33
CA VAL A 44 -5.20 4.39 -7.57
C VAL A 44 -4.03 3.87 -8.42
N GLU A 45 -3.00 4.67 -8.53
CA GLU A 45 -1.84 4.31 -9.28
C GLU A 45 -0.92 3.42 -8.43
N VAL A 46 -0.97 3.60 -7.09
CA VAL A 46 -0.24 2.73 -6.17
C VAL A 46 -0.78 1.30 -6.30
N VAL A 47 -2.06 1.18 -6.61
CA VAL A 47 -2.78 -0.08 -6.84
C VAL A 47 -2.19 -0.79 -8.01
N VAL A 48 -2.28 -0.20 -9.19
CA VAL A 48 -1.79 -0.86 -10.39
C VAL A 48 -0.31 -1.19 -10.28
N ALA A 49 0.40 -0.40 -9.51
CA ALA A 49 1.80 -0.63 -9.27
C ALA A 49 1.98 -1.81 -8.29
N ALA A 50 1.18 -1.82 -7.23
CA ALA A 50 1.20 -2.86 -6.21
C ALA A 50 0.75 -4.19 -6.77
N GLU A 51 -0.29 -4.17 -7.58
CA GLU A 51 -0.82 -5.38 -8.18
C GLU A 51 0.25 -6.04 -9.01
N GLU A 52 0.98 -5.22 -9.73
CA GLU A 52 2.00 -5.68 -10.66
C GLU A 52 3.23 -6.13 -9.94
N ARG A 53 3.49 -5.59 -8.79
CA ARG A 53 4.66 -5.98 -8.06
C ARG A 53 4.40 -7.17 -7.13
N PHE A 54 3.24 -7.20 -6.51
CA PHE A 54 2.95 -8.22 -5.53
C PHE A 54 2.32 -9.46 -6.13
N ASP A 55 1.76 -9.34 -7.33
CA ASP A 55 1.08 -10.47 -8.04
C ASP A 55 -0.20 -10.88 -7.29
N VAL A 56 -0.64 -10.00 -6.41
CA VAL A 56 -1.81 -10.27 -5.60
C VAL A 56 -3.01 -9.64 -6.23
N LYS A 57 -2.86 -8.35 -6.51
CA LYS A 57 -3.89 -7.53 -7.11
C LYS A 57 -4.94 -7.11 -6.09
N ILE A 58 -4.94 -5.82 -5.81
CA ILE A 58 -5.87 -5.21 -4.88
C ILE A 58 -6.44 -4.05 -5.62
N PRO A 59 -7.56 -4.24 -6.29
CA PRO A 59 -8.22 -3.15 -7.01
C PRO A 59 -8.51 -1.98 -6.07
N ASP A 60 -8.38 -0.75 -6.56
CA ASP A 60 -8.59 0.47 -5.74
C ASP A 60 -9.92 0.44 -4.97
N ASP A 61 -10.96 -0.08 -5.58
CA ASP A 61 -12.28 -0.20 -4.92
C ASP A 61 -12.21 -1.09 -3.68
N ASP A 62 -11.29 -2.03 -3.69
CA ASP A 62 -11.13 -2.99 -2.59
C ASP A 62 -10.17 -2.36 -1.60
N VAL A 63 -9.18 -1.68 -2.17
CA VAL A 63 -8.17 -0.90 -1.47
C VAL A 63 -8.75 0.06 -0.47
N LYS A 64 -9.86 0.68 -0.80
CA LYS A 64 -10.45 1.64 0.11
C LYS A 64 -11.02 1.00 1.37
N ASN A 65 -11.04 -0.30 1.41
CA ASN A 65 -11.50 -0.99 2.58
C ASN A 65 -10.30 -1.38 3.43
N LEU A 66 -9.12 -1.03 2.93
CA LEU A 66 -7.90 -1.29 3.64
C LEU A 66 -7.65 -0.16 4.57
N LYS A 67 -7.57 0.96 3.99
CA LYS A 67 -7.39 2.29 4.67
C LYS A 67 -6.01 2.46 5.36
N THR A 68 -5.51 1.41 5.93
CA THR A 68 -4.23 1.43 6.53
C THR A 68 -3.23 0.66 5.73
N VAL A 69 -1.98 0.80 6.09
CA VAL A 69 -0.92 0.09 5.44
C VAL A 69 -1.01 -1.40 5.74
N GLY A 70 -1.20 -1.69 6.99
CA GLY A 70 -1.21 -3.03 7.47
C GLY A 70 -2.41 -3.78 7.06
N ASP A 71 -3.48 -3.08 6.74
CA ASP A 71 -4.67 -3.74 6.29
C ASP A 71 -4.40 -4.25 4.91
N ALA A 72 -3.74 -3.38 4.12
CA ALA A 72 -3.33 -3.74 2.79
C ALA A 72 -2.37 -4.87 2.87
N THR A 73 -1.34 -4.68 3.66
CA THR A 73 -0.30 -5.66 3.86
C THR A 73 -0.86 -6.99 4.40
N LYS A 74 -1.99 -6.95 5.06
CA LYS A 74 -2.62 -8.14 5.58
C LYS A 74 -3.20 -8.91 4.41
N TYR A 75 -4.01 -8.21 3.62
CA TYR A 75 -4.66 -8.77 2.47
C TYR A 75 -3.64 -9.23 1.45
N ILE A 76 -2.71 -8.38 1.17
CA ILE A 76 -1.71 -8.62 0.16
C ILE A 76 -0.78 -9.78 0.54
N LEU A 77 -0.44 -9.92 1.81
CA LEU A 77 0.49 -10.97 2.24
C LEU A 77 -0.23 -12.30 2.26
N ASP A 78 -1.41 -12.30 2.81
CA ASP A 78 -2.25 -13.49 2.93
C ASP A 78 -2.60 -14.06 1.57
N HIS A 79 -2.75 -13.17 0.61
CA HIS A 79 -3.15 -13.54 -0.73
C HIS A 79 -1.97 -13.61 -1.72
N GLN A 80 -0.74 -13.46 -1.21
CA GLN A 80 0.50 -13.50 -2.05
C GLN A 80 0.54 -14.72 -2.96
N ALA A 81 0.57 -14.45 -4.27
CA ALA A 81 0.70 -15.47 -5.32
C ALA A 81 -0.47 -16.44 -5.33
N ALA A 1 6.01 -13.89 -3.10
CA ALA A 1 5.34 -13.77 -1.82
C ALA A 1 6.08 -12.81 -0.90
N ALA A 2 5.62 -11.58 -0.87
CA ALA A 2 6.15 -10.55 0.01
C ALA A 2 5.63 -10.78 1.43
N THR A 3 6.18 -10.07 2.38
CA THR A 3 5.84 -10.27 3.76
C THR A 3 5.34 -8.96 4.34
N GLN A 4 5.32 -8.83 5.66
CA GLN A 4 4.79 -7.63 6.29
C GLN A 4 5.58 -6.40 5.88
N GLU A 5 6.86 -6.41 6.10
CA GLU A 5 7.66 -5.23 5.81
C GLU A 5 7.90 -5.08 4.31
N GLU A 6 7.86 -6.20 3.62
CA GLU A 6 8.06 -6.20 2.18
C GLU A 6 6.92 -5.55 1.43
N ILE A 7 5.68 -5.92 1.76
CA ILE A 7 4.54 -5.25 1.20
C ILE A 7 4.59 -3.77 1.56
N VAL A 8 4.81 -3.50 2.83
CA VAL A 8 4.90 -2.12 3.34
C VAL A 8 5.89 -1.28 2.53
N ALA A 9 7.14 -1.71 2.47
CA ALA A 9 8.20 -0.99 1.78
C ALA A 9 7.89 -0.83 0.28
N GLY A 10 7.22 -1.81 -0.29
CA GLY A 10 6.89 -1.80 -1.68
C GLY A 10 5.82 -0.81 -1.98
N LEU A 11 4.80 -0.78 -1.13
CA LEU A 11 3.72 0.19 -1.26
C LEU A 11 4.29 1.56 -1.06
N ALA A 12 5.10 1.68 -0.02
CA ALA A 12 5.72 2.91 0.36
C ALA A 12 6.50 3.53 -0.75
N GLU A 13 7.37 2.76 -1.41
CA GLU A 13 8.20 3.31 -2.49
C GLU A 13 7.36 3.86 -3.62
N ILE A 14 6.18 3.30 -3.79
CA ILE A 14 5.24 3.81 -4.78
C ILE A 14 4.65 5.15 -4.25
N VAL A 15 4.11 5.11 -3.03
CA VAL A 15 3.58 6.26 -2.31
C VAL A 15 4.60 7.41 -2.29
N ASN A 16 5.88 7.06 -2.10
CA ASN A 16 7.02 8.01 -2.12
C ASN A 16 6.96 8.89 -3.35
N GLU A 17 6.72 8.29 -4.48
CA GLU A 17 6.73 9.00 -5.74
C GLU A 17 5.47 9.81 -5.97
N ILE A 18 4.31 9.26 -5.66
CA ILE A 18 3.08 9.99 -6.00
C ILE A 18 2.61 10.87 -4.83
N ALA A 19 2.42 10.29 -3.65
CA ALA A 19 1.93 11.08 -2.50
C ALA A 19 3.07 11.83 -1.85
N GLY A 20 4.20 11.21 -1.81
CA GLY A 20 5.34 11.82 -1.21
C GLY A 20 5.50 11.39 0.22
N ILE A 21 4.78 10.34 0.64
CA ILE A 21 4.92 9.83 1.97
C ILE A 21 6.16 9.01 2.02
N PRO A 22 7.11 9.35 2.88
CA PRO A 22 8.39 8.65 2.96
C PRO A 22 8.22 7.19 3.36
N VAL A 23 9.20 6.40 3.01
CA VAL A 23 9.19 4.98 3.27
C VAL A 23 9.40 4.74 4.78
N GLU A 24 9.85 5.79 5.44
CA GLU A 24 10.05 5.80 6.86
C GLU A 24 8.72 5.97 7.56
N ASP A 25 7.81 6.66 6.91
CA ASP A 25 6.59 6.99 7.55
C ASP A 25 5.53 5.94 7.31
N VAL A 26 5.51 5.37 6.10
CA VAL A 26 4.62 4.24 5.77
C VAL A 26 4.96 3.03 6.65
N LYS A 27 4.17 2.85 7.66
CA LYS A 27 4.29 1.76 8.59
C LYS A 27 2.93 1.09 8.72
N LEU A 28 2.90 -0.07 9.31
CA LEU A 28 1.75 -0.93 9.40
C LEU A 28 0.50 -0.23 10.02
N ASP A 29 0.72 0.64 10.96
CA ASP A 29 -0.33 1.29 11.73
C ASP A 29 -0.80 2.56 11.05
N LYS A 30 -0.21 2.87 9.92
CA LYS A 30 -0.44 4.12 9.34
C LYS A 30 -1.52 4.05 8.32
N SER A 31 -2.55 4.71 8.60
CA SER A 31 -3.60 4.88 7.63
C SER A 31 -3.12 5.93 6.64
N PHE A 32 -2.78 5.48 5.47
CA PHE A 32 -2.37 6.38 4.35
C PHE A 32 -3.15 7.71 4.29
N THR A 33 -4.44 7.61 4.07
CA THR A 33 -5.33 8.73 3.94
C THR A 33 -5.75 9.29 5.34
N ASP A 34 -4.79 9.37 6.26
CA ASP A 34 -5.07 9.85 7.63
C ASP A 34 -3.78 10.21 8.38
N ASP A 35 -2.94 9.21 8.54
CA ASP A 35 -1.68 9.32 9.31
C ASP A 35 -0.61 9.96 8.49
N LEU A 36 -0.41 9.37 7.35
CA LEU A 36 0.63 9.72 6.44
C LEU A 36 0.31 11.02 5.74
N ASP A 37 -0.58 10.87 4.78
CA ASP A 37 -1.21 11.91 3.91
C ASP A 37 -1.06 11.53 2.47
N VAL A 38 -1.79 10.55 2.08
CA VAL A 38 -1.81 10.19 0.70
C VAL A 38 -2.86 11.06 0.05
N ASP A 39 -2.78 11.26 -1.23
CA ASP A 39 -3.71 12.14 -1.92
C ASP A 39 -4.90 11.34 -2.36
N SER A 40 -4.92 10.05 -1.96
CA SER A 40 -5.90 9.02 -2.34
C SER A 40 -5.97 8.75 -3.88
N LEU A 41 -5.46 9.67 -4.67
CA LEU A 41 -5.41 9.57 -6.10
C LEU A 41 -4.15 8.84 -6.44
N SER A 42 -3.16 9.02 -5.58
CA SER A 42 -1.93 8.36 -5.67
C SER A 42 -2.17 6.92 -5.39
N MET A 43 -3.14 6.68 -4.52
CA MET A 43 -3.51 5.37 -4.07
C MET A 43 -3.86 4.48 -5.22
N VAL A 44 -4.57 5.02 -6.18
CA VAL A 44 -5.02 4.23 -7.31
C VAL A 44 -3.83 3.75 -8.16
N GLU A 45 -2.82 4.59 -8.27
CA GLU A 45 -1.62 4.22 -9.00
C GLU A 45 -0.74 3.33 -8.14
N VAL A 46 -0.77 3.56 -6.80
CA VAL A 46 -0.06 2.72 -5.84
C VAL A 46 -0.62 1.31 -5.92
N VAL A 47 -1.91 1.25 -6.17
CA VAL A 47 -2.67 0.04 -6.34
C VAL A 47 -2.16 -0.71 -7.53
N VAL A 48 -2.27 -0.13 -8.71
CA VAL A 48 -1.85 -0.80 -9.94
C VAL A 48 -0.38 -1.21 -9.87
N ALA A 49 0.41 -0.41 -9.18
CA ALA A 49 1.82 -0.74 -9.01
C ALA A 49 1.97 -1.92 -8.04
N ALA A 50 1.19 -1.91 -6.98
CA ALA A 50 1.18 -2.99 -6.00
C ALA A 50 0.65 -4.28 -6.61
N GLU A 51 -0.37 -4.15 -7.44
CA GLU A 51 -0.98 -5.27 -8.11
C GLU A 51 0.06 -5.92 -8.99
N GLU A 52 0.88 -5.07 -9.57
CA GLU A 52 1.88 -5.48 -10.53
C GLU A 52 3.05 -6.16 -9.84
N ARG A 53 3.54 -5.53 -8.80
CA ARG A 53 4.73 -5.99 -8.13
C ARG A 53 4.44 -7.16 -7.20
N PHE A 54 3.26 -7.18 -6.63
CA PHE A 54 2.91 -8.21 -5.70
C PHE A 54 2.12 -9.32 -6.37
N ASP A 55 1.62 -9.04 -7.59
CA ASP A 55 0.79 -10.00 -8.42
C ASP A 55 -0.60 -10.19 -7.81
N VAL A 56 -0.76 -9.69 -6.60
CA VAL A 56 -1.93 -9.93 -5.77
C VAL A 56 -3.14 -9.29 -6.37
N LYS A 57 -2.95 -8.06 -6.79
CA LYS A 57 -3.98 -7.22 -7.36
C LYS A 57 -5.06 -6.86 -6.35
N ILE A 58 -5.00 -5.64 -5.89
CA ILE A 58 -5.98 -5.13 -4.97
C ILE A 58 -6.46 -3.89 -5.59
N PRO A 59 -7.54 -3.96 -6.38
CA PRO A 59 -8.12 -2.77 -6.98
C PRO A 59 -8.45 -1.74 -5.89
N ASP A 60 -8.35 -0.45 -6.21
CA ASP A 60 -8.60 0.61 -5.22
C ASP A 60 -10.04 0.55 -4.65
N ASP A 61 -10.88 -0.20 -5.32
CA ASP A 61 -12.24 -0.50 -4.85
C ASP A 61 -12.17 -1.40 -3.65
N ASP A 62 -11.31 -2.37 -3.69
CA ASP A 62 -11.23 -3.32 -2.59
C ASP A 62 -10.30 -2.79 -1.55
N VAL A 63 -9.34 -2.02 -2.03
CA VAL A 63 -8.32 -1.36 -1.23
C VAL A 63 -8.92 -0.43 -0.16
N LYS A 64 -10.18 -0.01 -0.36
CA LYS A 64 -10.90 0.84 0.59
C LYS A 64 -10.97 0.16 1.94
N ASN A 65 -11.02 -1.15 1.90
CA ASN A 65 -11.13 -1.96 3.09
C ASN A 65 -9.78 -2.10 3.74
N LEU A 66 -8.80 -1.48 3.14
CA LEU A 66 -7.44 -1.56 3.60
C LEU A 66 -6.96 -0.19 3.97
N LYS A 67 -7.82 0.58 4.59
CA LYS A 67 -7.52 1.95 5.13
C LYS A 67 -6.09 2.15 5.70
N THR A 68 -5.43 1.12 6.19
CA THR A 68 -4.10 1.28 6.68
C THR A 68 -3.09 0.51 5.85
N VAL A 69 -1.81 0.83 6.04
CA VAL A 69 -0.75 0.10 5.37
C VAL A 69 -0.81 -1.37 5.75
N GLY A 70 -0.90 -1.60 7.02
CA GLY A 70 -0.95 -2.93 7.54
C GLY A 70 -2.17 -3.67 7.11
N ASP A 71 -3.24 -2.95 6.86
CA ASP A 71 -4.47 -3.58 6.45
C ASP A 71 -4.27 -4.11 5.05
N ALA A 72 -3.69 -3.26 4.20
CA ALA A 72 -3.33 -3.64 2.85
C ALA A 72 -2.39 -4.81 2.90
N THR A 73 -1.35 -4.66 3.71
CA THR A 73 -0.33 -5.68 3.90
C THR A 73 -0.96 -7.02 4.28
N LYS A 74 -2.05 -6.97 5.03
CA LYS A 74 -2.75 -8.13 5.47
C LYS A 74 -3.36 -8.84 4.28
N TYR A 75 -4.09 -8.08 3.49
CA TYR A 75 -4.75 -8.58 2.32
C TYR A 75 -3.75 -9.08 1.32
N ILE A 76 -2.77 -8.25 1.06
CA ILE A 76 -1.78 -8.52 0.08
C ILE A 76 -0.94 -9.73 0.45
N LEU A 77 -0.61 -9.88 1.73
CA LEU A 77 0.20 -11.00 2.18
C LEU A 77 -0.63 -12.29 2.10
N ASP A 78 -1.90 -12.19 2.49
CA ASP A 78 -2.85 -13.34 2.49
C ASP A 78 -3.13 -13.84 1.08
N HIS A 79 -3.07 -12.93 0.14
CA HIS A 79 -3.32 -13.20 -1.27
C HIS A 79 -2.05 -13.30 -2.10
N GLN A 80 -0.90 -13.26 -1.45
CA GLN A 80 0.41 -13.26 -2.14
C GLN A 80 0.59 -14.39 -3.15
N ALA A 81 1.49 -14.15 -4.06
CA ALA A 81 1.89 -15.09 -5.06
C ALA A 81 3.39 -14.94 -5.26
N ALA A 1 5.87 -14.00 -3.07
CA ALA A 1 5.76 -13.90 -1.62
C ALA A 1 6.58 -12.71 -1.14
N ALA A 2 6.31 -12.25 0.06
CA ALA A 2 7.02 -11.11 0.66
C ALA A 2 6.86 -11.19 2.17
N THR A 3 7.12 -10.12 2.86
CA THR A 3 6.97 -10.07 4.29
C THR A 3 6.15 -8.86 4.63
N GLN A 4 6.02 -8.54 5.90
CA GLN A 4 5.32 -7.34 6.30
C GLN A 4 6.11 -6.16 5.80
N GLU A 5 7.40 -6.17 6.08
CA GLU A 5 8.29 -5.11 5.69
C GLU A 5 8.28 -4.92 4.18
N GLU A 6 8.43 -6.02 3.45
CA GLU A 6 8.53 -5.94 1.99
C GLU A 6 7.30 -5.41 1.30
N ILE A 7 6.10 -5.89 1.69
CA ILE A 7 4.87 -5.33 1.15
C ILE A 7 4.81 -3.84 1.44
N VAL A 8 5.01 -3.52 2.70
CA VAL A 8 4.96 -2.13 3.16
C VAL A 8 5.89 -1.24 2.36
N ALA A 9 7.17 -1.61 2.31
CA ALA A 9 8.18 -0.83 1.59
C ALA A 9 7.86 -0.74 0.10
N GLY A 10 7.25 -1.77 -0.43
CA GLY A 10 6.91 -1.84 -1.82
C GLY A 10 5.81 -0.89 -2.14
N LEU A 11 4.83 -0.80 -1.27
CA LEU A 11 3.75 0.16 -1.41
C LEU A 11 4.31 1.53 -1.21
N ALA A 12 5.08 1.67 -0.14
CA ALA A 12 5.67 2.92 0.27
C ALA A 12 6.49 3.56 -0.81
N GLU A 13 7.37 2.79 -1.46
CA GLU A 13 8.22 3.33 -2.52
C GLU A 13 7.39 3.90 -3.65
N ILE A 14 6.22 3.36 -3.84
CA ILE A 14 5.30 3.88 -4.83
C ILE A 14 4.65 5.18 -4.31
N VAL A 15 4.10 5.12 -3.09
CA VAL A 15 3.50 6.28 -2.38
C VAL A 15 4.48 7.46 -2.37
N ASN A 16 5.76 7.14 -2.14
CA ASN A 16 6.90 8.11 -2.17
C ASN A 16 6.83 8.99 -3.39
N GLU A 17 6.62 8.38 -4.52
CA GLU A 17 6.67 9.06 -5.79
C GLU A 17 5.47 9.97 -6.00
N ILE A 18 4.27 9.46 -5.72
CA ILE A 18 3.09 10.23 -6.05
C ILE A 18 2.70 11.19 -4.91
N ALA A 19 2.52 10.67 -3.70
CA ALA A 19 2.11 11.54 -2.59
C ALA A 19 3.27 12.06 -1.77
N GLY A 20 4.36 11.35 -1.77
CA GLY A 20 5.51 11.80 -1.04
C GLY A 20 5.55 11.31 0.38
N ILE A 21 4.73 10.30 0.70
CA ILE A 21 4.77 9.69 2.01
C ILE A 21 6.01 8.82 2.05
N PRO A 22 6.98 9.11 2.93
CA PRO A 22 8.25 8.38 2.99
C PRO A 22 8.09 6.91 3.36
N VAL A 23 9.06 6.08 2.93
CA VAL A 23 9.04 4.64 3.18
C VAL A 23 9.14 4.33 4.66
N GLU A 24 9.62 5.29 5.42
CA GLU A 24 9.78 5.14 6.83
C GLU A 24 8.57 5.64 7.57
N ASP A 25 7.72 6.41 6.91
CA ASP A 25 6.56 6.95 7.57
C ASP A 25 5.44 5.94 7.41
N VAL A 26 5.40 5.30 6.22
CA VAL A 26 4.47 4.22 5.92
C VAL A 26 4.70 3.02 6.86
N LYS A 27 3.97 3.01 7.93
CA LYS A 27 3.99 1.91 8.88
C LYS A 27 2.61 1.34 8.92
N LEU A 28 2.43 0.17 9.46
CA LEU A 28 1.16 -0.53 9.25
C LEU A 28 -0.07 0.18 9.82
N ASP A 29 0.04 0.84 10.94
CA ASP A 29 -1.16 1.52 11.52
C ASP A 29 -1.32 2.91 10.95
N LYS A 30 -0.55 3.18 9.95
CA LYS A 30 -0.55 4.45 9.35
C LYS A 30 -1.55 4.44 8.27
N SER A 31 -2.72 4.84 8.62
CA SER A 31 -3.76 5.02 7.68
C SER A 31 -3.27 6.04 6.68
N PHE A 32 -3.00 5.58 5.49
CA PHE A 32 -2.54 6.39 4.39
C PHE A 32 -3.17 7.81 4.30
N THR A 33 -4.49 7.91 4.26
CA THR A 33 -5.15 9.22 4.20
C THR A 33 -5.52 9.79 5.58
N ASP A 34 -4.73 9.46 6.59
CA ASP A 34 -5.00 9.98 7.95
C ASP A 34 -3.72 10.22 8.73
N ASP A 35 -2.83 9.26 8.72
CA ASP A 35 -1.57 9.38 9.47
C ASP A 35 -0.50 9.94 8.57
N LEU A 36 -0.37 9.33 7.44
CA LEU A 36 0.66 9.63 6.48
C LEU A 36 0.38 10.94 5.77
N ASP A 37 -0.70 10.90 5.02
CA ASP A 37 -1.27 12.00 4.21
C ASP A 37 -1.03 11.83 2.74
N VAL A 38 -1.50 10.72 2.23
CA VAL A 38 -1.44 10.46 0.83
C VAL A 38 -2.65 11.18 0.22
N ASP A 39 -2.59 11.53 -1.05
CA ASP A 39 -3.67 12.27 -1.71
C ASP A 39 -4.83 11.37 -2.06
N SER A 40 -4.71 10.10 -1.66
CA SER A 40 -5.63 8.99 -1.96
C SER A 40 -5.64 8.62 -3.45
N LEU A 41 -5.48 9.61 -4.30
CA LEU A 41 -5.51 9.45 -5.74
C LEU A 41 -4.32 8.66 -6.15
N SER A 42 -3.26 8.83 -5.36
CA SER A 42 -2.04 8.17 -5.52
C SER A 42 -2.27 6.71 -5.43
N MET A 43 -3.20 6.34 -4.57
CA MET A 43 -3.42 4.97 -4.20
C MET A 43 -3.90 4.15 -5.37
N VAL A 44 -4.51 4.78 -6.34
CA VAL A 44 -4.88 4.06 -7.54
C VAL A 44 -3.60 3.58 -8.19
N GLU A 45 -2.72 4.51 -8.52
CA GLU A 45 -1.48 4.19 -9.16
C GLU A 45 -0.60 3.36 -8.23
N VAL A 46 -0.68 3.65 -6.93
CA VAL A 46 0.09 2.93 -5.93
C VAL A 46 -0.30 1.46 -5.92
N VAL A 47 -1.58 1.19 -5.89
CA VAL A 47 -1.98 -0.16 -5.76
C VAL A 47 -1.96 -0.87 -7.08
N VAL A 48 -2.21 -0.16 -8.18
CA VAL A 48 -2.08 -0.78 -9.52
C VAL A 48 -0.61 -1.19 -9.77
N ALA A 49 0.28 -0.46 -9.16
CA ALA A 49 1.67 -0.78 -9.21
C ALA A 49 1.92 -1.98 -8.31
N ALA A 50 1.28 -1.95 -7.14
CA ALA A 50 1.35 -3.02 -6.17
C ALA A 50 0.76 -4.32 -6.71
N GLU A 51 -0.31 -4.21 -7.49
CA GLU A 51 -0.98 -5.34 -8.11
C GLU A 51 -0.02 -6.09 -8.96
N GLU A 52 0.73 -5.34 -9.70
CA GLU A 52 1.62 -5.84 -10.69
C GLU A 52 2.91 -6.38 -10.06
N ARG A 53 3.40 -5.69 -9.05
CA ARG A 53 4.64 -6.08 -8.44
C ARG A 53 4.44 -7.22 -7.42
N PHE A 54 3.31 -7.21 -6.75
CA PHE A 54 3.02 -8.20 -5.75
C PHE A 54 2.27 -9.38 -6.32
N ASP A 55 1.75 -9.20 -7.56
CA ASP A 55 0.98 -10.21 -8.33
C ASP A 55 -0.29 -10.63 -7.57
N VAL A 56 -0.65 -9.81 -6.62
CA VAL A 56 -1.76 -10.05 -5.74
C VAL A 56 -3.03 -9.42 -6.30
N LYS A 57 -2.88 -8.20 -6.78
CA LYS A 57 -3.97 -7.40 -7.31
C LYS A 57 -5.02 -6.98 -6.26
N ILE A 58 -4.94 -5.72 -5.85
CA ILE A 58 -5.98 -5.12 -5.02
C ILE A 58 -6.54 -3.99 -5.83
N PRO A 59 -7.76 -4.09 -6.29
CA PRO A 59 -8.39 -2.99 -7.00
C PRO A 59 -8.58 -1.84 -6.01
N ASP A 60 -8.37 -0.58 -6.45
CA ASP A 60 -8.56 0.60 -5.54
C ASP A 60 -9.93 0.59 -4.83
N ASP A 61 -10.88 -0.12 -5.39
CA ASP A 61 -12.22 -0.27 -4.81
C ASP A 61 -12.19 -1.18 -3.57
N ASP A 62 -11.27 -2.12 -3.54
CA ASP A 62 -11.12 -3.03 -2.38
C ASP A 62 -10.21 -2.36 -1.39
N VAL A 63 -9.32 -1.55 -1.94
CA VAL A 63 -8.34 -0.72 -1.22
C VAL A 63 -8.99 0.12 -0.10
N LYS A 64 -10.28 0.36 -0.21
CA LYS A 64 -10.99 1.12 0.80
C LYS A 64 -11.09 0.34 2.10
N ASN A 65 -11.01 -0.96 2.01
CA ASN A 65 -11.06 -1.81 3.18
C ASN A 65 -9.72 -1.79 3.83
N LEU A 66 -8.74 -1.38 3.06
CA LEU A 66 -7.36 -1.44 3.49
C LEU A 66 -6.90 -0.13 3.94
N LYS A 67 -7.76 0.64 4.55
CA LYS A 67 -7.40 1.94 5.06
C LYS A 67 -6.53 1.89 6.27
N THR A 68 -5.37 1.40 6.00
CA THR A 68 -4.20 1.30 6.80
C THR A 68 -3.19 0.48 6.06
N VAL A 69 -1.93 0.78 6.24
CA VAL A 69 -0.89 0.03 5.56
C VAL A 69 -0.95 -1.45 5.96
N GLY A 70 -1.21 -1.66 7.21
CA GLY A 70 -1.29 -2.99 7.75
C GLY A 70 -2.42 -3.77 7.19
N ASP A 71 -3.51 -3.10 6.86
CA ASP A 71 -4.67 -3.80 6.35
C ASP A 71 -4.34 -4.23 4.95
N ALA A 72 -3.69 -3.32 4.23
CA ALA A 72 -3.25 -3.58 2.87
C ALA A 72 -2.34 -4.77 2.87
N THR A 73 -1.32 -4.69 3.70
CA THR A 73 -0.32 -5.73 3.86
C THR A 73 -0.97 -7.07 4.28
N LYS A 74 -2.04 -6.97 5.04
CA LYS A 74 -2.75 -8.13 5.56
C LYS A 74 -3.44 -8.86 4.42
N TYR A 75 -4.05 -8.09 3.54
CA TYR A 75 -4.74 -8.62 2.41
C TYR A 75 -3.74 -9.14 1.40
N ILE A 76 -2.76 -8.30 1.13
CA ILE A 76 -1.73 -8.58 0.19
C ILE A 76 -1.00 -9.85 0.53
N LEU A 77 -0.29 -9.87 1.66
CA LEU A 77 0.58 -10.99 2.08
C LEU A 77 -0.11 -12.37 1.95
N ASP A 78 -1.38 -12.41 2.32
CA ASP A 78 -2.16 -13.65 2.32
C ASP A 78 -2.55 -14.08 0.91
N HIS A 79 -2.67 -13.12 0.03
CA HIS A 79 -3.09 -13.34 -1.35
C HIS A 79 -1.89 -13.32 -2.33
N GLN A 80 -0.68 -13.21 -1.79
CA GLN A 80 0.53 -13.07 -2.63
C GLN A 80 0.88 -14.30 -3.41
N ALA A 81 1.65 -14.10 -4.42
CA ALA A 81 2.18 -15.15 -5.23
C ALA A 81 3.68 -14.99 -5.24
N ALA A 1 7.56 -14.62 -2.84
CA ALA A 1 6.53 -13.84 -2.17
C ALA A 1 7.15 -12.72 -1.36
N ALA A 2 6.32 -11.85 -0.86
CA ALA A 2 6.71 -10.73 -0.04
C ALA A 2 6.52 -11.05 1.43
N THR A 3 6.78 -10.09 2.28
CA THR A 3 6.66 -10.21 3.71
C THR A 3 6.02 -8.94 4.24
N GLN A 4 5.99 -8.75 5.54
CA GLN A 4 5.38 -7.57 6.15
C GLN A 4 6.09 -6.31 5.68
N GLU A 5 7.40 -6.24 5.89
CA GLU A 5 8.17 -5.05 5.52
C GLU A 5 8.25 -4.89 4.00
N GLU A 6 8.17 -6.00 3.27
CA GLU A 6 8.25 -5.96 1.82
C GLU A 6 7.01 -5.36 1.19
N ILE A 7 5.81 -5.83 1.59
CA ILE A 7 4.59 -5.23 1.11
C ILE A 7 4.59 -3.74 1.41
N VAL A 8 4.88 -3.43 2.65
CA VAL A 8 4.91 -2.06 3.13
C VAL A 8 5.83 -1.18 2.27
N ALA A 9 7.09 -1.58 2.14
CA ALA A 9 8.08 -0.82 1.39
C ALA A 9 7.70 -0.69 -0.09
N GLY A 10 7.04 -1.70 -0.62
CA GLY A 10 6.63 -1.71 -2.00
C GLY A 10 5.56 -0.70 -2.23
N LEU A 11 4.61 -0.65 -1.32
CA LEU A 11 3.55 0.35 -1.39
C LEU A 11 4.17 1.71 -1.17
N ALA A 12 5.00 1.78 -0.15
CA ALA A 12 5.65 3.00 0.27
C ALA A 12 6.41 3.66 -0.83
N GLU A 13 7.25 2.92 -1.54
CA GLU A 13 8.05 3.49 -2.61
C GLU A 13 7.16 4.11 -3.68
N ILE A 14 6.01 3.54 -3.89
CA ILE A 14 5.07 4.07 -4.85
C ILE A 14 4.35 5.32 -4.28
N VAL A 15 3.94 5.24 -3.01
CA VAL A 15 3.40 6.39 -2.26
C VAL A 15 4.40 7.53 -2.32
N ASN A 16 5.67 7.23 -2.15
CA ASN A 16 6.77 8.20 -2.27
C ASN A 16 6.75 8.91 -3.61
N GLU A 17 6.47 8.16 -4.68
CA GLU A 17 6.44 8.69 -6.03
C GLU A 17 5.29 9.69 -6.24
N ILE A 18 4.14 9.45 -5.62
CA ILE A 18 3.01 10.33 -5.91
C ILE A 18 2.62 11.18 -4.68
N ALA A 19 2.35 10.53 -3.56
CA ALA A 19 1.94 11.23 -2.34
C ALA A 19 3.10 11.92 -1.66
N GLY A 20 4.19 11.21 -1.54
CA GLY A 20 5.36 11.77 -0.92
C GLY A 20 5.54 11.34 0.53
N ILE A 21 4.93 10.22 0.90
CA ILE A 21 5.13 9.69 2.23
C ILE A 21 6.34 8.80 2.21
N PRO A 22 7.40 9.14 2.96
CA PRO A 22 8.64 8.37 2.96
C PRO A 22 8.44 6.93 3.42
N VAL A 23 9.37 6.06 3.02
CA VAL A 23 9.32 4.62 3.33
C VAL A 23 9.54 4.35 4.82
N GLU A 24 9.87 5.38 5.55
CA GLU A 24 10.07 5.25 6.97
C GLU A 24 8.87 5.74 7.73
N ASP A 25 7.92 6.33 7.03
CA ASP A 25 6.75 6.81 7.69
C ASP A 25 5.60 5.85 7.45
N VAL A 26 5.57 5.26 6.24
CA VAL A 26 4.64 4.20 5.91
C VAL A 26 4.92 2.99 6.82
N LYS A 27 4.22 2.94 7.91
CA LYS A 27 4.26 1.84 8.83
C LYS A 27 2.87 1.22 8.81
N LEU A 28 2.72 0.01 9.27
CA LEU A 28 1.47 -0.72 9.04
C LEU A 28 0.24 -0.09 9.72
N ASP A 29 0.45 0.61 10.79
CA ASP A 29 -0.65 1.08 11.61
C ASP A 29 -1.02 2.50 11.21
N LYS A 30 -0.48 2.89 10.10
CA LYS A 30 -0.64 4.20 9.61
C LYS A 30 -1.66 4.18 8.52
N SER A 31 -2.77 4.74 8.79
CA SER A 31 -3.78 4.92 7.82
C SER A 31 -3.26 5.94 6.82
N PHE A 32 -2.87 5.48 5.64
CA PHE A 32 -2.36 6.35 4.57
C PHE A 32 -3.09 7.72 4.47
N THR A 33 -4.39 7.68 4.30
CA THR A 33 -5.23 8.85 4.17
C THR A 33 -5.64 9.40 5.55
N ASP A 34 -4.66 9.70 6.38
CA ASP A 34 -4.89 10.21 7.75
C ASP A 34 -3.56 10.38 8.47
N ASP A 35 -2.92 9.27 8.69
CA ASP A 35 -1.70 9.16 9.47
C ASP A 35 -0.53 9.60 8.69
N LEU A 36 -0.58 9.34 7.43
CA LEU A 36 0.49 9.68 6.56
C LEU A 36 0.19 10.98 5.88
N ASP A 37 -0.36 10.88 4.71
CA ASP A 37 -0.74 12.01 3.81
C ASP A 37 -0.80 11.51 2.39
N VAL A 38 -1.77 10.74 2.12
CA VAL A 38 -1.99 10.34 0.78
C VAL A 38 -3.25 11.06 0.34
N ASP A 39 -3.24 11.66 -0.82
CA ASP A 39 -4.40 12.42 -1.30
C ASP A 39 -5.36 11.49 -2.03
N SER A 40 -5.26 10.21 -1.65
CA SER A 40 -6.05 9.07 -2.11
C SER A 40 -5.91 8.75 -3.62
N LEU A 41 -5.75 9.75 -4.45
CA LEU A 41 -5.70 9.61 -5.89
C LEU A 41 -4.41 8.95 -6.30
N SER A 42 -3.42 9.07 -5.42
CA SER A 42 -2.17 8.47 -5.60
C SER A 42 -2.31 6.98 -5.42
N MET A 43 -3.25 6.60 -4.58
CA MET A 43 -3.41 5.22 -4.20
C MET A 43 -3.83 4.37 -5.38
N VAL A 44 -4.51 4.97 -6.34
CA VAL A 44 -4.89 4.25 -7.55
C VAL A 44 -3.62 3.76 -8.23
N GLU A 45 -2.74 4.70 -8.53
CA GLU A 45 -1.51 4.41 -9.22
C GLU A 45 -0.55 3.67 -8.29
N VAL A 46 -0.76 3.81 -6.98
CA VAL A 46 0.03 3.08 -6.02
C VAL A 46 -0.28 1.58 -6.07
N VAL A 47 -1.56 1.24 -5.94
CA VAL A 47 -1.92 -0.14 -5.80
C VAL A 47 -1.94 -0.84 -7.13
N VAL A 48 -2.19 -0.10 -8.19
CA VAL A 48 -2.16 -0.69 -9.53
C VAL A 48 -0.73 -1.16 -9.82
N ALA A 49 0.21 -0.47 -9.23
CA ALA A 49 1.61 -0.79 -9.33
C ALA A 49 1.92 -1.94 -8.39
N ALA A 50 1.34 -1.87 -7.21
CA ALA A 50 1.48 -2.90 -6.21
C ALA A 50 0.96 -4.25 -6.73
N GLU A 51 -0.04 -4.21 -7.58
CA GLU A 51 -0.59 -5.41 -8.16
C GLU A 51 0.42 -6.05 -9.06
N GLU A 52 1.20 -5.21 -9.73
CA GLU A 52 2.19 -5.68 -10.69
C GLU A 52 3.29 -6.42 -9.96
N ARG A 53 3.65 -5.90 -8.81
CA ARG A 53 4.74 -6.42 -8.07
C ARG A 53 4.34 -7.56 -7.16
N PHE A 54 3.23 -7.41 -6.48
CA PHE A 54 2.82 -8.39 -5.51
C PHE A 54 2.01 -9.50 -6.14
N ASP A 55 1.42 -9.21 -7.31
CA ASP A 55 0.61 -10.19 -8.10
C ASP A 55 -0.65 -10.64 -7.32
N VAL A 56 -0.93 -9.91 -6.26
CA VAL A 56 -2.06 -10.21 -5.40
C VAL A 56 -3.30 -9.55 -5.97
N LYS A 57 -3.08 -8.39 -6.56
CA LYS A 57 -4.10 -7.62 -7.25
C LYS A 57 -5.24 -7.08 -6.35
N ILE A 58 -5.11 -5.82 -5.95
CA ILE A 58 -6.12 -5.14 -5.16
C ILE A 58 -6.53 -3.95 -5.96
N PRO A 59 -7.74 -3.91 -6.45
CA PRO A 59 -8.24 -2.73 -7.13
C PRO A 59 -8.46 -1.63 -6.10
N ASP A 60 -8.32 -0.37 -6.49
CA ASP A 60 -8.59 0.77 -5.59
C ASP A 60 -9.96 0.64 -4.89
N ASP A 61 -10.89 -0.05 -5.54
CA ASP A 61 -12.20 -0.35 -4.97
C ASP A 61 -12.09 -1.19 -3.70
N ASP A 62 -11.19 -2.14 -3.72
CA ASP A 62 -10.97 -3.03 -2.55
C ASP A 62 -10.00 -2.42 -1.59
N VAL A 63 -9.25 -1.50 -2.11
CA VAL A 63 -8.28 -0.70 -1.39
C VAL A 63 -8.94 0.08 -0.24
N LYS A 64 -10.24 0.32 -0.36
CA LYS A 64 -10.96 1.01 0.69
C LYS A 64 -11.10 0.12 1.91
N ASN A 65 -11.02 -1.17 1.66
CA ASN A 65 -11.15 -2.16 2.69
C ASN A 65 -9.80 -2.35 3.33
N LEU A 66 -8.82 -1.57 2.87
CA LEU A 66 -7.45 -1.66 3.36
C LEU A 66 -6.97 -0.31 3.76
N LYS A 67 -7.83 0.47 4.38
CA LYS A 67 -7.54 1.83 4.88
C LYS A 67 -6.25 2.01 5.76
N THR A 68 -5.48 0.97 5.97
CA THR A 68 -4.22 1.09 6.62
C THR A 68 -3.16 0.38 5.83
N VAL A 69 -1.91 0.72 6.09
CA VAL A 69 -0.81 0.04 5.44
C VAL A 69 -0.86 -1.45 5.77
N GLY A 70 -1.05 -1.73 7.03
CA GLY A 70 -1.10 -3.08 7.54
C GLY A 70 -2.33 -3.81 7.12
N ASP A 71 -3.33 -3.08 6.69
CA ASP A 71 -4.55 -3.69 6.21
C ASP A 71 -4.27 -4.19 4.82
N ALA A 72 -3.61 -3.33 4.05
CA ALA A 72 -3.16 -3.70 2.72
C ALA A 72 -2.20 -4.86 2.85
N THR A 73 -1.26 -4.71 3.75
CA THR A 73 -0.25 -5.71 4.04
C THR A 73 -0.90 -7.01 4.55
N LYS A 74 -2.08 -6.88 5.13
CA LYS A 74 -2.81 -8.00 5.67
C LYS A 74 -3.28 -8.82 4.49
N TYR A 75 -4.03 -8.18 3.63
CA TYR A 75 -4.62 -8.76 2.45
C TYR A 75 -3.55 -9.27 1.48
N ILE A 76 -2.54 -8.45 1.28
CA ILE A 76 -1.47 -8.74 0.37
C ILE A 76 -0.59 -9.90 0.82
N LEU A 77 -0.30 -9.99 2.12
CA LEU A 77 0.58 -11.07 2.60
C LEU A 77 -0.24 -12.36 2.67
N ASP A 78 -1.47 -12.22 3.14
CA ASP A 78 -2.40 -13.35 3.31
C ASP A 78 -2.66 -14.02 1.97
N HIS A 79 -2.88 -13.21 0.95
CA HIS A 79 -3.10 -13.75 -0.37
C HIS A 79 -1.79 -14.08 -1.06
N GLN A 80 -0.94 -13.07 -1.24
CA GLN A 80 0.36 -13.21 -1.89
C GLN A 80 0.34 -13.93 -3.25
N ALA A 81 1.50 -14.21 -3.74
CA ALA A 81 1.68 -14.97 -4.92
C ALA A 81 2.53 -16.16 -4.58
N ALA A 1 7.05 -14.31 -3.04
CA ALA A 1 6.11 -13.77 -2.05
C ALA A 1 6.70 -12.52 -1.41
N ALA A 2 5.90 -11.85 -0.61
CA ALA A 2 6.33 -10.67 0.10
C ALA A 2 5.88 -10.80 1.54
N THR A 3 6.47 -10.05 2.42
CA THR A 3 6.17 -10.15 3.81
C THR A 3 5.59 -8.84 4.27
N GLN A 4 5.50 -8.65 5.57
CA GLN A 4 4.88 -7.46 6.12
C GLN A 4 5.65 -6.22 5.66
N GLU A 5 6.92 -6.18 5.93
CA GLU A 5 7.74 -5.03 5.54
C GLU A 5 8.00 -4.98 4.05
N GLU A 6 7.97 -6.11 3.37
CA GLU A 6 8.20 -6.11 1.92
C GLU A 6 7.04 -5.47 1.21
N ILE A 7 5.82 -5.84 1.60
CA ILE A 7 4.64 -5.18 1.07
C ILE A 7 4.67 -3.72 1.47
N VAL A 8 4.94 -3.47 2.73
CA VAL A 8 4.99 -2.08 3.25
C VAL A 8 5.94 -1.21 2.43
N ALA A 9 7.20 -1.62 2.33
CA ALA A 9 8.21 -0.85 1.61
C ALA A 9 7.87 -0.73 0.13
N GLY A 10 7.19 -1.74 -0.38
CA GLY A 10 6.80 -1.77 -1.76
C GLY A 10 5.72 -0.79 -2.02
N LEU A 11 4.76 -0.72 -1.13
CA LEU A 11 3.70 0.26 -1.23
C LEU A 11 4.31 1.62 -1.04
N ALA A 12 5.14 1.74 -0.01
CA ALA A 12 5.80 2.97 0.36
C ALA A 12 6.54 3.58 -0.79
N GLU A 13 7.41 2.82 -1.45
CA GLU A 13 8.19 3.35 -2.57
C GLU A 13 7.32 3.93 -3.66
N ILE A 14 6.15 3.36 -3.83
CA ILE A 14 5.19 3.88 -4.80
C ILE A 14 4.58 5.19 -4.24
N VAL A 15 4.12 5.13 -2.98
CA VAL A 15 3.56 6.26 -2.24
C VAL A 15 4.53 7.44 -2.21
N ASN A 16 5.82 7.13 -2.08
CA ASN A 16 6.91 8.11 -2.07
C ASN A 16 6.86 8.97 -3.31
N GLU A 17 6.66 8.33 -4.44
CA GLU A 17 6.69 9.01 -5.72
C GLU A 17 5.46 9.88 -5.94
N ILE A 18 4.28 9.33 -5.71
CA ILE A 18 3.06 10.07 -6.05
C ILE A 18 2.61 10.96 -4.89
N ALA A 19 2.43 10.39 -3.71
CA ALA A 19 1.98 11.18 -2.55
C ALA A 19 3.11 11.95 -1.94
N GLY A 20 4.20 11.27 -1.69
CA GLY A 20 5.32 11.89 -1.06
C GLY A 20 5.50 11.43 0.36
N ILE A 21 4.77 10.38 0.77
CA ILE A 21 4.92 9.83 2.09
C ILE A 21 6.15 8.99 2.07
N PRO A 22 7.16 9.31 2.90
CA PRO A 22 8.45 8.62 2.89
C PRO A 22 8.29 7.16 3.30
N VAL A 23 9.30 6.34 2.97
CA VAL A 23 9.28 4.93 3.33
C VAL A 23 9.38 4.78 4.84
N GLU A 24 9.86 5.85 5.47
CA GLU A 24 9.99 5.93 6.89
C GLU A 24 8.63 6.08 7.53
N ASP A 25 7.79 6.91 6.92
CA ASP A 25 6.51 7.23 7.52
C ASP A 25 5.51 6.10 7.28
N VAL A 26 5.53 5.52 6.08
CA VAL A 26 4.70 4.36 5.78
C VAL A 26 5.08 3.18 6.67
N LYS A 27 4.31 2.98 7.69
CA LYS A 27 4.41 1.85 8.57
C LYS A 27 3.05 1.21 8.60
N LEU A 28 2.95 -0.04 8.95
CA LEU A 28 1.70 -0.77 8.76
C LEU A 28 0.48 -0.21 9.54
N ASP A 29 0.71 0.44 10.62
CA ASP A 29 -0.38 0.89 11.44
C ASP A 29 -0.58 2.36 11.17
N LYS A 30 -0.41 2.69 9.92
CA LYS A 30 -0.51 4.02 9.49
C LYS A 30 -1.52 4.08 8.40
N SER A 31 -2.61 4.68 8.73
CA SER A 31 -3.68 4.96 7.82
C SER A 31 -3.15 5.92 6.76
N PHE A 32 -3.07 5.49 5.54
CA PHE A 32 -2.61 6.33 4.43
C PHE A 32 -3.19 7.76 4.41
N THR A 33 -4.48 7.91 4.24
CA THR A 33 -5.15 9.21 4.27
C THR A 33 -5.51 9.67 5.70
N ASP A 34 -4.60 9.52 6.68
CA ASP A 34 -4.93 9.93 8.07
C ASP A 34 -3.70 9.96 8.98
N ASP A 35 -2.92 8.91 8.90
CA ASP A 35 -1.68 8.77 9.68
C ASP A 35 -0.54 9.28 8.88
N LEU A 36 -0.59 9.02 7.62
CA LEU A 36 0.43 9.43 6.73
C LEU A 36 0.13 10.81 6.20
N ASP A 37 -0.53 10.86 5.05
CA ASP A 37 -0.95 12.12 4.34
C ASP A 37 -1.07 11.80 2.85
N VAL A 38 -1.49 10.57 2.53
CA VAL A 38 -1.49 10.14 1.15
C VAL A 38 -2.48 11.00 0.33
N ASP A 39 -2.20 11.16 -0.94
CA ASP A 39 -2.95 12.05 -1.80
C ASP A 39 -4.22 11.39 -2.25
N SER A 40 -4.34 10.10 -1.88
CA SER A 40 -5.43 9.17 -2.23
C SER A 40 -5.50 8.90 -3.74
N LEU A 41 -5.20 9.90 -4.54
CA LEU A 41 -5.28 9.82 -5.99
C LEU A 41 -4.05 9.09 -6.46
N SER A 42 -3.12 9.01 -5.54
CA SER A 42 -1.94 8.32 -5.68
C SER A 42 -2.25 6.86 -5.58
N MET A 43 -3.26 6.54 -4.77
CA MET A 43 -3.55 5.17 -4.40
C MET A 43 -3.99 4.38 -5.59
N VAL A 44 -4.64 5.05 -6.53
CA VAL A 44 -5.05 4.44 -7.78
C VAL A 44 -3.81 3.84 -8.47
N GLU A 45 -2.79 4.65 -8.60
CA GLU A 45 -1.57 4.23 -9.23
C GLU A 45 -0.78 3.33 -8.27
N VAL A 46 -0.89 3.57 -6.97
CA VAL A 46 -0.21 2.74 -5.97
C VAL A 46 -0.76 1.30 -6.04
N VAL A 47 -2.05 1.21 -6.31
CA VAL A 47 -2.76 -0.04 -6.51
C VAL A 47 -2.21 -0.77 -7.69
N VAL A 48 -2.31 -0.18 -8.88
CA VAL A 48 -1.90 -0.85 -10.09
C VAL A 48 -0.41 -1.27 -10.03
N ALA A 49 0.34 -0.54 -9.24
CA ALA A 49 1.75 -0.79 -9.05
C ALA A 49 1.94 -1.94 -8.07
N ALA A 50 1.20 -1.88 -6.96
CA ALA A 50 1.24 -2.92 -5.94
C ALA A 50 0.73 -4.23 -6.50
N GLU A 51 -0.29 -4.14 -7.32
CA GLU A 51 -0.86 -5.29 -7.97
C GLU A 51 0.16 -5.98 -8.80
N GLU A 52 0.91 -5.18 -9.53
CA GLU A 52 1.87 -5.67 -10.50
C GLU A 52 3.05 -6.33 -9.79
N ARG A 53 3.45 -5.73 -8.70
CA ARG A 53 4.59 -6.20 -8.00
C ARG A 53 4.27 -7.35 -7.05
N PHE A 54 3.08 -7.34 -6.50
CA PHE A 54 2.74 -8.34 -5.54
C PHE A 54 1.96 -9.49 -6.16
N ASP A 55 1.61 -9.34 -7.46
CA ASP A 55 0.94 -10.40 -8.26
C ASP A 55 -0.49 -10.71 -7.77
N VAL A 56 -0.92 -10.02 -6.74
CA VAL A 56 -2.15 -10.38 -6.10
C VAL A 56 -3.32 -9.55 -6.60
N LYS A 57 -3.04 -8.31 -6.94
CA LYS A 57 -4.04 -7.34 -7.36
C LYS A 57 -5.05 -6.96 -6.26
N ILE A 58 -4.98 -5.72 -5.85
CA ILE A 58 -5.93 -5.16 -4.91
C ILE A 58 -6.52 -3.98 -5.59
N PRO A 59 -7.69 -4.12 -6.22
CA PRO A 59 -8.33 -3.02 -6.95
C PRO A 59 -8.56 -1.81 -6.04
N ASP A 60 -8.47 -0.60 -6.58
CA ASP A 60 -8.69 0.62 -5.77
C ASP A 60 -10.08 0.63 -5.07
N ASP A 61 -11.02 -0.12 -5.61
CA ASP A 61 -12.36 -0.26 -5.01
C ASP A 61 -12.32 -1.20 -3.82
N ASP A 62 -11.39 -2.10 -3.84
CA ASP A 62 -11.20 -3.08 -2.76
C ASP A 62 -10.28 -2.55 -1.71
N VAL A 63 -9.29 -1.84 -2.19
CA VAL A 63 -8.24 -1.26 -1.38
C VAL A 63 -8.80 -0.30 -0.32
N LYS A 64 -9.99 0.24 -0.56
CA LYS A 64 -10.68 1.11 0.39
C LYS A 64 -10.88 0.45 1.73
N ASN A 65 -10.98 -0.83 1.72
CA ASN A 65 -11.18 -1.55 2.94
C ASN A 65 -9.87 -1.65 3.71
N LEU A 66 -8.79 -1.31 3.02
CA LEU A 66 -7.44 -1.43 3.53
C LEU A 66 -6.87 -0.08 3.86
N LYS A 67 -7.71 0.76 4.40
CA LYS A 67 -7.39 2.12 4.96
C LYS A 67 -5.92 2.30 5.49
N THR A 68 -5.34 1.27 6.08
CA THR A 68 -4.00 1.40 6.58
C THR A 68 -3.00 0.65 5.73
N VAL A 69 -1.74 0.84 6.02
CA VAL A 69 -0.72 0.14 5.29
C VAL A 69 -0.79 -1.34 5.60
N GLY A 70 -0.98 -1.63 6.86
CA GLY A 70 -1.00 -2.97 7.35
C GLY A 70 -2.26 -3.69 7.05
N ASP A 71 -3.31 -2.94 6.81
CA ASP A 71 -4.57 -3.55 6.42
C ASP A 71 -4.35 -4.12 5.05
N ALA A 72 -3.73 -3.29 4.20
CA ALA A 72 -3.38 -3.66 2.85
C ALA A 72 -2.41 -4.79 2.89
N THR A 73 -1.36 -4.59 3.64
CA THR A 73 -0.30 -5.56 3.81
C THR A 73 -0.86 -6.92 4.28
N LYS A 74 -1.88 -6.88 5.12
CA LYS A 74 -2.47 -8.08 5.67
C LYS A 74 -3.13 -8.85 4.54
N TYR A 75 -3.96 -8.14 3.78
CA TYR A 75 -4.67 -8.68 2.66
C TYR A 75 -3.70 -9.19 1.59
N ILE A 76 -2.73 -8.36 1.27
CA ILE A 76 -1.75 -8.65 0.26
C ILE A 76 -0.89 -9.86 0.63
N LEU A 77 -0.41 -9.90 1.88
CA LEU A 77 0.47 -10.97 2.37
C LEU A 77 -0.33 -12.28 2.44
N ASP A 78 -1.54 -12.18 2.94
CA ASP A 78 -2.41 -13.35 3.09
C ASP A 78 -2.84 -13.91 1.73
N HIS A 79 -2.90 -13.06 0.75
CA HIS A 79 -3.30 -13.45 -0.59
C HIS A 79 -2.11 -13.69 -1.53
N GLN A 80 -0.88 -13.63 -0.99
CA GLN A 80 0.35 -13.85 -1.79
C GLN A 80 0.30 -15.16 -2.56
N ALA A 81 0.38 -15.04 -3.88
CA ALA A 81 0.36 -16.15 -4.82
C ALA A 81 -0.95 -16.91 -4.71
N ALA A 1 6.53 -14.18 -3.05
CA ALA A 1 5.88 -13.90 -1.77
C ALA A 1 6.62 -12.82 -1.00
N ALA A 2 6.00 -11.67 -0.94
CA ALA A 2 6.52 -10.56 -0.16
C ALA A 2 6.16 -10.78 1.31
N THR A 3 6.70 -9.99 2.18
CA THR A 3 6.50 -10.14 3.57
C THR A 3 5.80 -8.91 4.07
N GLN A 4 5.73 -8.74 5.36
CA GLN A 4 5.12 -7.56 5.93
C GLN A 4 5.92 -6.35 5.47
N GLU A 5 7.22 -6.41 5.65
CA GLU A 5 8.11 -5.33 5.29
C GLU A 5 8.13 -5.09 3.79
N GLU A 6 8.15 -6.17 3.02
CA GLU A 6 8.21 -6.05 1.55
C GLU A 6 6.98 -5.42 0.96
N ILE A 7 5.80 -5.80 1.45
CA ILE A 7 4.58 -5.16 1.03
C ILE A 7 4.64 -3.69 1.40
N VAL A 8 4.96 -3.44 2.64
CA VAL A 8 5.03 -2.06 3.16
C VAL A 8 5.98 -1.20 2.32
N ALA A 9 7.24 -1.62 2.21
CA ALA A 9 8.24 -0.86 1.45
C ALA A 9 7.90 -0.77 -0.03
N GLY A 10 7.11 -1.72 -0.51
CA GLY A 10 6.73 -1.78 -1.88
C GLY A 10 5.66 -0.78 -2.17
N LEU A 11 4.73 -0.65 -1.26
CA LEU A 11 3.70 0.35 -1.37
C LEU A 11 4.34 1.68 -1.16
N ALA A 12 5.16 1.76 -0.13
CA ALA A 12 5.84 2.96 0.28
C ALA A 12 6.59 3.59 -0.85
N GLU A 13 7.45 2.84 -1.53
CA GLU A 13 8.26 3.39 -2.62
C GLU A 13 7.40 4.05 -3.70
N ILE A 14 6.23 3.53 -3.88
CA ILE A 14 5.29 4.09 -4.83
C ILE A 14 4.67 5.38 -4.23
N VAL A 15 4.14 5.26 -3.01
CA VAL A 15 3.57 6.36 -2.23
C VAL A 15 4.56 7.51 -2.12
N ASN A 16 5.85 7.17 -1.98
CA ASN A 16 6.97 8.13 -1.91
C ASN A 16 6.91 9.13 -3.02
N GLU A 17 6.58 8.66 -4.20
CA GLU A 17 6.56 9.52 -5.36
C GLU A 17 5.32 10.38 -5.41
N ILE A 18 4.17 9.75 -5.44
CA ILE A 18 2.94 10.46 -5.71
C ILE A 18 2.48 11.25 -4.48
N ALA A 19 2.31 10.55 -3.37
CA ALA A 19 1.85 11.20 -2.15
C ALA A 19 2.98 11.92 -1.44
N GLY A 20 4.15 11.37 -1.54
CA GLY A 20 5.29 11.97 -0.92
C GLY A 20 5.55 11.39 0.45
N ILE A 21 4.83 10.32 0.80
CA ILE A 21 5.02 9.72 2.10
C ILE A 21 6.25 8.88 2.09
N PRO A 22 7.23 9.21 2.95
CA PRO A 22 8.53 8.52 3.03
C PRO A 22 8.39 7.03 3.26
N VAL A 23 9.40 6.26 2.80
CA VAL A 23 9.37 4.81 2.89
C VAL A 23 9.19 4.32 4.32
N GLU A 24 9.84 4.98 5.25
CA GLU A 24 9.77 4.59 6.64
C GLU A 24 8.66 5.32 7.39
N ASP A 25 7.92 6.17 6.71
CA ASP A 25 6.79 6.84 7.37
C ASP A 25 5.63 5.92 7.25
N VAL A 26 5.55 5.26 6.08
CA VAL A 26 4.60 4.21 5.79
C VAL A 26 4.85 3.02 6.74
N LYS A 27 4.10 2.98 7.79
CA LYS A 27 4.16 1.90 8.73
C LYS A 27 2.82 1.23 8.72
N LEU A 28 2.72 0.03 9.23
CA LEU A 28 1.49 -0.76 9.09
C LEU A 28 0.24 -0.06 9.68
N ASP A 29 0.36 0.54 10.83
CA ASP A 29 -0.79 1.14 11.47
C ASP A 29 -0.73 2.60 11.17
N LYS A 30 -0.66 2.87 9.92
CA LYS A 30 -0.61 4.15 9.41
C LYS A 30 -1.53 4.20 8.26
N SER A 31 -2.67 4.72 8.52
CA SER A 31 -3.66 4.94 7.52
C SER A 31 -3.11 5.93 6.52
N PHE A 32 -3.06 5.51 5.30
CA PHE A 32 -2.60 6.36 4.23
C PHE A 32 -3.29 7.74 4.19
N THR A 33 -4.59 7.76 4.13
CA THR A 33 -5.37 9.01 4.12
C THR A 33 -5.60 9.61 5.53
N ASP A 34 -4.66 9.41 6.45
CA ASP A 34 -4.82 9.96 7.80
C ASP A 34 -3.49 10.07 8.52
N ASP A 35 -2.92 8.94 8.79
CA ASP A 35 -1.65 8.81 9.51
C ASP A 35 -0.51 9.34 8.70
N LEU A 36 -0.51 8.99 7.45
CA LEU A 36 0.54 9.37 6.57
C LEU A 36 0.27 10.73 5.95
N ASP A 37 -0.44 10.69 4.83
CA ASP A 37 -0.96 11.84 4.01
C ASP A 37 -0.89 11.48 2.55
N VAL A 38 -1.70 10.55 2.15
CA VAL A 38 -1.75 10.20 0.78
C VAL A 38 -2.82 11.07 0.14
N ASP A 39 -2.69 11.39 -1.12
CA ASP A 39 -3.64 12.27 -1.76
C ASP A 39 -4.77 11.44 -2.36
N SER A 40 -4.84 10.16 -1.91
CA SER A 40 -5.78 9.10 -2.32
C SER A 40 -5.79 8.77 -3.83
N LEU A 41 -5.51 9.75 -4.66
CA LEU A 41 -5.44 9.58 -6.11
C LEU A 41 -4.17 8.84 -6.40
N SER A 42 -3.25 8.95 -5.45
CA SER A 42 -2.00 8.30 -5.47
C SER A 42 -2.25 6.84 -5.45
N MET A 43 -3.24 6.45 -4.68
CA MET A 43 -3.53 5.07 -4.37
C MET A 43 -3.90 4.32 -5.62
N VAL A 44 -4.49 5.00 -6.54
CA VAL A 44 -4.91 4.39 -7.76
C VAL A 44 -3.67 3.96 -8.57
N GLU A 45 -2.66 4.80 -8.61
CA GLU A 45 -1.41 4.45 -9.26
C GLU A 45 -0.68 3.43 -8.37
N VAL A 46 -0.66 3.72 -7.07
CA VAL A 46 0.03 2.92 -6.07
C VAL A 46 -0.42 1.46 -6.10
N VAL A 47 -1.72 1.21 -6.09
CA VAL A 47 -2.18 -0.14 -5.96
C VAL A 47 -2.12 -0.89 -7.27
N VAL A 48 -2.33 -0.22 -8.39
CA VAL A 48 -2.19 -0.88 -9.69
C VAL A 48 -0.75 -1.33 -9.87
N ALA A 49 0.15 -0.52 -9.37
CA ALA A 49 1.56 -0.82 -9.42
C ALA A 49 1.85 -1.95 -8.42
N ALA A 50 1.19 -1.86 -7.27
CA ALA A 50 1.30 -2.86 -6.23
C ALA A 50 0.80 -4.22 -6.73
N GLU A 51 -0.27 -4.21 -7.49
CA GLU A 51 -0.84 -5.42 -8.05
C GLU A 51 0.17 -6.14 -8.91
N GLU A 52 0.91 -5.36 -9.66
CA GLU A 52 1.86 -5.88 -10.62
C GLU A 52 3.11 -6.41 -9.95
N ARG A 53 3.48 -5.81 -8.86
CA ARG A 53 4.68 -6.21 -8.16
C ARG A 53 4.40 -7.31 -7.13
N PHE A 54 3.24 -7.26 -6.52
CA PHE A 54 2.88 -8.23 -5.50
C PHE A 54 2.19 -9.43 -6.09
N ASP A 55 1.63 -9.23 -7.29
CA ASP A 55 0.91 -10.28 -8.06
C ASP A 55 -0.35 -10.73 -7.31
N VAL A 56 -0.72 -9.98 -6.29
CA VAL A 56 -1.86 -10.35 -5.46
C VAL A 56 -3.14 -9.74 -6.01
N LYS A 57 -3.00 -8.53 -6.51
CA LYS A 57 -4.11 -7.74 -7.02
C LYS A 57 -5.10 -7.25 -5.99
N ILE A 58 -5.13 -5.96 -5.83
CA ILE A 58 -6.11 -5.30 -5.03
C ILE A 58 -6.64 -4.17 -5.89
N PRO A 59 -7.90 -4.16 -6.21
CA PRO A 59 -8.47 -3.02 -6.90
C PRO A 59 -8.55 -1.87 -5.90
N ASP A 60 -8.34 -0.64 -6.33
CA ASP A 60 -8.44 0.50 -5.41
C ASP A 60 -9.87 0.62 -4.82
N ASP A 61 -10.84 -0.07 -5.41
CA ASP A 61 -12.18 -0.13 -4.84
C ASP A 61 -12.23 -1.14 -3.69
N ASP A 62 -11.35 -2.12 -3.72
CA ASP A 62 -11.27 -3.07 -2.59
C ASP A 62 -10.34 -2.51 -1.55
N VAL A 63 -9.39 -1.74 -2.04
CA VAL A 63 -8.35 -1.09 -1.27
C VAL A 63 -8.92 -0.15 -0.20
N LYS A 64 -10.16 0.27 -0.39
CA LYS A 64 -10.86 1.12 0.57
C LYS A 64 -10.94 0.45 1.95
N ASN A 65 -10.99 -0.86 1.93
CA ASN A 65 -11.05 -1.64 3.15
C ASN A 65 -9.70 -1.66 3.80
N LEU A 66 -8.71 -1.20 3.06
CA LEU A 66 -7.34 -1.29 3.48
C LEU A 66 -6.82 0.08 3.78
N LYS A 67 -7.66 0.93 4.35
CA LYS A 67 -7.29 2.33 4.73
C LYS A 67 -5.89 2.47 5.40
N THR A 68 -5.39 1.42 6.02
CA THR A 68 -4.09 1.45 6.60
C THR A 68 -3.11 0.58 5.84
N VAL A 69 -1.83 0.86 6.00
CA VAL A 69 -0.80 0.09 5.31
C VAL A 69 -0.87 -1.38 5.70
N GLY A 70 -1.04 -1.60 6.96
CA GLY A 70 -1.05 -2.93 7.52
C GLY A 70 -2.27 -3.68 7.15
N ASP A 71 -3.29 -2.97 6.72
CA ASP A 71 -4.50 -3.61 6.31
C ASP A 71 -4.30 -4.12 4.92
N ALA A 72 -3.69 -3.27 4.08
CA ALA A 72 -3.28 -3.67 2.73
C ALA A 72 -2.40 -4.86 2.85
N THR A 73 -1.40 -4.74 3.69
CA THR A 73 -0.43 -5.76 3.95
C THR A 73 -1.10 -7.05 4.49
N LYS A 74 -2.29 -6.92 5.05
CA LYS A 74 -2.99 -8.04 5.62
C LYS A 74 -3.58 -8.86 4.48
N TYR A 75 -4.21 -8.17 3.54
CA TYR A 75 -4.79 -8.80 2.39
C TYR A 75 -3.70 -9.29 1.45
N ILE A 76 -2.75 -8.42 1.21
CA ILE A 76 -1.67 -8.66 0.29
C ILE A 76 -0.78 -9.83 0.73
N LEU A 77 -0.41 -9.90 2.01
CA LEU A 77 0.49 -10.94 2.50
C LEU A 77 -0.22 -12.31 2.55
N ASP A 78 -1.45 -12.29 3.02
CA ASP A 78 -2.27 -13.52 3.14
C ASP A 78 -2.53 -14.15 1.79
N HIS A 79 -2.60 -13.31 0.79
CA HIS A 79 -2.90 -13.70 -0.57
C HIS A 79 -1.65 -13.77 -1.46
N GLN A 80 -0.48 -13.57 -0.85
CA GLN A 80 0.81 -13.56 -1.56
C GLN A 80 1.04 -14.70 -2.52
N ALA A 81 1.88 -14.44 -3.45
CA ALA A 81 2.27 -15.38 -4.44
C ALA A 81 3.77 -15.50 -4.34
N ALA A 1 7.45 -14.46 -1.46
CA ALA A 1 6.28 -13.92 -0.81
C ALA A 1 6.69 -12.75 0.04
N ALA A 2 6.08 -11.63 -0.21
CA ALA A 2 6.31 -10.42 0.50
C ALA A 2 5.77 -10.54 1.91
N THR A 3 6.46 -9.93 2.82
CA THR A 3 6.11 -10.03 4.19
C THR A 3 5.53 -8.72 4.64
N GLN A 4 5.38 -8.55 5.94
CA GLN A 4 4.94 -7.29 6.49
C GLN A 4 5.89 -6.22 6.03
N GLU A 5 7.15 -6.47 6.27
CA GLU A 5 8.20 -5.52 5.98
C GLU A 5 8.30 -5.22 4.48
N GLU A 6 8.17 -6.26 3.68
CA GLU A 6 8.32 -6.16 2.23
C GLU A 6 7.14 -5.50 1.54
N ILE A 7 5.89 -5.93 1.84
CA ILE A 7 4.71 -5.28 1.26
C ILE A 7 4.75 -3.80 1.58
N VAL A 8 5.05 -3.49 2.82
CA VAL A 8 5.12 -2.10 3.30
C VAL A 8 6.07 -1.27 2.44
N ALA A 9 7.33 -1.68 2.35
CA ALA A 9 8.34 -0.95 1.59
C ALA A 9 7.95 -0.80 0.11
N GLY A 10 7.26 -1.79 -0.41
CA GLY A 10 6.86 -1.80 -1.78
C GLY A 10 5.76 -0.82 -2.02
N LEU A 11 4.80 -0.78 -1.11
CA LEU A 11 3.73 0.18 -1.19
C LEU A 11 4.27 1.56 -0.97
N ALA A 12 5.10 1.67 0.06
CA ALA A 12 5.68 2.92 0.45
C ALA A 12 6.43 3.58 -0.65
N GLU A 13 7.30 2.84 -1.36
CA GLU A 13 8.08 3.43 -2.45
C GLU A 13 7.17 4.03 -3.51
N ILE A 14 6.05 3.40 -3.73
CA ILE A 14 5.08 3.91 -4.68
C ILE A 14 4.46 5.22 -4.13
N VAL A 15 3.99 5.16 -2.89
CA VAL A 15 3.45 6.32 -2.16
C VAL A 15 4.46 7.47 -2.16
N ASN A 16 5.72 7.13 -1.97
CA ASN A 16 6.85 8.08 -2.01
C ASN A 16 6.91 8.83 -3.32
N GLU A 17 6.64 8.16 -4.40
CA GLU A 17 6.73 8.77 -5.71
C GLU A 17 5.55 9.68 -6.01
N ILE A 18 4.34 9.23 -5.71
CA ILE A 18 3.19 10.02 -6.10
C ILE A 18 2.77 10.99 -4.97
N ALA A 19 2.53 10.48 -3.76
CA ALA A 19 2.16 11.35 -2.64
C ALA A 19 3.40 12.02 -2.06
N GLY A 20 4.35 11.22 -1.69
CA GLY A 20 5.54 11.72 -1.08
C GLY A 20 5.70 11.27 0.35
N ILE A 21 4.86 10.32 0.79
CA ILE A 21 4.99 9.81 2.14
C ILE A 21 6.20 8.91 2.17
N PRO A 22 7.20 9.23 3.00
CA PRO A 22 8.46 8.51 3.02
C PRO A 22 8.30 7.06 3.34
N VAL A 23 9.29 6.31 2.92
CA VAL A 23 9.27 4.86 2.94
C VAL A 23 9.27 4.31 4.38
N GLU A 24 9.56 5.18 5.33
CA GLU A 24 9.56 4.80 6.71
C GLU A 24 8.37 5.37 7.46
N ASP A 25 7.67 6.33 6.86
CA ASP A 25 6.53 6.92 7.56
C ASP A 25 5.40 5.92 7.44
N VAL A 26 5.36 5.29 6.26
CA VAL A 26 4.50 4.17 5.96
C VAL A 26 4.97 3.00 6.81
N LYS A 27 4.32 2.81 7.92
CA LYS A 27 4.65 1.74 8.81
C LYS A 27 3.65 0.62 8.64
N LEU A 28 2.64 0.55 9.47
CA LEU A 28 1.58 -0.42 9.23
C LEU A 28 0.25 0.06 9.80
N ASP A 29 0.29 0.64 10.97
CA ASP A 29 -0.92 1.10 11.66
C ASP A 29 -1.20 2.51 11.19
N LYS A 30 -0.68 2.82 10.05
CA LYS A 30 -0.72 4.09 9.50
C LYS A 30 -1.72 4.13 8.42
N SER A 31 -2.77 4.77 8.71
CA SER A 31 -3.80 5.01 7.76
C SER A 31 -3.25 5.97 6.71
N PHE A 32 -2.99 5.48 5.52
CA PHE A 32 -2.49 6.29 4.41
C PHE A 32 -3.18 7.68 4.30
N THR A 33 -4.48 7.69 4.02
CA THR A 33 -5.28 8.90 3.95
C THR A 33 -5.64 9.50 5.35
N ASP A 34 -4.69 9.48 6.27
CA ASP A 34 -4.94 10.04 7.61
C ASP A 34 -3.64 10.26 8.36
N ASP A 35 -2.99 9.18 8.69
CA ASP A 35 -1.78 9.17 9.52
C ASP A 35 -0.67 9.80 8.76
N LEU A 36 -0.51 9.32 7.57
CA LEU A 36 0.53 9.70 6.70
C LEU A 36 0.19 11.03 6.04
N ASP A 37 -0.51 10.90 4.93
CA ASP A 37 -1.05 11.99 4.07
C ASP A 37 -0.89 11.58 2.63
N VAL A 38 -1.46 10.47 2.28
CA VAL A 38 -1.41 10.11 0.92
C VAL A 38 -2.58 10.80 0.30
N ASP A 39 -2.48 11.17 -0.91
CA ASP A 39 -3.55 11.70 -1.56
C ASP A 39 -4.12 10.52 -2.21
N SER A 40 -5.29 10.13 -1.81
CA SER A 40 -5.97 8.94 -2.31
C SER A 40 -5.96 8.75 -3.86
N LEU A 41 -5.52 9.74 -4.61
CA LEU A 41 -5.51 9.67 -6.04
C LEU A 41 -4.21 9.04 -6.47
N SER A 42 -3.24 9.09 -5.55
CA SER A 42 -2.01 8.42 -5.70
C SER A 42 -2.29 6.97 -5.57
N MET A 43 -3.26 6.69 -4.71
CA MET A 43 -3.60 5.35 -4.32
C MET A 43 -4.05 4.54 -5.50
N VAL A 44 -4.66 5.19 -6.47
CA VAL A 44 -5.09 4.52 -7.68
C VAL A 44 -3.88 3.93 -8.39
N GLU A 45 -2.86 4.75 -8.57
CA GLU A 45 -1.64 4.33 -9.20
C GLU A 45 -0.84 3.42 -8.25
N VAL A 46 -0.93 3.67 -6.93
CA VAL A 46 -0.25 2.83 -5.93
C VAL A 46 -0.81 1.40 -6.01
N VAL A 47 -2.09 1.34 -6.27
CA VAL A 47 -2.83 0.10 -6.47
C VAL A 47 -2.31 -0.63 -7.66
N VAL A 48 -2.40 -0.02 -8.81
CA VAL A 48 -1.97 -0.66 -10.05
C VAL A 48 -0.51 -1.08 -9.97
N ALA A 49 0.28 -0.31 -9.25
CA ALA A 49 1.66 -0.62 -9.06
C ALA A 49 1.79 -1.84 -8.15
N ALA A 50 1.04 -1.84 -7.05
CA ALA A 50 1.03 -2.92 -6.08
C ALA A 50 0.49 -4.20 -6.68
N GLU A 51 -0.57 -4.08 -7.47
CA GLU A 51 -1.18 -5.24 -8.15
C GLU A 51 -0.13 -5.89 -9.01
N GLU A 52 0.59 -5.06 -9.70
CA GLU A 52 1.54 -5.47 -10.71
C GLU A 52 2.76 -6.13 -10.07
N ARG A 53 3.24 -5.53 -9.01
CA ARG A 53 4.46 -5.96 -8.40
C ARG A 53 4.24 -7.11 -7.40
N PHE A 54 3.07 -7.16 -6.80
CA PHE A 54 2.82 -8.15 -5.78
C PHE A 54 2.06 -9.32 -6.32
N ASP A 55 1.45 -9.15 -7.50
CA ASP A 55 0.65 -10.21 -8.16
C ASP A 55 -0.56 -10.62 -7.36
N VAL A 56 -0.91 -9.80 -6.39
CA VAL A 56 -2.01 -10.11 -5.50
C VAL A 56 -3.28 -9.51 -6.02
N LYS A 57 -3.10 -8.43 -6.76
CA LYS A 57 -4.19 -7.70 -7.40
C LYS A 57 -5.18 -7.11 -6.37
N ILE A 58 -4.94 -5.88 -5.98
CA ILE A 58 -5.84 -5.21 -5.06
C ILE A 58 -6.25 -3.94 -5.71
N PRO A 59 -7.35 -3.95 -6.44
CA PRO A 59 -7.89 -2.75 -7.08
C PRO A 59 -8.29 -1.73 -6.02
N ASP A 60 -8.35 -0.45 -6.39
CA ASP A 60 -8.64 0.62 -5.43
C ASP A 60 -10.02 0.43 -4.76
N ASP A 61 -10.93 -0.21 -5.48
CA ASP A 61 -12.27 -0.51 -4.96
C ASP A 61 -12.19 -1.54 -3.81
N ASP A 62 -11.19 -2.37 -3.85
CA ASP A 62 -10.94 -3.33 -2.76
C ASP A 62 -10.07 -2.71 -1.71
N VAL A 63 -9.14 -1.90 -2.19
CA VAL A 63 -8.14 -1.22 -1.38
C VAL A 63 -8.78 -0.32 -0.32
N LYS A 64 -10.00 0.08 -0.56
CA LYS A 64 -10.77 0.89 0.38
C LYS A 64 -10.86 0.25 1.75
N ASN A 65 -10.90 -1.07 1.76
CA ASN A 65 -11.02 -1.81 3.00
C ASN A 65 -9.69 -1.82 3.70
N LEU A 66 -8.65 -1.46 2.96
CA LEU A 66 -7.29 -1.55 3.42
C LEU A 66 -6.75 -0.16 3.62
N LYS A 67 -7.57 0.73 4.10
CA LYS A 67 -7.20 2.14 4.37
C LYS A 67 -5.85 2.31 5.15
N THR A 68 -5.37 1.26 5.78
CA THR A 68 -4.11 1.35 6.43
C THR A 68 -3.07 0.53 5.74
N VAL A 69 -1.83 0.82 6.03
CA VAL A 69 -0.72 0.10 5.47
C VAL A 69 -0.82 -1.38 5.85
N GLY A 70 -0.97 -1.63 7.12
CA GLY A 70 -1.00 -2.95 7.66
C GLY A 70 -2.21 -3.72 7.24
N ASP A 71 -3.27 -3.02 6.88
CA ASP A 71 -4.46 -3.68 6.43
C ASP A 71 -4.22 -4.18 5.02
N ALA A 72 -3.58 -3.33 4.23
CA ALA A 72 -3.17 -3.68 2.89
C ALA A 72 -2.23 -4.84 2.97
N THR A 73 -1.24 -4.69 3.82
CA THR A 73 -0.22 -5.68 4.06
C THR A 73 -0.83 -7.00 4.60
N LYS A 74 -2.02 -6.90 5.17
CA LYS A 74 -2.72 -8.06 5.69
C LYS A 74 -3.22 -8.84 4.49
N TYR A 75 -3.99 -8.15 3.67
CA TYR A 75 -4.60 -8.68 2.47
C TYR A 75 -3.54 -9.16 1.49
N ILE A 76 -2.55 -8.33 1.26
CA ILE A 76 -1.52 -8.59 0.30
C ILE A 76 -0.63 -9.78 0.70
N LEU A 77 -0.40 -9.97 1.97
CA LEU A 77 0.45 -11.05 2.42
C LEU A 77 -0.37 -12.36 2.38
N ASP A 78 -1.59 -12.26 2.88
CA ASP A 78 -2.52 -13.40 2.95
C ASP A 78 -2.89 -13.90 1.54
N HIS A 79 -2.96 -12.98 0.61
CA HIS A 79 -3.33 -13.26 -0.77
C HIS A 79 -2.14 -13.33 -1.70
N GLN A 80 -0.90 -13.28 -1.14
CA GLN A 80 0.36 -13.37 -1.93
C GLN A 80 0.28 -14.47 -2.99
N ALA A 81 0.66 -14.14 -4.18
CA ALA A 81 0.70 -15.10 -5.24
C ALA A 81 2.15 -15.37 -5.55
N ALA A 1 5.75 -14.22 -3.50
CA ALA A 1 5.22 -13.88 -2.19
C ALA A 1 5.88 -12.61 -1.69
N ALA A 2 5.57 -12.19 -0.49
CA ALA A 2 6.15 -11.00 0.10
C ALA A 2 6.08 -11.09 1.61
N THR A 3 6.55 -10.08 2.29
CA THR A 3 6.54 -10.07 3.71
C THR A 3 5.93 -8.77 4.16
N GLN A 4 6.00 -8.48 5.44
CA GLN A 4 5.57 -7.21 5.96
C GLN A 4 6.43 -6.15 5.33
N GLU A 5 7.74 -6.34 5.40
CA GLU A 5 8.69 -5.39 4.88
C GLU A 5 8.54 -5.21 3.37
N GLU A 6 8.34 -6.29 2.65
CA GLU A 6 8.21 -6.22 1.19
C GLU A 6 6.99 -5.45 0.75
N ILE A 7 5.83 -5.82 1.29
CA ILE A 7 4.59 -5.13 0.96
C ILE A 7 4.70 -3.67 1.32
N VAL A 8 5.07 -3.41 2.55
CA VAL A 8 5.18 -2.06 3.05
C VAL A 8 6.19 -1.23 2.23
N ALA A 9 7.38 -1.78 1.98
CA ALA A 9 8.38 -1.04 1.21
C ALA A 9 7.94 -0.85 -0.23
N GLY A 10 7.16 -1.79 -0.74
CA GLY A 10 6.68 -1.74 -2.08
C GLY A 10 5.63 -0.71 -2.24
N LEU A 11 4.69 -0.69 -1.31
CA LEU A 11 3.67 0.34 -1.32
C LEU A 11 4.32 1.68 -1.12
N ALA A 12 5.22 1.76 -0.15
CA ALA A 12 5.91 2.98 0.17
C ALA A 12 6.64 3.53 -1.02
N GLU A 13 7.48 2.72 -1.70
CA GLU A 13 8.27 3.21 -2.86
C GLU A 13 7.39 3.87 -3.93
N ILE A 14 6.17 3.42 -4.00
CA ILE A 14 5.21 3.98 -4.91
C ILE A 14 4.60 5.28 -4.27
N VAL A 15 4.09 5.15 -3.04
CA VAL A 15 3.48 6.25 -2.27
C VAL A 15 4.44 7.42 -2.10
N ASN A 16 5.73 7.12 -1.95
CA ASN A 16 6.77 8.14 -1.78
C ASN A 16 6.76 9.08 -2.96
N GLU A 17 6.65 8.50 -4.13
CA GLU A 17 6.77 9.24 -5.35
C GLU A 17 5.49 9.96 -5.73
N ILE A 18 4.33 9.37 -5.47
CA ILE A 18 3.11 10.04 -5.88
C ILE A 18 2.57 10.93 -4.75
N ALA A 19 2.35 10.36 -3.56
CA ALA A 19 1.85 11.18 -2.43
C ALA A 19 2.98 11.98 -1.82
N GLY A 20 4.05 11.30 -1.49
CA GLY A 20 5.16 11.95 -0.83
C GLY A 20 5.37 11.42 0.56
N ILE A 21 4.68 10.33 0.89
CA ILE A 21 4.82 9.73 2.20
C ILE A 21 6.10 8.93 2.24
N PRO A 22 7.04 9.25 3.16
CA PRO A 22 8.34 8.56 3.28
C PRO A 22 8.22 7.04 3.53
N VAL A 23 9.29 6.32 3.23
CA VAL A 23 9.35 4.85 3.35
C VAL A 23 9.17 4.42 4.80
N GLU A 24 9.54 5.28 5.71
CA GLU A 24 9.46 4.97 7.11
C GLU A 24 8.20 5.55 7.72
N ASP A 25 7.43 6.28 6.94
CA ASP A 25 6.24 6.84 7.49
C ASP A 25 5.15 5.81 7.27
N VAL A 26 5.13 5.24 6.07
CA VAL A 26 4.29 4.09 5.74
C VAL A 26 4.73 2.91 6.62
N LYS A 27 4.04 2.70 7.73
CA LYS A 27 4.36 1.60 8.62
C LYS A 27 3.32 0.50 8.57
N LEU A 28 2.43 0.46 9.53
CA LEU A 28 1.35 -0.53 9.54
C LEU A 28 0.05 0.14 9.87
N ASP A 29 -0.07 0.60 11.08
CA ASP A 29 -1.29 1.20 11.58
C ASP A 29 -1.27 2.70 11.23
N LYS A 30 -0.73 2.94 10.08
CA LYS A 30 -0.57 4.19 9.52
C LYS A 30 -1.52 4.27 8.39
N SER A 31 -2.63 4.80 8.68
CA SER A 31 -3.66 4.98 7.73
C SER A 31 -3.15 5.95 6.69
N PHE A 32 -3.00 5.47 5.48
CA PHE A 32 -2.52 6.30 4.38
C PHE A 32 -3.28 7.63 4.28
N THR A 33 -4.55 7.57 4.07
CA THR A 33 -5.42 8.73 4.02
C THR A 33 -5.82 9.25 5.44
N ASP A 34 -4.85 9.38 6.35
CA ASP A 34 -5.13 9.88 7.71
C ASP A 34 -3.85 10.20 8.48
N ASP A 35 -2.99 9.21 8.61
CA ASP A 35 -1.75 9.36 9.39
C ASP A 35 -0.66 9.90 8.52
N LEU A 36 -0.57 9.33 7.38
CA LEU A 36 0.49 9.61 6.45
C LEU A 36 0.17 10.86 5.65
N ASP A 37 -0.81 10.70 4.82
CA ASP A 37 -1.42 11.66 3.88
C ASP A 37 -1.13 11.30 2.48
N VAL A 38 -1.78 10.27 2.05
CA VAL A 38 -1.71 9.89 0.70
C VAL A 38 -2.74 10.74 0.00
N ASP A 39 -2.59 11.00 -1.25
CA ASP A 39 -3.51 11.86 -1.94
C ASP A 39 -4.61 11.06 -2.54
N SER A 40 -4.67 9.77 -2.14
CA SER A 40 -5.63 8.72 -2.56
C SER A 40 -5.64 8.44 -4.09
N LEU A 41 -5.39 9.46 -4.87
CA LEU A 41 -5.31 9.37 -6.30
C LEU A 41 -3.99 8.70 -6.58
N SER A 42 -3.07 8.91 -5.62
CA SER A 42 -1.80 8.30 -5.59
C SER A 42 -2.03 6.83 -5.58
N MET A 43 -2.95 6.45 -4.69
CA MET A 43 -3.23 5.09 -4.38
C MET A 43 -3.70 4.35 -5.58
N VAL A 44 -4.42 5.02 -6.45
CA VAL A 44 -4.95 4.37 -7.63
C VAL A 44 -3.80 3.95 -8.59
N GLU A 45 -2.72 4.71 -8.57
CA GLU A 45 -1.55 4.34 -9.34
C GLU A 45 -0.72 3.37 -8.53
N VAL A 46 -0.77 3.53 -7.20
CA VAL A 46 -0.09 2.64 -6.26
C VAL A 46 -0.69 1.23 -6.38
N VAL A 47 -1.98 1.17 -6.68
CA VAL A 47 -2.74 -0.05 -6.90
C VAL A 47 -2.18 -0.79 -8.04
N VAL A 48 -2.23 -0.22 -9.22
CA VAL A 48 -1.77 -0.86 -10.42
C VAL A 48 -0.32 -1.31 -10.29
N ALA A 49 0.44 -0.53 -9.55
CA ALA A 49 1.84 -0.84 -9.32
C ALA A 49 1.96 -2.01 -8.30
N ALA A 50 1.17 -1.94 -7.24
CA ALA A 50 1.15 -2.98 -6.23
C ALA A 50 0.62 -4.28 -6.80
N GLU A 51 -0.40 -4.17 -7.65
CA GLU A 51 -1.00 -5.33 -8.29
C GLU A 51 0.07 -6.08 -9.07
N GLU A 52 0.94 -5.32 -9.71
CA GLU A 52 1.98 -5.90 -10.54
C GLU A 52 3.10 -6.51 -9.73
N ARG A 53 3.56 -5.78 -8.75
CA ARG A 53 4.73 -6.16 -8.00
C ARG A 53 4.41 -7.27 -7.00
N PHE A 54 3.17 -7.35 -6.60
CA PHE A 54 2.77 -8.34 -5.63
C PHE A 54 2.08 -9.51 -6.30
N ASP A 55 1.52 -9.27 -7.48
CA ASP A 55 0.76 -10.25 -8.29
C ASP A 55 -0.51 -10.69 -7.52
N VAL A 56 -0.87 -9.84 -6.58
CA VAL A 56 -2.02 -10.03 -5.72
C VAL A 56 -3.22 -9.39 -6.36
N LYS A 57 -3.04 -8.11 -6.65
CA LYS A 57 -4.07 -7.24 -7.16
C LYS A 57 -5.03 -6.80 -6.08
N ILE A 58 -4.97 -5.54 -5.76
CA ILE A 58 -5.88 -4.94 -4.83
C ILE A 58 -6.42 -3.77 -5.54
N PRO A 59 -7.57 -3.93 -6.19
CA PRO A 59 -8.21 -2.82 -6.90
C PRO A 59 -8.42 -1.68 -5.93
N ASP A 60 -8.38 -0.44 -6.39
CA ASP A 60 -8.56 0.73 -5.49
C ASP A 60 -9.94 0.69 -4.79
N ASP A 61 -10.81 -0.14 -5.32
CA ASP A 61 -12.14 -0.40 -4.76
C ASP A 61 -12.02 -1.30 -3.52
N ASP A 62 -11.05 -2.19 -3.50
CA ASP A 62 -10.80 -3.08 -2.35
C ASP A 62 -9.90 -2.37 -1.38
N VAL A 63 -9.13 -1.48 -1.95
CA VAL A 63 -8.20 -0.59 -1.27
C VAL A 63 -8.90 0.21 -0.16
N LYS A 64 -10.19 0.39 -0.29
CA LYS A 64 -10.95 1.14 0.70
C LYS A 64 -11.00 0.40 2.00
N ASN A 65 -10.85 -0.88 1.92
CA ASN A 65 -10.95 -1.74 3.04
C ASN A 65 -9.61 -1.83 3.71
N LEU A 66 -8.62 -1.25 3.08
CA LEU A 66 -7.25 -1.36 3.57
C LEU A 66 -6.75 -0.04 4.06
N LYS A 67 -7.63 0.76 4.62
CA LYS A 67 -7.34 2.10 5.26
C LYS A 67 -5.88 2.27 5.80
N THR A 68 -5.32 1.23 6.36
CA THR A 68 -3.98 1.30 6.85
C THR A 68 -3.03 0.46 6.05
N VAL A 69 -1.75 0.73 6.24
CA VAL A 69 -0.71 -0.05 5.59
C VAL A 69 -0.78 -1.50 6.06
N GLY A 70 -1.07 -1.66 7.31
CA GLY A 70 -1.14 -2.96 7.91
C GLY A 70 -2.30 -3.73 7.42
N ASP A 71 -3.37 -3.05 7.04
CA ASP A 71 -4.52 -3.74 6.54
C ASP A 71 -4.21 -4.19 5.15
N ALA A 72 -3.56 -3.30 4.39
CA ALA A 72 -3.11 -3.60 3.05
C ALA A 72 -2.24 -4.82 3.09
N THR A 73 -1.22 -4.76 3.91
CA THR A 73 -0.26 -5.82 4.09
C THR A 73 -0.95 -7.13 4.57
N LYS A 74 -2.06 -6.98 5.27
CA LYS A 74 -2.78 -8.10 5.81
C LYS A 74 -3.48 -8.83 4.66
N TYR A 75 -4.08 -8.06 3.78
CA TYR A 75 -4.76 -8.57 2.63
C TYR A 75 -3.77 -9.07 1.57
N ILE A 76 -2.82 -8.22 1.27
CA ILE A 76 -1.82 -8.45 0.24
C ILE A 76 -0.98 -9.70 0.51
N LEU A 77 -0.41 -9.83 1.71
CA LEU A 77 0.48 -10.96 2.04
C LEU A 77 -0.28 -12.30 1.97
N ASP A 78 -1.52 -12.27 2.37
CA ASP A 78 -2.36 -13.46 2.39
C ASP A 78 -2.76 -13.86 0.96
N HIS A 79 -2.91 -12.87 0.12
CA HIS A 79 -3.36 -13.04 -1.26
C HIS A 79 -2.21 -13.08 -2.25
N GLN A 80 -1.00 -13.10 -1.69
CA GLN A 80 0.25 -13.14 -2.46
C GLN A 80 0.32 -14.26 -3.46
N ALA A 81 1.17 -14.06 -4.42
CA ALA A 81 1.49 -15.04 -5.39
C ALA A 81 2.99 -15.00 -5.58
N ALA A 1 5.70 -13.36 -3.88
CA ALA A 1 5.35 -13.66 -2.49
C ALA A 1 5.99 -12.63 -1.58
N ALA A 2 5.19 -11.72 -1.08
CA ALA A 2 5.66 -10.65 -0.22
C ALA A 2 5.21 -10.88 1.22
N THR A 3 5.82 -10.15 2.14
CA THR A 3 5.56 -10.30 3.55
C THR A 3 5.18 -8.94 4.12
N GLN A 4 5.19 -8.81 5.44
CA GLN A 4 4.78 -7.56 6.09
C GLN A 4 5.66 -6.42 5.63
N GLU A 5 6.97 -6.57 5.80
CA GLU A 5 7.89 -5.51 5.49
C GLU A 5 8.02 -5.34 3.98
N GLU A 6 7.87 -6.45 3.29
CA GLU A 6 8.02 -6.48 1.86
C GLU A 6 6.91 -5.66 1.18
N ILE A 7 5.66 -5.95 1.55
CA ILE A 7 4.53 -5.19 1.05
C ILE A 7 4.68 -3.73 1.41
N VAL A 8 4.96 -3.48 2.68
CA VAL A 8 5.11 -2.10 3.20
C VAL A 8 6.10 -1.28 2.36
N ALA A 9 7.32 -1.77 2.22
CA ALA A 9 8.37 -1.05 1.52
C ALA A 9 8.03 -0.85 0.04
N GLY A 10 7.27 -1.78 -0.52
CA GLY A 10 6.89 -1.72 -1.89
C GLY A 10 5.83 -0.70 -2.11
N LEU A 11 4.84 -0.71 -1.23
CA LEU A 11 3.78 0.29 -1.27
C LEU A 11 4.38 1.64 -1.05
N ALA A 12 5.25 1.72 -0.04
CA ALA A 12 5.90 2.95 0.33
C ALA A 12 6.62 3.58 -0.82
N GLU A 13 7.47 2.83 -1.51
CA GLU A 13 8.25 3.41 -2.61
C GLU A 13 7.37 4.00 -3.71
N ILE A 14 6.18 3.45 -3.83
CA ILE A 14 5.20 3.98 -4.79
C ILE A 14 4.56 5.27 -4.19
N VAL A 15 4.06 5.17 -2.94
CA VAL A 15 3.51 6.28 -2.16
C VAL A 15 4.50 7.45 -2.10
N ASN A 16 5.78 7.13 -1.98
CA ASN A 16 6.87 8.11 -1.98
C ASN A 16 6.80 8.97 -3.22
N GLU A 17 6.57 8.33 -4.36
CA GLU A 17 6.54 8.99 -5.64
C GLU A 17 5.31 9.87 -5.82
N ILE A 18 4.14 9.31 -5.59
CA ILE A 18 2.91 10.03 -5.94
C ILE A 18 2.38 10.83 -4.75
N ALA A 19 2.15 10.19 -3.62
CA ALA A 19 1.60 10.89 -2.46
C ALA A 19 2.62 11.79 -1.83
N GLY A 20 3.80 11.26 -1.62
CA GLY A 20 4.84 12.03 -1.00
C GLY A 20 5.13 11.55 0.40
N ILE A 21 4.62 10.38 0.77
CA ILE A 21 4.90 9.85 2.08
C ILE A 21 6.19 9.08 2.02
N PRO A 22 7.23 9.52 2.76
CA PRO A 22 8.58 8.90 2.75
C PRO A 22 8.56 7.43 3.20
N VAL A 23 9.62 6.70 2.86
CA VAL A 23 9.69 5.27 3.16
C VAL A 23 9.67 4.96 4.65
N GLU A 24 10.02 5.94 5.46
CA GLU A 24 10.10 5.74 6.90
C GLU A 24 8.81 6.18 7.56
N ASP A 25 7.87 6.68 6.79
CA ASP A 25 6.63 7.14 7.38
C ASP A 25 5.57 6.07 7.24
N VAL A 26 5.57 5.40 6.08
CA VAL A 26 4.69 4.27 5.81
C VAL A 26 5.01 3.10 6.76
N LYS A 27 4.33 3.08 7.86
CA LYS A 27 4.42 2.02 8.82
C LYS A 27 3.06 1.34 8.80
N LEU A 28 2.97 0.08 9.15
CA LEU A 28 1.72 -0.65 8.94
C LEU A 28 0.47 -0.06 9.63
N ASP A 29 0.60 0.47 10.80
CA ASP A 29 -0.58 1.00 11.51
C ASP A 29 -0.90 2.41 11.05
N LYS A 30 -0.13 2.89 10.12
CA LYS A 30 -0.27 4.19 9.62
C LYS A 30 -1.29 4.19 8.55
N SER A 31 -2.48 4.49 8.94
CA SER A 31 -3.56 4.69 8.00
C SER A 31 -3.13 5.77 7.01
N PHE A 32 -2.76 5.35 5.81
CA PHE A 32 -2.38 6.26 4.72
C PHE A 32 -3.23 7.53 4.66
N THR A 33 -4.49 7.34 4.39
CA THR A 33 -5.48 8.37 4.30
C THR A 33 -5.91 8.87 5.73
N ASP A 34 -4.92 9.27 6.54
CA ASP A 34 -5.15 9.75 7.92
C ASP A 34 -3.84 10.14 8.58
N ASP A 35 -2.99 9.16 8.73
CA ASP A 35 -1.75 9.28 9.48
C ASP A 35 -0.71 9.91 8.64
N LEU A 36 -0.49 9.31 7.51
CA LEU A 36 0.54 9.68 6.61
C LEU A 36 0.18 10.97 5.94
N ASP A 37 -0.57 10.83 4.87
CA ASP A 37 -1.13 11.91 4.02
C ASP A 37 -1.12 11.43 2.59
N VAL A 38 -1.97 10.51 2.28
CA VAL A 38 -2.09 10.16 0.93
C VAL A 38 -3.25 10.96 0.35
N ASP A 39 -3.31 11.07 -0.93
CA ASP A 39 -4.35 11.84 -1.55
C ASP A 39 -5.31 10.89 -2.26
N SER A 40 -5.19 9.61 -1.89
CA SER A 40 -5.97 8.43 -2.40
C SER A 40 -5.88 8.17 -3.93
N LEU A 41 -5.68 9.21 -4.70
CA LEU A 41 -5.61 9.13 -6.15
C LEU A 41 -4.26 8.57 -6.50
N SER A 42 -3.33 8.85 -5.60
CA SER A 42 -2.01 8.34 -5.67
C SER A 42 -2.10 6.86 -5.48
N MET A 43 -2.99 6.46 -4.59
CA MET A 43 -3.13 5.08 -4.24
C MET A 43 -3.69 4.29 -5.39
N VAL A 44 -4.35 4.95 -6.30
CA VAL A 44 -4.91 4.27 -7.44
C VAL A 44 -3.76 3.80 -8.35
N GLU A 45 -2.78 4.66 -8.52
CA GLU A 45 -1.61 4.32 -9.26
C GLU A 45 -0.76 3.36 -8.42
N VAL A 46 -0.77 3.57 -7.08
CA VAL A 46 -0.09 2.67 -6.14
C VAL A 46 -0.68 1.25 -6.27
N VAL A 47 -1.97 1.18 -6.55
CA VAL A 47 -2.70 -0.05 -6.79
C VAL A 47 -2.14 -0.77 -7.98
N VAL A 48 -2.23 -0.17 -9.15
CA VAL A 48 -1.77 -0.85 -10.38
C VAL A 48 -0.28 -1.18 -10.31
N ALA A 49 0.42 -0.46 -9.47
CA ALA A 49 1.82 -0.72 -9.22
C ALA A 49 1.94 -1.94 -8.28
N ALA A 50 1.20 -1.90 -7.18
CA ALA A 50 1.20 -2.94 -6.16
C ALA A 50 0.66 -4.26 -6.70
N GLU A 51 -0.37 -4.18 -7.53
CA GLU A 51 -1.01 -5.34 -8.13
C GLU A 51 -0.01 -6.15 -8.87
N GLU A 52 0.83 -5.45 -9.56
CA GLU A 52 1.80 -6.05 -10.43
C GLU A 52 3.00 -6.57 -9.65
N ARG A 53 3.43 -5.81 -8.68
CA ARG A 53 4.62 -6.16 -7.95
C ARG A 53 4.36 -7.27 -6.94
N PHE A 54 3.16 -7.31 -6.42
CA PHE A 54 2.82 -8.30 -5.45
C PHE A 54 2.11 -9.46 -6.10
N ASP A 55 1.72 -9.29 -7.36
CA ASP A 55 1.08 -10.33 -8.20
C ASP A 55 -0.30 -10.74 -7.65
N VAL A 56 -0.80 -9.99 -6.69
CA VAL A 56 -2.05 -10.35 -6.04
C VAL A 56 -3.21 -9.52 -6.57
N LYS A 57 -2.93 -8.26 -6.88
CA LYS A 57 -3.94 -7.32 -7.38
C LYS A 57 -4.98 -6.91 -6.32
N ILE A 58 -4.93 -5.65 -5.92
CA ILE A 58 -5.88 -5.09 -4.97
C ILE A 58 -6.47 -3.89 -5.64
N PRO A 59 -7.68 -3.99 -6.18
CA PRO A 59 -8.32 -2.86 -6.87
C PRO A 59 -8.46 -1.65 -5.96
N ASP A 60 -8.37 -0.45 -6.53
CA ASP A 60 -8.51 0.80 -5.76
C ASP A 60 -9.89 0.88 -5.06
N ASP A 61 -10.85 0.16 -5.61
CA ASP A 61 -12.20 0.04 -5.04
C ASP A 61 -12.17 -0.90 -3.82
N ASP A 62 -11.23 -1.79 -3.80
CA ASP A 62 -11.09 -2.78 -2.71
C ASP A 62 -10.23 -2.19 -1.65
N VAL A 63 -9.12 -1.67 -2.09
CA VAL A 63 -8.06 -1.12 -1.27
C VAL A 63 -8.57 -0.06 -0.27
N LYS A 64 -9.73 0.52 -0.57
CA LYS A 64 -10.35 1.48 0.32
C LYS A 64 -10.68 0.83 1.65
N ASN A 65 -10.93 -0.47 1.62
CA ASN A 65 -11.25 -1.23 2.80
C ASN A 65 -9.97 -1.67 3.48
N LEU A 66 -8.87 -1.15 3.01
CA LEU A 66 -7.56 -1.41 3.53
C LEU A 66 -6.91 -0.12 3.91
N LYS A 67 -7.73 0.76 4.46
CA LYS A 67 -7.35 2.10 4.97
C LYS A 67 -5.95 2.22 5.67
N THR A 68 -5.38 1.14 6.17
CA THR A 68 -4.07 1.21 6.75
C THR A 68 -3.06 0.45 5.93
N VAL A 69 -1.81 0.70 6.18
CA VAL A 69 -0.76 -0.01 5.48
C VAL A 69 -0.83 -1.49 5.81
N GLY A 70 -0.97 -1.76 7.08
CA GLY A 70 -1.06 -3.11 7.58
C GLY A 70 -2.31 -3.79 7.14
N ASP A 71 -3.35 -3.03 6.88
CA ASP A 71 -4.61 -3.58 6.41
C ASP A 71 -4.37 -4.11 5.02
N ALA A 72 -3.70 -3.29 4.21
CA ALA A 72 -3.34 -3.67 2.84
C ALA A 72 -2.44 -4.85 2.90
N THR A 73 -1.39 -4.72 3.67
CA THR A 73 -0.39 -5.76 3.87
C THR A 73 -1.05 -7.06 4.34
N LYS A 74 -2.12 -6.95 5.11
CA LYS A 74 -2.82 -8.09 5.66
C LYS A 74 -3.43 -8.87 4.50
N TYR A 75 -4.18 -8.15 3.69
CA TYR A 75 -4.88 -8.70 2.55
C TYR A 75 -3.89 -9.22 1.52
N ILE A 76 -2.93 -8.39 1.18
CA ILE A 76 -1.93 -8.67 0.18
C ILE A 76 -1.10 -9.93 0.54
N LEU A 77 -0.59 -9.98 1.76
CA LEU A 77 0.26 -11.08 2.25
C LEU A 77 -0.54 -12.37 2.34
N ASP A 78 -1.75 -12.25 2.81
CA ASP A 78 -2.64 -13.39 3.02
C ASP A 78 -3.07 -14.00 1.70
N HIS A 79 -3.25 -13.16 0.73
CA HIS A 79 -3.75 -13.54 -0.57
C HIS A 79 -2.66 -13.77 -1.60
N GLN A 80 -1.41 -13.72 -1.15
CA GLN A 80 -0.23 -13.93 -2.02
C GLN A 80 -0.35 -15.16 -2.89
N ALA A 81 -0.33 -14.91 -4.20
CA ALA A 81 -0.36 -15.93 -5.25
C ALA A 81 -1.59 -16.84 -5.16
N ALA A 1 7.21 -14.58 -2.53
CA ALA A 1 6.07 -14.04 -1.78
C ALA A 1 6.55 -12.98 -0.79
N ALA A 2 5.88 -11.85 -0.79
CA ALA A 2 6.25 -10.73 0.04
C ALA A 2 5.75 -10.89 1.48
N THR A 3 6.36 -10.14 2.38
CA THR A 3 6.05 -10.19 3.78
C THR A 3 5.59 -8.82 4.20
N GLN A 4 5.52 -8.56 5.50
CA GLN A 4 5.09 -7.27 6.01
C GLN A 4 6.02 -6.19 5.48
N GLU A 5 7.30 -6.39 5.68
CA GLU A 5 8.29 -5.43 5.28
C GLU A 5 8.34 -5.26 3.76
N GLU A 6 8.23 -6.38 3.05
CA GLU A 6 8.32 -6.38 1.60
C GLU A 6 7.16 -5.64 0.95
N ILE A 7 5.93 -5.98 1.37
CA ILE A 7 4.75 -5.29 0.88
C ILE A 7 4.85 -3.83 1.20
N VAL A 8 5.11 -3.54 2.45
CA VAL A 8 5.20 -2.15 2.93
C VAL A 8 6.21 -1.34 2.13
N ALA A 9 7.43 -1.85 1.98
CA ALA A 9 8.49 -1.17 1.23
C ALA A 9 8.07 -0.91 -0.22
N GLY A 10 7.32 -1.85 -0.78
CA GLY A 10 6.89 -1.75 -2.15
C GLY A 10 5.81 -0.73 -2.30
N LEU A 11 4.86 -0.75 -1.40
CA LEU A 11 3.79 0.24 -1.41
C LEU A 11 4.39 1.59 -1.19
N ALA A 12 5.22 1.68 -0.17
CA ALA A 12 5.85 2.90 0.24
C ALA A 12 6.59 3.55 -0.88
N GLU A 13 7.47 2.81 -1.57
CA GLU A 13 8.28 3.40 -2.66
C GLU A 13 7.40 4.04 -3.71
N ILE A 14 6.24 3.47 -3.93
CA ILE A 14 5.29 4.02 -4.87
C ILE A 14 4.64 5.29 -4.25
N VAL A 15 4.15 5.16 -3.02
CA VAL A 15 3.53 6.27 -2.24
C VAL A 15 4.50 7.46 -2.13
N ASN A 16 5.78 7.15 -1.94
CA ASN A 16 6.86 8.14 -1.87
C ASN A 16 6.83 9.04 -3.09
N GLU A 17 6.68 8.44 -4.24
CA GLU A 17 6.80 9.14 -5.49
C GLU A 17 5.51 9.87 -5.92
N ILE A 18 4.34 9.45 -5.45
CA ILE A 18 3.12 10.16 -5.88
C ILE A 18 2.56 11.06 -4.76
N ALA A 19 2.30 10.47 -3.59
CA ALA A 19 1.76 11.22 -2.46
C ALA A 19 2.86 11.99 -1.76
N GLY A 20 4.00 11.37 -1.65
CA GLY A 20 5.10 12.01 -1.01
C GLY A 20 5.29 11.52 0.41
N ILE A 21 4.65 10.41 0.77
CA ILE A 21 4.84 9.86 2.09
C ILE A 21 6.10 9.04 2.07
N PRO A 22 7.12 9.39 2.87
CA PRO A 22 8.42 8.68 2.89
C PRO A 22 8.27 7.22 3.29
N VAL A 23 9.26 6.40 2.94
CA VAL A 23 9.20 4.97 3.23
C VAL A 23 9.21 4.73 4.74
N GLU A 24 9.72 5.71 5.46
CA GLU A 24 9.85 5.65 6.89
C GLU A 24 8.58 6.08 7.59
N ASP A 25 7.61 6.53 6.83
CA ASP A 25 6.37 6.92 7.45
C ASP A 25 5.33 5.84 7.22
N VAL A 26 5.36 5.25 6.03
CA VAL A 26 4.53 4.12 5.68
C VAL A 26 4.97 2.92 6.52
N LYS A 27 4.27 2.68 7.59
CA LYS A 27 4.60 1.57 8.46
C LYS A 27 3.54 0.50 8.38
N LEU A 28 2.62 0.47 9.30
CA LEU A 28 1.52 -0.46 9.18
C LEU A 28 0.23 0.15 9.76
N ASP A 29 0.27 0.64 10.99
CA ASP A 29 -0.89 1.29 11.58
C ASP A 29 -0.82 2.72 11.26
N LYS A 30 -0.65 2.93 10.01
CA LYS A 30 -0.54 4.15 9.39
C LYS A 30 -1.57 4.16 8.34
N SER A 31 -2.66 4.72 8.67
CA SER A 31 -3.69 4.90 7.72
C SER A 31 -3.16 5.88 6.70
N PHE A 32 -3.09 5.46 5.48
CA PHE A 32 -2.67 6.35 4.42
C PHE A 32 -3.54 7.62 4.42
N THR A 33 -4.83 7.41 4.41
CA THR A 33 -5.83 8.45 4.47
C THR A 33 -6.12 8.96 5.91
N ASP A 34 -5.06 9.16 6.76
CA ASP A 34 -5.25 9.70 8.15
C ASP A 34 -3.91 9.88 8.88
N ASP A 35 -3.09 8.86 8.86
CA ASP A 35 -1.77 8.84 9.52
C ASP A 35 -0.74 9.47 8.67
N LEU A 36 -0.66 9.00 7.46
CA LEU A 36 0.35 9.44 6.56
C LEU A 36 0.03 10.82 6.01
N ASP A 37 -0.66 10.84 4.88
CA ASP A 37 -1.15 12.05 4.20
C ASP A 37 -1.30 11.73 2.72
N VAL A 38 -2.16 10.82 2.39
CA VAL A 38 -2.34 10.54 1.01
C VAL A 38 -3.55 11.30 0.50
N ASP A 39 -3.74 11.29 -0.77
CA ASP A 39 -4.85 11.98 -1.41
C ASP A 39 -5.78 10.96 -2.03
N SER A 40 -5.53 9.70 -1.70
CA SER A 40 -6.21 8.49 -2.23
C SER A 40 -6.03 8.28 -3.77
N LEU A 41 -5.61 9.31 -4.48
CA LEU A 41 -5.50 9.27 -5.92
C LEU A 41 -4.17 8.72 -6.28
N SER A 42 -3.21 8.93 -5.40
CA SER A 42 -1.92 8.34 -5.50
C SER A 42 -2.10 6.86 -5.45
N MET A 43 -3.02 6.43 -4.60
CA MET A 43 -3.24 5.03 -4.31
C MET A 43 -3.75 4.31 -5.51
N VAL A 44 -4.37 5.05 -6.40
CA VAL A 44 -4.90 4.49 -7.60
C VAL A 44 -3.74 4.00 -8.47
N GLU A 45 -2.67 4.79 -8.53
CA GLU A 45 -1.48 4.39 -9.25
C GLU A 45 -0.61 3.49 -8.36
N VAL A 46 -0.66 3.74 -7.05
CA VAL A 46 0.08 2.94 -6.07
C VAL A 46 -0.31 1.48 -6.10
N VAL A 47 -1.59 1.19 -5.96
CA VAL A 47 -1.97 -0.17 -5.79
C VAL A 47 -1.98 -0.90 -7.11
N VAL A 48 -2.26 -0.22 -8.20
CA VAL A 48 -2.16 -0.84 -9.53
C VAL A 48 -0.71 -1.29 -9.80
N ALA A 49 0.22 -0.55 -9.24
CA ALA A 49 1.63 -0.87 -9.33
C ALA A 49 1.94 -2.01 -8.36
N ALA A 50 1.28 -1.97 -7.23
CA ALA A 50 1.40 -2.98 -6.21
C ALA A 50 0.82 -4.33 -6.69
N GLU A 51 -0.27 -4.26 -7.42
CA GLU A 51 -0.96 -5.43 -8.00
C GLU A 51 0.00 -6.21 -8.83
N GLU A 52 0.78 -5.49 -9.58
CA GLU A 52 1.69 -6.02 -10.54
C GLU A 52 2.83 -6.72 -9.83
N ARG A 53 3.40 -6.02 -8.89
CA ARG A 53 4.60 -6.48 -8.23
C ARG A 53 4.31 -7.57 -7.21
N PHE A 54 3.19 -7.43 -6.53
CA PHE A 54 2.83 -8.36 -5.50
C PHE A 54 2.01 -9.48 -6.08
N ASP A 55 1.68 -9.34 -7.36
CA ASP A 55 1.00 -10.37 -8.20
C ASP A 55 -0.40 -10.74 -7.67
N VAL A 56 -0.85 -10.06 -6.66
CA VAL A 56 -2.08 -10.43 -5.99
C VAL A 56 -3.27 -9.61 -6.48
N LYS A 57 -2.99 -8.35 -6.81
CA LYS A 57 -3.99 -7.40 -7.32
C LYS A 57 -5.05 -6.98 -6.27
N ILE A 58 -4.96 -5.74 -5.85
CA ILE A 58 -5.94 -5.16 -4.94
C ILE A 58 -6.50 -3.96 -5.65
N PRO A 59 -7.71 -4.06 -6.18
CA PRO A 59 -8.35 -2.93 -6.85
C PRO A 59 -8.46 -1.71 -5.93
N ASP A 60 -8.26 -0.51 -6.48
CA ASP A 60 -8.41 0.76 -5.73
C ASP A 60 -9.81 0.89 -5.04
N ASP A 61 -10.76 0.12 -5.54
CA ASP A 61 -12.12 0.06 -4.98
C ASP A 61 -12.16 -0.90 -3.76
N ASP A 62 -11.25 -1.86 -3.75
CA ASP A 62 -11.14 -2.86 -2.65
C ASP A 62 -10.26 -2.33 -1.58
N VAL A 63 -9.17 -1.76 -2.02
CA VAL A 63 -8.12 -1.20 -1.20
C VAL A 63 -8.63 -0.14 -0.23
N LYS A 64 -9.80 0.45 -0.55
CA LYS A 64 -10.42 1.43 0.34
C LYS A 64 -10.69 0.82 1.71
N ASN A 65 -10.93 -0.48 1.69
CA ASN A 65 -11.24 -1.28 2.87
C ASN A 65 -9.95 -1.59 3.59
N LEU A 66 -8.86 -1.09 3.06
CA LEU A 66 -7.54 -1.32 3.61
C LEU A 66 -6.89 0.00 3.91
N LYS A 67 -7.70 0.92 4.41
CA LYS A 67 -7.29 2.28 4.81
C LYS A 67 -5.91 2.42 5.53
N THR A 68 -5.42 1.36 6.14
CA THR A 68 -4.14 1.45 6.77
C THR A 68 -3.11 0.63 6.02
N VAL A 69 -1.84 0.93 6.23
CA VAL A 69 -0.79 0.16 5.55
C VAL A 69 -0.88 -1.31 5.92
N GLY A 70 -1.06 -1.56 7.19
CA GLY A 70 -1.11 -2.90 7.72
C GLY A 70 -2.36 -3.62 7.33
N ASP A 71 -3.37 -2.88 6.95
CA ASP A 71 -4.62 -3.48 6.50
C ASP A 71 -4.37 -4.03 5.11
N ALA A 72 -3.74 -3.19 4.29
CA ALA A 72 -3.35 -3.55 2.93
C ALA A 72 -2.42 -4.70 2.98
N THR A 73 -1.36 -4.54 3.75
CA THR A 73 -0.33 -5.53 3.90
C THR A 73 -0.91 -6.86 4.41
N LYS A 74 -2.00 -6.79 5.15
CA LYS A 74 -2.64 -7.95 5.70
C LYS A 74 -3.22 -8.75 4.56
N TYR A 75 -4.04 -8.07 3.77
CA TYR A 75 -4.72 -8.65 2.65
C TYR A 75 -3.73 -9.12 1.59
N ILE A 76 -2.73 -8.31 1.35
CA ILE A 76 -1.73 -8.58 0.37
C ILE A 76 -0.84 -9.78 0.77
N LEU A 77 -0.43 -9.84 2.04
CA LEU A 77 0.47 -10.90 2.52
C LEU A 77 -0.30 -12.21 2.62
N ASP A 78 -1.51 -12.12 3.14
CA ASP A 78 -2.40 -13.26 3.31
C ASP A 78 -2.65 -13.95 1.97
N HIS A 79 -2.76 -13.13 0.95
CA HIS A 79 -3.06 -13.58 -0.39
C HIS A 79 -1.85 -13.79 -1.27
N GLN A 80 -0.66 -13.64 -0.71
CA GLN A 80 0.60 -13.84 -1.46
C GLN A 80 0.66 -15.21 -2.11
N ALA A 81 0.85 -15.20 -3.40
CA ALA A 81 1.07 -16.39 -4.22
C ALA A 81 -0.02 -17.44 -4.02
N ALA A 1 8.08 -14.62 -0.57
CA ALA A 1 6.81 -13.94 -0.64
C ALA A 1 6.91 -12.64 0.10
N ALA A 2 6.12 -11.68 -0.28
CA ALA A 2 6.13 -10.38 0.32
C ALA A 2 5.57 -10.46 1.71
N THR A 3 6.29 -9.88 2.61
CA THR A 3 6.00 -9.91 3.98
C THR A 3 5.72 -8.50 4.42
N GLN A 4 5.78 -8.21 5.72
CA GLN A 4 5.55 -6.86 6.21
C GLN A 4 6.51 -5.90 5.53
N GLU A 5 7.79 -6.16 5.63
CA GLU A 5 8.78 -5.26 5.08
C GLU A 5 8.71 -5.19 3.55
N GLU A 6 8.43 -6.31 2.91
CA GLU A 6 8.35 -6.36 1.46
C GLU A 6 7.14 -5.63 0.90
N ILE A 7 5.94 -5.93 1.44
CA ILE A 7 4.73 -5.25 1.05
C ILE A 7 4.85 -3.78 1.37
N VAL A 8 5.08 -3.49 2.64
CA VAL A 8 5.13 -2.11 3.15
C VAL A 8 6.11 -1.24 2.35
N ALA A 9 7.35 -1.68 2.20
CA ALA A 9 8.36 -0.88 1.48
C ALA A 9 7.99 -0.74 0.00
N GLY A 10 7.25 -1.71 -0.51
CA GLY A 10 6.87 -1.72 -1.89
C GLY A 10 5.79 -0.73 -2.14
N LEU A 11 4.83 -0.69 -1.24
CA LEU A 11 3.76 0.28 -1.31
C LEU A 11 4.34 1.65 -1.10
N ALA A 12 5.17 1.75 -0.07
CA ALA A 12 5.77 3.00 0.32
C ALA A 12 6.52 3.65 -0.80
N GLU A 13 7.38 2.91 -1.50
CA GLU A 13 8.15 3.50 -2.59
C GLU A 13 7.26 4.10 -3.65
N ILE A 14 6.11 3.48 -3.86
CA ILE A 14 5.15 3.99 -4.81
C ILE A 14 4.50 5.27 -4.25
N VAL A 15 4.04 5.20 -2.99
CA VAL A 15 3.46 6.35 -2.28
C VAL A 15 4.43 7.54 -2.26
N ASN A 16 5.70 7.23 -2.08
CA ASN A 16 6.82 8.22 -2.10
C ASN A 16 6.85 9.00 -3.40
N GLU A 17 6.50 8.35 -4.49
CA GLU A 17 6.52 8.98 -5.78
C GLU A 17 5.37 9.95 -5.96
N ILE A 18 4.16 9.50 -5.63
CA ILE A 18 2.99 10.32 -5.93
C ILE A 18 2.60 11.22 -4.74
N ALA A 19 2.40 10.62 -3.57
CA ALA A 19 1.99 11.42 -2.40
C ALA A 19 3.18 12.07 -1.75
N GLY A 20 4.20 11.30 -1.49
CA GLY A 20 5.34 11.82 -0.81
C GLY A 20 5.39 11.36 0.62
N ILE A 21 4.78 10.21 0.89
CA ILE A 21 4.89 9.61 2.20
C ILE A 21 6.12 8.76 2.21
N PRO A 22 7.14 9.15 2.99
CA PRO A 22 8.44 8.49 2.98
C PRO A 22 8.38 7.00 3.35
N VAL A 23 9.40 6.27 2.90
CA VAL A 23 9.43 4.81 2.99
C VAL A 23 9.34 4.27 4.40
N GLU A 24 9.72 5.06 5.38
CA GLU A 24 9.69 4.61 6.73
C GLU A 24 8.53 5.19 7.52
N ASP A 25 7.75 6.08 6.93
CA ASP A 25 6.62 6.61 7.65
C ASP A 25 5.46 5.66 7.43
N VAL A 26 5.43 5.08 6.23
CA VAL A 26 4.52 4.01 5.88
C VAL A 26 4.86 2.80 6.77
N LYS A 27 4.04 2.58 7.77
CA LYS A 27 4.23 1.45 8.67
C LYS A 27 3.10 0.45 8.55
N LEU A 28 2.23 0.43 9.52
CA LEU A 28 1.07 -0.45 9.52
C LEU A 28 -0.10 0.32 10.05
N ASP A 29 0.14 0.96 11.18
CA ASP A 29 -0.85 1.75 11.92
C ASP A 29 -0.88 3.15 11.32
N LYS A 30 -0.77 3.16 10.03
CA LYS A 30 -0.66 4.32 9.30
C LYS A 30 -1.69 4.27 8.23
N SER A 31 -2.80 4.83 8.54
CA SER A 31 -3.84 4.99 7.58
C SER A 31 -3.30 5.97 6.56
N PHE A 32 -3.14 5.53 5.34
CA PHE A 32 -2.60 6.39 4.29
C PHE A 32 -3.28 7.76 4.20
N THR A 33 -4.59 7.80 4.09
CA THR A 33 -5.33 9.07 4.09
C THR A 33 -5.65 9.58 5.53
N ASP A 34 -4.70 9.45 6.45
CA ASP A 34 -4.92 9.88 7.85
C ASP A 34 -3.61 10.10 8.60
N ASP A 35 -2.85 9.04 8.76
CA ASP A 35 -1.61 9.08 9.56
C ASP A 35 -0.46 9.54 8.72
N LEU A 36 -0.53 9.18 7.47
CA LEU A 36 0.51 9.48 6.53
C LEU A 36 0.21 10.77 5.80
N ASP A 37 -0.69 10.63 4.82
CA ASP A 37 -1.28 11.68 3.93
C ASP A 37 -1.06 11.36 2.48
N VAL A 38 -1.78 10.38 2.03
CA VAL A 38 -1.78 10.05 0.64
C VAL A 38 -2.90 10.89 0.02
N ASP A 39 -2.74 11.33 -1.19
CA ASP A 39 -3.68 12.28 -1.76
C ASP A 39 -4.82 11.61 -2.46
N SER A 40 -5.15 10.36 -2.06
CA SER A 40 -6.22 9.57 -2.71
C SER A 40 -5.88 9.13 -4.13
N LEU A 41 -5.45 10.06 -4.93
CA LEU A 41 -5.19 9.87 -6.33
C LEU A 41 -3.90 9.13 -6.52
N SER A 42 -3.13 9.09 -5.46
CA SER A 42 -1.93 8.39 -5.43
C SER A 42 -2.27 6.93 -5.36
N MET A 43 -3.31 6.61 -4.59
CA MET A 43 -3.62 5.24 -4.23
C MET A 43 -3.97 4.42 -5.43
N VAL A 44 -4.57 5.08 -6.38
CA VAL A 44 -4.93 4.50 -7.64
C VAL A 44 -3.68 3.90 -8.28
N GLU A 45 -2.73 4.74 -8.55
CA GLU A 45 -1.51 4.37 -9.21
C GLU A 45 -0.64 3.52 -8.28
N VAL A 46 -0.76 3.77 -6.97
CA VAL A 46 -0.02 3.02 -5.97
C VAL A 46 -0.45 1.55 -5.98
N VAL A 47 -1.74 1.28 -5.90
CA VAL A 47 -2.16 -0.08 -5.78
C VAL A 47 -2.12 -0.78 -7.11
N VAL A 48 -2.34 -0.06 -8.19
CA VAL A 48 -2.23 -0.67 -9.52
C VAL A 48 -0.77 -1.07 -9.81
N ALA A 49 0.15 -0.44 -9.11
CA ALA A 49 1.55 -0.82 -9.19
C ALA A 49 1.78 -2.02 -8.27
N ALA A 50 1.16 -1.96 -7.10
CA ALA A 50 1.24 -3.01 -6.11
C ALA A 50 0.65 -4.33 -6.65
N GLU A 51 -0.46 -4.23 -7.38
CA GLU A 51 -1.14 -5.39 -7.97
C GLU A 51 -0.21 -6.12 -8.87
N GLU A 52 0.60 -5.38 -9.55
CA GLU A 52 1.49 -5.91 -10.54
C GLU A 52 2.74 -6.50 -9.90
N ARG A 53 3.34 -5.75 -8.99
CA ARG A 53 4.60 -6.14 -8.37
C ARG A 53 4.40 -7.27 -7.36
N PHE A 54 3.25 -7.27 -6.73
CA PHE A 54 2.93 -8.28 -5.75
C PHE A 54 2.12 -9.38 -6.33
N ASP A 55 1.62 -9.16 -7.57
CA ASP A 55 0.80 -10.14 -8.37
C ASP A 55 -0.58 -10.41 -7.73
N VAL A 56 -0.79 -9.87 -6.57
CA VAL A 56 -1.95 -10.22 -5.77
C VAL A 56 -3.18 -9.50 -6.27
N LYS A 57 -2.96 -8.30 -6.75
CA LYS A 57 -3.99 -7.43 -7.27
C LYS A 57 -5.08 -7.06 -6.26
N ILE A 58 -4.99 -5.84 -5.77
CA ILE A 58 -6.00 -5.29 -4.94
C ILE A 58 -6.60 -4.20 -5.75
N PRO A 59 -7.83 -4.33 -6.18
CA PRO A 59 -8.48 -3.27 -6.92
C PRO A 59 -8.56 -2.04 -6.04
N ASP A 60 -8.28 -0.84 -6.58
CA ASP A 60 -8.43 0.40 -5.79
C ASP A 60 -9.81 0.42 -5.07
N ASP A 61 -10.82 -0.11 -5.73
CA ASP A 61 -12.17 -0.25 -5.16
C ASP A 61 -12.16 -1.08 -3.87
N ASP A 62 -11.32 -2.06 -3.82
CA ASP A 62 -11.22 -2.92 -2.64
C ASP A 62 -10.25 -2.34 -1.63
N VAL A 63 -9.18 -1.75 -2.15
CA VAL A 63 -8.08 -1.20 -1.35
C VAL A 63 -8.56 -0.11 -0.39
N LYS A 64 -9.72 0.48 -0.66
CA LYS A 64 -10.32 1.46 0.24
C LYS A 64 -10.58 0.83 1.60
N ASN A 65 -10.79 -0.49 1.60
CA ASN A 65 -11.01 -1.23 2.83
C ASN A 65 -9.71 -1.38 3.56
N LEU A 66 -8.63 -1.16 2.84
CA LEU A 66 -7.29 -1.34 3.38
C LEU A 66 -6.75 -0.02 3.81
N LYS A 67 -7.61 0.81 4.35
CA LYS A 67 -7.30 2.16 4.89
C LYS A 67 -5.89 2.31 5.57
N THR A 68 -5.37 1.26 6.18
CA THR A 68 -4.07 1.32 6.78
C THR A 68 -3.07 0.52 5.99
N VAL A 69 -1.80 0.82 6.17
CA VAL A 69 -0.75 0.05 5.53
C VAL A 69 -0.82 -1.39 6.00
N GLY A 70 -1.14 -1.55 7.26
CA GLY A 70 -1.23 -2.84 7.87
C GLY A 70 -2.39 -3.63 7.35
N ASP A 71 -3.40 -2.93 6.86
CA ASP A 71 -4.58 -3.58 6.34
C ASP A 71 -4.23 -4.09 4.96
N ALA A 72 -3.56 -3.26 4.18
CA ALA A 72 -3.06 -3.65 2.86
C ALA A 72 -2.16 -4.84 3.01
N THR A 73 -1.22 -4.73 3.91
CA THR A 73 -0.25 -5.76 4.21
C THR A 73 -0.94 -7.02 4.76
N LYS A 74 -2.15 -6.86 5.29
CA LYS A 74 -2.91 -7.97 5.81
C LYS A 74 -3.42 -8.77 4.63
N TYR A 75 -4.05 -8.04 3.70
CA TYR A 75 -4.59 -8.59 2.49
C TYR A 75 -3.47 -9.19 1.63
N ILE A 76 -2.50 -8.36 1.31
CA ILE A 76 -1.44 -8.70 0.39
C ILE A 76 -0.59 -9.89 0.86
N LEU A 77 -0.25 -9.96 2.13
CA LEU A 77 0.62 -11.03 2.62
C LEU A 77 -0.18 -12.34 2.68
N ASP A 78 -1.42 -12.26 3.12
CA ASP A 78 -2.26 -13.45 3.27
C ASP A 78 -2.64 -14.03 1.91
N HIS A 79 -2.83 -13.15 0.95
CA HIS A 79 -3.22 -13.49 -0.40
C HIS A 79 -2.03 -13.67 -1.31
N GLN A 80 -0.83 -13.61 -0.74
CA GLN A 80 0.45 -13.71 -1.47
C GLN A 80 0.46 -14.67 -2.65
N ALA A 81 0.99 -14.16 -3.74
CA ALA A 81 1.18 -14.90 -4.95
C ALA A 81 2.18 -16.00 -4.70
N ALA A 1 6.33 -14.30 -3.22
CA ALA A 1 5.65 -13.88 -2.00
C ALA A 1 6.53 -12.94 -1.17
N ALA A 2 6.02 -11.74 -0.94
CA ALA A 2 6.68 -10.73 -0.13
C ALA A 2 6.31 -10.93 1.35
N THR A 3 6.77 -10.06 2.22
CA THR A 3 6.51 -10.20 3.62
C THR A 3 5.88 -8.92 4.11
N GLN A 4 5.73 -8.77 5.40
CA GLN A 4 5.12 -7.58 5.98
C GLN A 4 5.92 -6.36 5.60
N GLU A 5 7.20 -6.38 5.89
CA GLU A 5 8.07 -5.27 5.60
C GLU A 5 8.18 -5.03 4.09
N GLU A 6 8.22 -6.11 3.33
CA GLU A 6 8.37 -6.00 1.88
C GLU A 6 7.17 -5.37 1.22
N ILE A 7 5.97 -5.79 1.60
CA ILE A 7 4.76 -5.18 1.11
C ILE A 7 4.73 -3.72 1.50
N VAL A 8 5.03 -3.47 2.76
CA VAL A 8 5.05 -2.10 3.28
C VAL A 8 6.02 -1.23 2.49
N ALA A 9 7.25 -1.69 2.33
CA ALA A 9 8.28 -0.98 1.59
C ALA A 9 7.89 -0.77 0.14
N GLY A 10 7.22 -1.76 -0.44
CA GLY A 10 6.82 -1.70 -1.82
C GLY A 10 5.73 -0.69 -2.02
N LEU A 11 4.78 -0.68 -1.10
CA LEU A 11 3.70 0.30 -1.12
C LEU A 11 4.29 1.67 -0.92
N ALA A 12 5.19 1.77 0.06
CA ALA A 12 5.82 3.03 0.41
C ALA A 12 6.53 3.59 -0.77
N GLU A 13 7.28 2.74 -1.44
CA GLU A 13 8.04 3.06 -2.62
C GLU A 13 7.17 3.77 -3.64
N ILE A 14 5.96 3.29 -3.79
CA ILE A 14 5.02 3.87 -4.72
C ILE A 14 4.47 5.21 -4.13
N VAL A 15 4.01 5.16 -2.88
CA VAL A 15 3.50 6.31 -2.13
C VAL A 15 4.53 7.45 -2.08
N ASN A 16 5.81 7.10 -2.04
CA ASN A 16 6.91 8.09 -2.06
C ASN A 16 6.83 8.94 -3.30
N GLU A 17 6.62 8.30 -4.41
CA GLU A 17 6.63 8.97 -5.69
C GLU A 17 5.38 9.80 -5.95
N ILE A 18 4.21 9.29 -5.56
CA ILE A 18 2.99 10.01 -5.92
C ILE A 18 2.50 10.89 -4.75
N ALA A 19 2.28 10.27 -3.57
CA ALA A 19 1.80 11.03 -2.42
C ALA A 19 2.89 11.89 -1.85
N GLY A 20 4.02 11.29 -1.64
CA GLY A 20 5.11 11.98 -1.05
C GLY A 20 5.36 11.49 0.35
N ILE A 21 4.74 10.36 0.72
CA ILE A 21 4.99 9.80 2.03
C ILE A 21 6.21 8.94 1.93
N PRO A 22 7.28 9.33 2.63
CA PRO A 22 8.56 8.63 2.58
C PRO A 22 8.49 7.19 3.14
N VAL A 23 9.52 6.40 2.85
CA VAL A 23 9.55 4.99 3.27
C VAL A 23 9.76 4.83 4.77
N GLU A 24 10.04 5.93 5.44
CA GLU A 24 10.18 5.93 6.88
C GLU A 24 8.83 6.09 7.54
N ASP A 25 7.92 6.76 6.86
CA ASP A 25 6.66 7.13 7.47
C ASP A 25 5.64 6.02 7.29
N VAL A 26 5.63 5.39 6.10
CA VAL A 26 4.77 4.25 5.82
C VAL A 26 5.12 3.06 6.72
N LYS A 27 4.39 2.96 7.78
CA LYS A 27 4.44 1.86 8.70
C LYS A 27 3.07 1.23 8.63
N LEU A 28 2.92 -0.02 9.01
CA LEU A 28 1.65 -0.71 8.80
C LEU A 28 0.46 -0.06 9.52
N ASP A 29 0.70 0.48 10.68
CA ASP A 29 -0.34 1.07 11.53
C ASP A 29 -0.73 2.46 11.02
N LYS A 30 -0.07 2.87 9.97
CA LYS A 30 -0.24 4.15 9.43
C LYS A 30 -1.30 4.09 8.39
N SER A 31 -2.40 4.62 8.70
CA SER A 31 -3.42 4.77 7.74
C SER A 31 -2.95 5.80 6.75
N PHE A 32 -2.69 5.37 5.55
CA PHE A 32 -2.32 6.26 4.45
C PHE A 32 -3.14 7.57 4.44
N THR A 33 -4.43 7.44 4.28
CA THR A 33 -5.38 8.54 4.26
C THR A 33 -5.75 9.01 5.70
N ASP A 34 -4.74 9.22 6.57
CA ASP A 34 -5.00 9.63 7.97
C ASP A 34 -3.72 9.90 8.74
N ASP A 35 -2.88 8.91 8.80
CA ASP A 35 -1.67 8.92 9.62
C ASP A 35 -0.51 9.45 8.86
N LEU A 36 -0.48 9.13 7.60
CA LEU A 36 0.58 9.54 6.75
C LEU A 36 0.27 10.89 6.18
N ASP A 37 -0.38 10.84 5.03
CA ASP A 37 -0.87 11.99 4.25
C ASP A 37 -0.89 11.63 2.80
N VAL A 38 -1.79 10.80 2.45
CA VAL A 38 -1.95 10.51 1.07
C VAL A 38 -3.08 11.41 0.59
N ASP A 39 -3.14 11.68 -0.68
CA ASP A 39 -4.22 12.50 -1.22
C ASP A 39 -5.22 11.56 -1.88
N SER A 40 -5.02 10.26 -1.57
CA SER A 40 -5.79 9.09 -2.03
C SER A 40 -5.79 8.86 -3.55
N LEU A 41 -5.49 9.88 -4.32
CA LEU A 41 -5.57 9.82 -5.77
C LEU A 41 -4.38 9.08 -6.29
N SER A 42 -3.36 9.04 -5.47
CA SER A 42 -2.17 8.35 -5.74
C SER A 42 -2.42 6.89 -5.60
N MET A 43 -3.40 6.55 -4.78
CA MET A 43 -3.65 5.19 -4.42
C MET A 43 -4.07 4.39 -5.62
N VAL A 44 -4.71 5.04 -6.60
CA VAL A 44 -5.08 4.36 -7.84
C VAL A 44 -3.82 3.84 -8.53
N GLU A 45 -2.79 4.67 -8.59
CA GLU A 45 -1.55 4.27 -9.18
C GLU A 45 -0.80 3.33 -8.26
N VAL A 46 -0.93 3.55 -6.94
CA VAL A 46 -0.30 2.68 -5.95
C VAL A 46 -0.87 1.27 -6.10
N VAL A 47 -2.14 1.20 -6.42
CA VAL A 47 -2.88 -0.02 -6.68
C VAL A 47 -2.29 -0.75 -7.86
N VAL A 48 -2.35 -0.14 -9.03
CA VAL A 48 -1.89 -0.80 -10.24
C VAL A 48 -0.40 -1.17 -10.19
N ALA A 49 0.32 -0.48 -9.33
CA ALA A 49 1.70 -0.78 -9.12
C ALA A 49 1.81 -1.96 -8.14
N ALA A 50 1.07 -1.89 -7.04
CA ALA A 50 1.06 -2.93 -6.01
C ALA A 50 0.52 -4.24 -6.53
N GLU A 51 -0.47 -4.17 -7.40
CA GLU A 51 -1.07 -5.36 -8.00
C GLU A 51 -0.01 -6.09 -8.78
N GLU A 52 0.78 -5.30 -9.44
CA GLU A 52 1.74 -5.79 -10.37
C GLU A 52 2.96 -6.33 -9.63
N ARG A 53 3.41 -5.61 -8.65
CA ARG A 53 4.62 -5.98 -7.94
C ARG A 53 4.38 -6.99 -6.84
N PHE A 54 3.15 -7.07 -6.37
CA PHE A 54 2.85 -7.98 -5.30
C PHE A 54 2.11 -9.19 -5.80
N ASP A 55 1.71 -9.12 -7.07
CA ASP A 55 1.07 -10.23 -7.80
C ASP A 55 -0.29 -10.63 -7.20
N VAL A 56 -0.77 -9.86 -6.24
CA VAL A 56 -2.00 -10.23 -5.54
C VAL A 56 -3.20 -9.51 -6.14
N LYS A 57 -2.97 -8.26 -6.52
CA LYS A 57 -3.97 -7.37 -7.08
C LYS A 57 -5.04 -6.93 -6.08
N ILE A 58 -5.05 -5.63 -5.81
CA ILE A 58 -6.11 -5.01 -5.02
C ILE A 58 -6.54 -3.82 -5.79
N PRO A 59 -7.64 -3.90 -6.54
CA PRO A 59 -8.17 -2.74 -7.25
C PRO A 59 -8.48 -1.62 -6.25
N ASP A 60 -8.46 -0.38 -6.69
CA ASP A 60 -8.69 0.77 -5.79
C ASP A 60 -10.03 0.67 -5.02
N ASP A 61 -11.02 -0.01 -5.61
CA ASP A 61 -12.31 -0.23 -4.92
C ASP A 61 -12.11 -1.18 -3.76
N ASP A 62 -11.23 -2.09 -3.92
CA ASP A 62 -11.02 -3.12 -2.91
C ASP A 62 -10.02 -2.59 -1.91
N VAL A 63 -9.27 -1.63 -2.37
CA VAL A 63 -8.28 -0.93 -1.59
C VAL A 63 -8.92 -0.07 -0.50
N LYS A 64 -10.20 0.29 -0.69
CA LYS A 64 -10.95 1.09 0.30
C LYS A 64 -10.96 0.40 1.66
N ASN A 65 -10.85 -0.91 1.64
CA ASN A 65 -10.85 -1.68 2.85
C ASN A 65 -9.53 -1.48 3.54
N LEU A 66 -8.51 -1.28 2.73
CA LEU A 66 -7.15 -1.30 3.18
C LEU A 66 -6.67 0.09 3.50
N LYS A 67 -7.54 0.87 4.06
CA LYS A 67 -7.27 2.23 4.59
C LYS A 67 -5.88 2.42 5.29
N THR A 68 -5.30 1.33 5.79
CA THR A 68 -4.00 1.40 6.39
C THR A 68 -3.01 0.58 5.61
N VAL A 69 -1.75 0.72 5.96
CA VAL A 69 -0.73 -0.05 5.30
C VAL A 69 -0.83 -1.49 5.73
N GLY A 70 -1.09 -1.68 7.00
CA GLY A 70 -1.21 -2.98 7.59
C GLY A 70 -2.40 -3.73 7.07
N ASP A 71 -3.46 -3.00 6.75
CA ASP A 71 -4.67 -3.63 6.25
C ASP A 71 -4.38 -4.15 4.87
N ALA A 72 -3.65 -3.35 4.10
CA ALA A 72 -3.25 -3.73 2.77
C ALA A 72 -2.37 -4.93 2.85
N THR A 73 -1.39 -4.83 3.71
CA THR A 73 -0.43 -5.87 3.96
C THR A 73 -1.12 -7.15 4.48
N LYS A 74 -2.32 -7.00 5.04
CA LYS A 74 -3.05 -8.13 5.56
C LYS A 74 -3.55 -8.95 4.37
N TYR A 75 -4.25 -8.27 3.48
CA TYR A 75 -4.79 -8.89 2.30
C TYR A 75 -3.67 -9.33 1.35
N ILE A 76 -2.71 -8.47 1.16
CA ILE A 76 -1.61 -8.70 0.27
C ILE A 76 -0.71 -9.87 0.72
N LEU A 77 -0.30 -9.89 2.00
CA LEU A 77 0.65 -10.93 2.50
C LEU A 77 -0.05 -12.28 2.58
N ASP A 78 -1.23 -12.31 3.15
CA ASP A 78 -1.96 -13.56 3.33
C ASP A 78 -2.29 -14.22 1.99
N HIS A 79 -2.49 -13.40 1.01
CA HIS A 79 -2.89 -13.82 -0.31
C HIS A 79 -1.72 -13.83 -1.30
N GLN A 80 -0.51 -13.59 -0.79
CA GLN A 80 0.73 -13.54 -1.59
C GLN A 80 0.91 -14.65 -2.61
N ALA A 81 1.57 -14.29 -3.68
CA ALA A 81 1.93 -15.19 -4.73
C ALA A 81 3.44 -15.14 -4.87
N ALA A 1 7.90 -14.50 -2.24
CA ALA A 1 6.77 -13.61 -2.03
C ALA A 1 7.20 -12.43 -1.20
N ALA A 2 6.31 -11.52 -0.97
CA ALA A 2 6.61 -10.39 -0.13
C ALA A 2 6.22 -10.72 1.30
N THR A 3 6.63 -9.92 2.23
CA THR A 3 6.33 -10.12 3.62
C THR A 3 5.59 -8.91 4.07
N GLN A 4 5.38 -8.75 5.36
CA GLN A 4 4.72 -7.57 5.86
C GLN A 4 5.58 -6.37 5.49
N GLU A 5 6.83 -6.44 5.91
CA GLU A 5 7.79 -5.36 5.73
C GLU A 5 8.08 -5.10 4.25
N GLU A 6 8.10 -6.16 3.47
CA GLU A 6 8.34 -6.05 2.05
C GLU A 6 7.17 -5.40 1.33
N ILE A 7 5.93 -5.79 1.67
CA ILE A 7 4.75 -5.14 1.10
C ILE A 7 4.78 -3.67 1.46
N VAL A 8 4.96 -3.39 2.75
CA VAL A 8 5.03 -2.01 3.26
C VAL A 8 6.00 -1.16 2.44
N ALA A 9 7.24 -1.60 2.36
CA ALA A 9 8.28 -0.89 1.64
C ALA A 9 7.98 -0.78 0.13
N GLY A 10 7.24 -1.74 -0.39
CA GLY A 10 6.91 -1.77 -1.78
C GLY A 10 5.82 -0.79 -2.08
N LEU A 11 4.87 -0.70 -1.18
CA LEU A 11 3.81 0.29 -1.30
C LEU A 11 4.43 1.66 -1.12
N ALA A 12 5.26 1.76 -0.10
CA ALA A 12 5.92 3.00 0.25
C ALA A 12 6.72 3.57 -0.89
N GLU A 13 7.53 2.75 -1.57
CA GLU A 13 8.36 3.23 -2.69
C GLU A 13 7.49 3.82 -3.80
N ILE A 14 6.25 3.37 -3.86
CA ILE A 14 5.30 3.92 -4.80
C ILE A 14 4.72 5.24 -4.23
N VAL A 15 4.20 5.18 -3.00
CA VAL A 15 3.62 6.31 -2.28
C VAL A 15 4.60 7.50 -2.25
N ASN A 16 5.87 7.20 -2.05
CA ASN A 16 6.96 8.21 -2.03
C ASN A 16 6.95 9.08 -3.27
N GLU A 17 6.59 8.49 -4.39
CA GLU A 17 6.63 9.18 -5.67
C GLU A 17 5.41 10.09 -5.84
N ILE A 18 4.24 9.59 -5.48
CA ILE A 18 3.01 10.33 -5.80
C ILE A 18 2.52 11.18 -4.60
N ALA A 19 2.31 10.53 -3.43
CA ALA A 19 1.82 11.28 -2.26
C ALA A 19 2.95 11.94 -1.54
N GLY A 20 4.11 11.34 -1.63
CA GLY A 20 5.26 11.87 -1.01
C GLY A 20 5.41 11.42 0.41
N ILE A 21 4.74 10.34 0.78
CA ILE A 21 4.89 9.79 2.10
C ILE A 21 6.13 8.97 2.10
N PRO A 22 7.18 9.36 2.85
CA PRO A 22 8.46 8.66 2.86
C PRO A 22 8.34 7.22 3.35
N VAL A 23 9.32 6.39 2.99
CA VAL A 23 9.31 4.96 3.36
C VAL A 23 9.50 4.78 4.86
N GLU A 24 9.81 5.87 5.51
CA GLU A 24 10.05 5.89 6.93
C GLU A 24 8.74 6.02 7.66
N ASP A 25 7.81 6.74 7.07
CA ASP A 25 6.58 7.06 7.74
C ASP A 25 5.54 5.97 7.49
N VAL A 26 5.57 5.38 6.27
CA VAL A 26 4.71 4.25 5.93
C VAL A 26 5.01 3.06 6.84
N LYS A 27 4.23 2.93 7.86
CA LYS A 27 4.27 1.83 8.77
C LYS A 27 2.89 1.21 8.75
N LEU A 28 2.74 0.01 9.23
CA LEU A 28 1.50 -0.75 9.05
C LEU A 28 0.31 -0.11 9.77
N ASP A 29 0.61 0.63 10.80
CA ASP A 29 -0.38 1.24 11.68
C ASP A 29 -0.87 2.52 11.08
N LYS A 30 -0.31 2.87 9.96
CA LYS A 30 -0.56 4.13 9.43
C LYS A 30 -1.66 4.06 8.45
N SER A 31 -2.68 4.73 8.77
CA SER A 31 -3.75 4.95 7.86
C SER A 31 -3.25 5.95 6.83
N PHE A 32 -2.93 5.46 5.64
CA PHE A 32 -2.45 6.31 4.51
C PHE A 32 -3.14 7.70 4.41
N THR A 33 -4.43 7.69 4.17
CA THR A 33 -5.26 8.87 4.01
C THR A 33 -5.64 9.50 5.40
N ASP A 34 -4.67 9.53 6.31
CA ASP A 34 -4.90 10.04 7.68
C ASP A 34 -3.57 10.37 8.35
N ASP A 35 -2.80 9.33 8.64
CA ASP A 35 -1.54 9.43 9.40
C ASP A 35 -0.45 10.00 8.53
N LEU A 36 -0.35 9.42 7.38
CA LEU A 36 0.68 9.71 6.45
C LEU A 36 0.38 10.99 5.71
N ASP A 37 -0.62 10.88 4.85
CA ASP A 37 -1.21 11.92 3.98
C ASP A 37 -1.07 11.61 2.53
N VAL A 38 -1.82 10.62 2.13
CA VAL A 38 -1.87 10.26 0.75
C VAL A 38 -3.01 11.07 0.14
N ASP A 39 -2.91 11.40 -1.13
CA ASP A 39 -3.94 12.19 -1.79
C ASP A 39 -5.03 11.30 -2.33
N SER A 40 -4.94 10.03 -1.96
CA SER A 40 -5.76 8.92 -2.46
C SER A 40 -5.75 8.69 -4.00
N LEU A 41 -5.39 9.70 -4.75
CA LEU A 41 -5.23 9.60 -6.19
C LEU A 41 -3.92 8.94 -6.45
N SER A 42 -3.06 9.06 -5.46
CA SER A 42 -1.82 8.40 -5.43
C SER A 42 -2.11 6.92 -5.41
N MET A 43 -3.13 6.58 -4.63
CA MET A 43 -3.49 5.22 -4.34
C MET A 43 -3.99 4.54 -5.59
N VAL A 44 -4.51 5.33 -6.51
CA VAL A 44 -5.02 4.81 -7.76
C VAL A 44 -3.85 4.17 -8.53
N GLU A 45 -2.70 4.81 -8.49
CA GLU A 45 -1.51 4.28 -9.10
C GLU A 45 -0.83 3.30 -8.16
N VAL A 46 -0.80 3.65 -6.87
CA VAL A 46 -0.10 2.87 -5.85
C VAL A 46 -0.57 1.42 -5.83
N VAL A 47 -1.87 1.20 -5.88
CA VAL A 47 -2.36 -0.14 -5.75
C VAL A 47 -2.25 -0.89 -7.04
N VAL A 48 -2.43 -0.21 -8.16
CA VAL A 48 -2.28 -0.88 -9.46
C VAL A 48 -0.82 -1.32 -9.65
N ALA A 49 0.07 -0.54 -9.08
CA ALA A 49 1.47 -0.88 -9.10
C ALA A 49 1.68 -2.06 -8.14
N ALA A 50 1.06 -1.96 -6.97
CA ALA A 50 1.09 -3.01 -5.96
C ALA A 50 0.55 -4.33 -6.51
N GLU A 51 -0.51 -4.24 -7.30
CA GLU A 51 -1.14 -5.39 -7.94
C GLU A 51 -0.12 -6.13 -8.73
N GLU A 52 0.60 -5.36 -9.50
CA GLU A 52 1.49 -5.87 -10.49
C GLU A 52 2.69 -6.49 -9.80
N ARG A 53 3.24 -5.77 -8.87
CA ARG A 53 4.46 -6.19 -8.24
C ARG A 53 4.22 -7.31 -7.26
N PHE A 54 3.11 -7.28 -6.58
CA PHE A 54 2.81 -8.28 -5.60
C PHE A 54 2.06 -9.44 -6.20
N ASP A 55 1.68 -9.29 -7.49
CA ASP A 55 1.04 -10.35 -8.32
C ASP A 55 -0.40 -10.66 -7.86
N VAL A 56 -0.81 -10.04 -6.79
CA VAL A 56 -2.01 -10.45 -6.12
C VAL A 56 -3.21 -9.65 -6.59
N LYS A 57 -2.97 -8.39 -6.94
CA LYS A 57 -4.00 -7.45 -7.43
C LYS A 57 -5.10 -7.08 -6.41
N ILE A 58 -5.05 -5.84 -5.97
CA ILE A 58 -6.08 -5.27 -5.14
C ILE A 58 -6.65 -4.14 -5.94
N PRO A 59 -7.90 -4.20 -6.34
CA PRO A 59 -8.50 -3.06 -7.02
C PRO A 59 -8.59 -1.90 -6.03
N ASP A 60 -8.37 -0.67 -6.49
CA ASP A 60 -8.50 0.51 -5.61
C ASP A 60 -9.90 0.56 -4.93
N ASP A 61 -10.89 -0.04 -5.57
CA ASP A 61 -12.24 -0.13 -4.99
C ASP A 61 -12.27 -1.14 -3.84
N ASP A 62 -11.35 -2.07 -3.86
CA ASP A 62 -11.22 -3.04 -2.75
C ASP A 62 -10.29 -2.46 -1.72
N VAL A 63 -9.30 -1.72 -2.20
CA VAL A 63 -8.27 -1.10 -1.38
C VAL A 63 -8.85 -0.18 -0.31
N LYS A 64 -10.08 0.26 -0.53
CA LYS A 64 -10.84 1.01 0.46
C LYS A 64 -10.92 0.25 1.78
N ASN A 65 -10.95 -1.07 1.67
CA ASN A 65 -11.04 -1.94 2.81
C ASN A 65 -9.69 -2.03 3.50
N LEU A 66 -8.69 -1.44 2.88
CA LEU A 66 -7.35 -1.50 3.35
C LEU A 66 -6.87 -0.14 3.75
N LYS A 67 -7.76 0.62 4.35
CA LYS A 67 -7.51 1.95 4.95
C LYS A 67 -6.10 2.14 5.62
N THR A 68 -5.45 1.08 6.07
CA THR A 68 -4.12 1.22 6.61
C THR A 68 -3.10 0.46 5.80
N VAL A 69 -1.84 0.74 6.07
CA VAL A 69 -0.77 0.04 5.39
C VAL A 69 -0.82 -1.45 5.75
N GLY A 70 -0.94 -1.72 7.03
CA GLY A 70 -0.98 -3.07 7.53
C GLY A 70 -2.22 -3.80 7.13
N ASP A 71 -3.26 -3.06 6.79
CA ASP A 71 -4.51 -3.65 6.35
C ASP A 71 -4.28 -4.22 4.98
N ALA A 72 -3.68 -3.38 4.12
CA ALA A 72 -3.29 -3.78 2.77
C ALA A 72 -2.40 -4.95 2.85
N THR A 73 -1.38 -4.80 3.63
CA THR A 73 -0.39 -5.79 3.86
C THR A 73 -1.00 -7.10 4.39
N LYS A 74 -2.11 -7.00 5.11
CA LYS A 74 -2.76 -8.15 5.70
C LYS A 74 -3.38 -8.95 4.57
N TYR A 75 -4.06 -8.25 3.68
CA TYR A 75 -4.71 -8.85 2.55
C TYR A 75 -3.66 -9.36 1.54
N ILE A 76 -2.69 -8.52 1.27
CA ILE A 76 -1.66 -8.80 0.29
C ILE A 76 -0.76 -9.97 0.72
N LEU A 77 -0.29 -9.96 1.98
CA LEU A 77 0.61 -11.02 2.47
C LEU A 77 -0.12 -12.36 2.54
N ASP A 78 -1.35 -12.32 3.02
CA ASP A 78 -2.19 -13.54 3.18
C ASP A 78 -2.46 -14.17 1.82
N HIS A 79 -2.56 -13.33 0.84
CA HIS A 79 -2.87 -13.74 -0.52
C HIS A 79 -1.64 -13.87 -1.40
N GLN A 80 -0.45 -13.73 -0.82
CA GLN A 80 0.82 -13.85 -1.57
C GLN A 80 0.87 -15.10 -2.43
N ALA A 81 1.15 -14.88 -3.71
CA ALA A 81 1.27 -15.92 -4.73
C ALA A 81 -0.06 -16.64 -4.95
#